data_1O4Q
# 
_entry.id   1O4Q 
# 
_audit_conform.dict_name       mmcif_pdbx.dic 
_audit_conform.dict_version    5.376 
_audit_conform.dict_location   http://mmcif.pdb.org/dictionaries/ascii/mmcif_pdbx.dic 
# 
loop_
_database_2.database_id 
_database_2.database_code 
_database_2.pdbx_database_accession 
_database_2.pdbx_DOI 
PDB   1O4Q         pdb_00001o4q 10.2210/pdb1o4q/pdb 
RCSB  RCSB001801   ?            ?                   
WWPDB D_1000001801 ?            ?                   
# 
_pdbx_database_status.status_code                     REL 
_pdbx_database_status.entry_id                        1O4Q 
_pdbx_database_status.recvd_initial_deposition_date   2003-06-15 
_pdbx_database_status.deposit_site                    RCSB 
_pdbx_database_status.process_site                    RCSB 
_pdbx_database_status.SG_entry                        . 
_pdbx_database_status.pdb_format_compatible           Y 
_pdbx_database_status.status_code_mr                  ? 
_pdbx_database_status.status_code_sf                  ? 
_pdbx_database_status.status_code_cs                  ? 
_pdbx_database_status.status_code_nmr_data            ? 
_pdbx_database_status.methods_development_category    ? 
# 
loop_
_audit_author.name 
_audit_author.pdbx_ordinal 
'Lange, G.'  1 
'Loenze, P.' 2 
'Liesum, A.' 3 
# 
_citation.id                        primary 
_citation.title                     
;Requirements for specific binding of low affinity inhibitor fragments to the SH2 domain of (pp60)Src are identical to those for high affinity binding of full length inhibitors.
;
_citation.journal_abbrev            J.Med.Chem. 
_citation.journal_volume            46 
_citation.page_first                5184 
_citation.page_last                 5195 
_citation.year                      2003 
_citation.journal_id_ASTM           JMCMAR 
_citation.country                   US 
_citation.journal_id_ISSN           0022-2623 
_citation.journal_id_CSD            0151 
_citation.book_publisher            ? 
_citation.pdbx_database_id_PubMed   14613321 
_citation.pdbx_database_id_DOI      10.1021/jm020970s 
# 
loop_
_citation_author.citation_id 
_citation_author.name 
_citation_author.ordinal 
_citation_author.identifier_ORCID 
primary 'Lange, G.'       1  ? 
primary 'Lesuisse, D.'    2  ? 
primary 'Deprez, P.'      3  ? 
primary 'Schoot, B.'      4  ? 
primary 'Loenze, P.'      5  ? 
primary 'Benard, D.'      6  ? 
primary 'Marquette, J.P.' 7  ? 
primary 'Broto, P.'       8  ? 
primary 'Sarubbi, E.'     9  ? 
primary 'Mandine, E.'     10 ? 
# 
_cell.entry_id           1O4Q 
_cell.length_a           26.478 
_cell.length_b           58.383 
_cell.length_c           64.089 
_cell.angle_alpha        90.00 
_cell.angle_beta         90.00 
_cell.angle_gamma        90.00 
_cell.Z_PDB              4 
_cell.pdbx_unique_axis   ? 
# 
_symmetry.entry_id                         1O4Q 
_symmetry.space_group_name_H-M             'P 21 21 21' 
_symmetry.pdbx_full_space_group_name_H-M   ? 
_symmetry.cell_setting                     ? 
_symmetry.Int_Tables_number                19 
# 
loop_
_entity.id 
_entity.type 
_entity.src_method 
_entity.pdbx_description 
_entity.formula_weight 
_entity.pdbx_number_of_molecules 
_entity.pdbx_ec 
_entity.pdbx_mutation 
_entity.pdbx_fragment 
_entity.details 
1 polymer     man 'PROTO-ONCOGENE TYROSINE-PROTEIN KINASE SRC' 12374.964 1   2.7.1.112 ? 'SH2 DOMAIN' ? 
2 non-polymer syn 'PHENYL(SULFO)ACETIC ACID'                   216.211   1   ?         ? ?            ? 
3 water       nat water                                        18.015    151 ?         ? ?            ? 
# 
_entity_name_com.entity_id   1 
_entity_name_com.name        'P60-SRC, C-SRC' 
# 
_entity_poly.entity_id                      1 
_entity_poly.type                           'polypeptide(L)' 
_entity_poly.nstd_linkage                   no 
_entity_poly.nstd_monomer                   no 
_entity_poly.pdbx_seq_one_letter_code       
;SIQAEEWYFGKITRRESERLLLNAENPRGTFLVRESETTKGAYCLSVSDFDNAKGLNVKHYKIRKLDSGGFYITSRTQFN
SLQQLVAYYSKHADGLCHRLTTVCPTSK
;
_entity_poly.pdbx_seq_one_letter_code_can   
;SIQAEEWYFGKITRRESERLLLNAENPRGTFLVRESETTKGAYCLSVSDFDNAKGLNVKHYKIRKLDSGGFYITSRTQFN
SLQQLVAYYSKHADGLCHRLTTVCPTSK
;
_entity_poly.pdbx_strand_id                 A 
_entity_poly.pdbx_target_identifier         ? 
# 
loop_
_entity_poly_seq.entity_id 
_entity_poly_seq.num 
_entity_poly_seq.mon_id 
_entity_poly_seq.hetero 
1 1   SER n 
1 2   ILE n 
1 3   GLN n 
1 4   ALA n 
1 5   GLU n 
1 6   GLU n 
1 7   TRP n 
1 8   TYR n 
1 9   PHE n 
1 10  GLY n 
1 11  LYS n 
1 12  ILE n 
1 13  THR n 
1 14  ARG n 
1 15  ARG n 
1 16  GLU n 
1 17  SER n 
1 18  GLU n 
1 19  ARG n 
1 20  LEU n 
1 21  LEU n 
1 22  LEU n 
1 23  ASN n 
1 24  ALA n 
1 25  GLU n 
1 26  ASN n 
1 27  PRO n 
1 28  ARG n 
1 29  GLY n 
1 30  THR n 
1 31  PHE n 
1 32  LEU n 
1 33  VAL n 
1 34  ARG n 
1 35  GLU n 
1 36  SER n 
1 37  GLU n 
1 38  THR n 
1 39  THR n 
1 40  LYS n 
1 41  GLY n 
1 42  ALA n 
1 43  TYR n 
1 44  CYS n 
1 45  LEU n 
1 46  SER n 
1 47  VAL n 
1 48  SER n 
1 49  ASP n 
1 50  PHE n 
1 51  ASP n 
1 52  ASN n 
1 53  ALA n 
1 54  LYS n 
1 55  GLY n 
1 56  LEU n 
1 57  ASN n 
1 58  VAL n 
1 59  LYS n 
1 60  HIS n 
1 61  TYR n 
1 62  LYS n 
1 63  ILE n 
1 64  ARG n 
1 65  LYS n 
1 66  LEU n 
1 67  ASP n 
1 68  SER n 
1 69  GLY n 
1 70  GLY n 
1 71  PHE n 
1 72  TYR n 
1 73  ILE n 
1 74  THR n 
1 75  SER n 
1 76  ARG n 
1 77  THR n 
1 78  GLN n 
1 79  PHE n 
1 80  ASN n 
1 81  SER n 
1 82  LEU n 
1 83  GLN n 
1 84  GLN n 
1 85  LEU n 
1 86  VAL n 
1 87  ALA n 
1 88  TYR n 
1 89  TYR n 
1 90  SER n 
1 91  LYS n 
1 92  HIS n 
1 93  ALA n 
1 94  ASP n 
1 95  GLY n 
1 96  LEU n 
1 97  CYS n 
1 98  HIS n 
1 99  ARG n 
1 100 LEU n 
1 101 THR n 
1 102 THR n 
1 103 VAL n 
1 104 CYS n 
1 105 PRO n 
1 106 THR n 
1 107 SER n 
1 108 LYS n 
# 
_entity_src_gen.entity_id                          1 
_entity_src_gen.pdbx_src_id                        1 
_entity_src_gen.pdbx_alt_source_flag               sample 
_entity_src_gen.pdbx_seq_type                      ? 
_entity_src_gen.pdbx_beg_seq_num                   ? 
_entity_src_gen.pdbx_end_seq_num                   ? 
_entity_src_gen.gene_src_common_name               human 
_entity_src_gen.gene_src_genus                     Homo 
_entity_src_gen.pdbx_gene_src_gene                 SRC 
_entity_src_gen.gene_src_species                   ? 
_entity_src_gen.gene_src_strain                    ? 
_entity_src_gen.gene_src_tissue                    ? 
_entity_src_gen.gene_src_tissue_fraction           ? 
_entity_src_gen.gene_src_details                   ? 
_entity_src_gen.pdbx_gene_src_fragment             ? 
_entity_src_gen.pdbx_gene_src_scientific_name      'Homo sapiens' 
_entity_src_gen.pdbx_gene_src_ncbi_taxonomy_id     9606 
_entity_src_gen.pdbx_gene_src_variant              ? 
_entity_src_gen.pdbx_gene_src_cell_line            ? 
_entity_src_gen.pdbx_gene_src_atcc                 ? 
_entity_src_gen.pdbx_gene_src_organ                ? 
_entity_src_gen.pdbx_gene_src_organelle            ? 
_entity_src_gen.pdbx_gene_src_cell                 ? 
_entity_src_gen.pdbx_gene_src_cellular_location    ? 
_entity_src_gen.host_org_common_name               ? 
_entity_src_gen.pdbx_host_org_scientific_name      'Escherichia coli' 
_entity_src_gen.pdbx_host_org_ncbi_taxonomy_id     562 
_entity_src_gen.host_org_genus                     Escherichia 
_entity_src_gen.pdbx_host_org_gene                 ? 
_entity_src_gen.pdbx_host_org_organ                ? 
_entity_src_gen.host_org_species                   ? 
_entity_src_gen.pdbx_host_org_tissue               ? 
_entity_src_gen.pdbx_host_org_tissue_fraction      ? 
_entity_src_gen.pdbx_host_org_strain               ? 
_entity_src_gen.pdbx_host_org_variant              ? 
_entity_src_gen.pdbx_host_org_cell_line            ? 
_entity_src_gen.pdbx_host_org_atcc                 ? 
_entity_src_gen.pdbx_host_org_culture_collection   ? 
_entity_src_gen.pdbx_host_org_cell                 ? 
_entity_src_gen.pdbx_host_org_organelle            ? 
_entity_src_gen.pdbx_host_org_cellular_location    ? 
_entity_src_gen.pdbx_host_org_vector_type          ? 
_entity_src_gen.pdbx_host_org_vector               ? 
_entity_src_gen.host_org_details                   ? 
_entity_src_gen.expression_system_id               ? 
_entity_src_gen.plasmid_name                       'BL21 (DE3)' 
_entity_src_gen.plasmid_details                    ? 
_entity_src_gen.pdbx_description                   ? 
# 
_struct_ref.id                         1 
_struct_ref.db_name                    UNP 
_struct_ref.db_code                    SRC_HUMAN 
_struct_ref.pdbx_db_accession          P12931 
_struct_ref.entity_id                  1 
_struct_ref.pdbx_seq_one_letter_code   
;SIQAEEWYFGKITRRESERLLLNAENPRGTFLVRESETTKGAYCLSVSDFDNAKGLNVKHYKIRKLDSGGFYITSRTQFN
SLQQLVAYYSKHADGLCHRLTTVCPTSK
;
_struct_ref.pdbx_align_begin           144 
_struct_ref.pdbx_db_isoform            ? 
# 
_struct_ref_seq.align_id                      1 
_struct_ref_seq.ref_id                        1 
_struct_ref_seq.pdbx_PDB_id_code              1O4Q 
_struct_ref_seq.pdbx_strand_id                A 
_struct_ref_seq.seq_align_beg                 1 
_struct_ref_seq.pdbx_seq_align_beg_ins_code   ? 
_struct_ref_seq.seq_align_end                 108 
_struct_ref_seq.pdbx_seq_align_end_ins_code   ? 
_struct_ref_seq.pdbx_db_accession             P12931 
_struct_ref_seq.db_align_beg                  144 
_struct_ref_seq.pdbx_db_align_beg_ins_code    ? 
_struct_ref_seq.db_align_end                  251 
_struct_ref_seq.pdbx_db_align_end_ins_code    ? 
_struct_ref_seq.pdbx_auth_seq_align_beg       1 
_struct_ref_seq.pdbx_auth_seq_align_end       108 
# 
loop_
_chem_comp.id 
_chem_comp.type 
_chem_comp.mon_nstd_flag 
_chem_comp.name 
_chem_comp.pdbx_synonyms 
_chem_comp.formula 
_chem_comp.formula_weight 
256 non-polymer         . 'PHENYL(SULFO)ACETIC ACID' RU79256 'C8 H8 O5 S'     216.211 
ALA 'L-peptide linking' y ALANINE                    ?       'C3 H7 N O2'     89.093  
ARG 'L-peptide linking' y ARGININE                   ?       'C6 H15 N4 O2 1' 175.209 
ASN 'L-peptide linking' y ASPARAGINE                 ?       'C4 H8 N2 O3'    132.118 
ASP 'L-peptide linking' y 'ASPARTIC ACID'            ?       'C4 H7 N O4'     133.103 
CYS 'L-peptide linking' y CYSTEINE                   ?       'C3 H7 N O2 S'   121.158 
GLN 'L-peptide linking' y GLUTAMINE                  ?       'C5 H10 N2 O3'   146.144 
GLU 'L-peptide linking' y 'GLUTAMIC ACID'            ?       'C5 H9 N O4'     147.129 
GLY 'peptide linking'   y GLYCINE                    ?       'C2 H5 N O2'     75.067  
HIS 'L-peptide linking' y HISTIDINE                  ?       'C6 H10 N3 O2 1' 156.162 
HOH non-polymer         . WATER                      ?       'H2 O'           18.015  
ILE 'L-peptide linking' y ISOLEUCINE                 ?       'C6 H13 N O2'    131.173 
LEU 'L-peptide linking' y LEUCINE                    ?       'C6 H13 N O2'    131.173 
LYS 'L-peptide linking' y LYSINE                     ?       'C6 H15 N2 O2 1' 147.195 
PHE 'L-peptide linking' y PHENYLALANINE              ?       'C9 H11 N O2'    165.189 
PRO 'L-peptide linking' y PROLINE                    ?       'C5 H9 N O2'     115.130 
SER 'L-peptide linking' y SERINE                     ?       'C3 H7 N O3'     105.093 
THR 'L-peptide linking' y THREONINE                  ?       'C4 H9 N O3'     119.119 
TRP 'L-peptide linking' y TRYPTOPHAN                 ?       'C11 H12 N2 O2'  204.225 
TYR 'L-peptide linking' y TYROSINE                   ?       'C9 H11 N O3'    181.189 
VAL 'L-peptide linking' y VALINE                     ?       'C5 H11 N O2'    117.146 
# 
_exptl.entry_id          1O4Q 
_exptl.method            'X-RAY DIFFRACTION' 
_exptl.crystals_number   1 
# 
_exptl_crystal.id                    1 
_exptl_crystal.density_meas          ? 
_exptl_crystal.density_Matthews      2.2 
_exptl_crystal.density_percent_sol   41.9 
_exptl_crystal.description           ? 
# 
_exptl_crystal_grow.crystal_id      1 
_exptl_crystal_grow.method          ? 
_exptl_crystal_grow.temp            ? 
_exptl_crystal_grow.temp_details    ? 
_exptl_crystal_grow.pH              5.50 
_exptl_crystal_grow.pdbx_pH_range   ? 
_exptl_crystal_grow.pdbx_details    'pH 5.50' 
# 
_diffrn.id                     1 
_diffrn.ambient_temp           100.0 
_diffrn.ambient_temp_details   ? 
_diffrn.crystal_id             1 
# 
_diffrn_detector.diffrn_id              1 
_diffrn_detector.detector               'IMAGE PLATE' 
_diffrn_detector.type                   'MAR scanner 345 mm plate' 
_diffrn_detector.pdbx_collection_date   1998-04-23 
_diffrn_detector.details                ? 
# 
_diffrn_radiation.diffrn_id                        1 
_diffrn_radiation.wavelength_id                    1 
_diffrn_radiation.pdbx_monochromatic_or_laue_m_l   M 
_diffrn_radiation.monochromator                    GRAPHITE 
_diffrn_radiation.pdbx_diffrn_protocol             'SINGLE WAVELENGTH' 
_diffrn_radiation.pdbx_scattering_type             x-ray 
# 
_diffrn_radiation_wavelength.id           1 
_diffrn_radiation_wavelength.wavelength   1.5418 
_diffrn_radiation_wavelength.wt           1.0 
# 
_diffrn_source.diffrn_id                   1 
_diffrn_source.source                      'ROTATING ANODE' 
_diffrn_source.type                        'ELLIOTT GX-21' 
_diffrn_source.pdbx_synchrotron_site       ? 
_diffrn_source.pdbx_synchrotron_beamline   ? 
_diffrn_source.pdbx_wavelength             1.5418 
_diffrn_source.pdbx_wavelength_list        ? 
# 
_reflns.entry_id                     1O4Q 
_reflns.observed_criterion_sigma_I   -3.000 
_reflns.observed_criterion_sigma_F   ? 
_reflns.d_resolution_low             40.000 
_reflns.d_resolution_high            1.70 
_reflns.number_obs                   11136 
_reflns.number_all                   ? 
_reflns.percent_possible_obs         96.8 
_reflns.pdbx_Rmerge_I_obs            0.068 
_reflns.pdbx_Rsym_value              ? 
_reflns.pdbx_netI_over_sigmaI        16 
_reflns.B_iso_Wilson_estimate        ? 
_reflns.pdbx_redundancy              ? 
_reflns.pdbx_diffrn_id               1 
_reflns.pdbx_ordinal                 1 
# 
_reflns_shell.d_res_high             1.70 
_reflns_shell.d_res_low              1.75 
_reflns_shell.percent_possible_all   97.4 
_reflns_shell.Rmerge_I_obs           0.204 
_reflns_shell.pdbx_Rsym_value        ? 
_reflns_shell.meanI_over_sigI_obs    5.5 
_reflns_shell.pdbx_redundancy        ? 
_reflns_shell.pdbx_diffrn_id         ? 
_reflns_shell.pdbx_ordinal           1 
# 
_refine.entry_id                                 1O4Q 
_refine.ls_number_reflns_obs                     11136 
_refine.ls_number_reflns_all                     ? 
_refine.pdbx_ls_sigma_I                          ? 
_refine.pdbx_ls_sigma_F                          ? 
_refine.pdbx_data_cutoff_high_absF               1000000.000 
_refine.pdbx_data_cutoff_low_absF                0.1000 
_refine.pdbx_data_cutoff_high_rms_absF           ? 
_refine.ls_d_res_low                             8.00 
_refine.ls_d_res_high                            1.70 
_refine.ls_percent_reflns_obs                    96.8 
_refine.ls_R_factor_obs                          0.179 
_refine.ls_R_factor_all                          ? 
_refine.ls_R_factor_R_work                       0.179 
_refine.ls_R_factor_R_free                       ? 
_refine.ls_R_factor_R_free_error                 ? 
_refine.ls_R_factor_R_free_error_details         ? 
_refine.ls_percent_reflns_R_free                 ? 
_refine.ls_number_reflns_R_free                  ? 
_refine.ls_number_parameters                     ? 
_refine.ls_number_restraints                     ? 
_refine.occupancy_min                            ? 
_refine.occupancy_max                            ? 
_refine.correlation_coeff_Fo_to_Fc               ? 
_refine.correlation_coeff_Fo_to_Fc_free          ? 
_refine.B_iso_mean                               16.5 
_refine.aniso_B[1][1]                            ? 
_refine.aniso_B[2][2]                            ? 
_refine.aniso_B[3][3]                            ? 
_refine.aniso_B[1][2]                            ? 
_refine.aniso_B[1][3]                            ? 
_refine.aniso_B[2][3]                            ? 
_refine.solvent_model_details                    ? 
_refine.solvent_model_param_ksol                 ? 
_refine.solvent_model_param_bsol                 ? 
_refine.pdbx_solvent_vdw_probe_radii             ? 
_refine.pdbx_solvent_ion_probe_radii             ? 
_refine.pdbx_solvent_shrinkage_radii             ? 
_refine.pdbx_ls_cross_valid_method               ? 
_refine.details                                  ? 
_refine.pdbx_starting_model                      1SHD 
_refine.pdbx_method_to_determine_struct          MR 
_refine.pdbx_isotropic_thermal_model             ? 
_refine.pdbx_stereochemistry_target_values       ? 
_refine.pdbx_stereochem_target_val_spec_case     ? 
_refine.pdbx_R_Free_selection_details            ? 
_refine.pdbx_overall_ESU_R                       ? 
_refine.pdbx_overall_ESU_R_Free                  ? 
_refine.overall_SU_ML                            ? 
_refine.overall_SU_B                             ? 
_refine.pdbx_refine_id                           'X-RAY DIFFRACTION' 
_refine.pdbx_diffrn_id                           1 
_refine.pdbx_TLS_residual_ADP_flag               ? 
_refine.pdbx_overall_phase_error                 ? 
_refine.overall_SU_R_Cruickshank_DPI             ? 
_refine.pdbx_overall_SU_R_free_Cruickshank_DPI   ? 
_refine.pdbx_overall_SU_R_Blow_DPI               ? 
_refine.pdbx_overall_SU_R_free_Blow_DPI          ? 
# 
_refine_hist.pdbx_refine_id                   'X-RAY DIFFRACTION' 
_refine_hist.cycle_id                         LAST 
_refine_hist.pdbx_number_atoms_protein        856 
_refine_hist.pdbx_number_atoms_nucleic_acid   0 
_refine_hist.pdbx_number_atoms_ligand         14 
_refine_hist.number_atoms_solvent             151 
_refine_hist.number_atoms_total               1021 
_refine_hist.d_res_high                       1.70 
_refine_hist.d_res_low                        8.00 
# 
loop_
_refine_ls_restr.type 
_refine_ls_restr.dev_ideal 
_refine_ls_restr.dev_ideal_target 
_refine_ls_restr.weight 
_refine_ls_restr.number 
_refine_ls_restr.pdbx_refine_id 
_refine_ls_restr.pdbx_restraint_function 
x_bond_d                0.012 ? ? ? 'X-RAY DIFFRACTION' ? 
x_bond_d_na             ?     ? ? ? 'X-RAY DIFFRACTION' ? 
x_bond_d_prot           ?     ? ? ? 'X-RAY DIFFRACTION' ? 
x_angle_d               ?     ? ? ? 'X-RAY DIFFRACTION' ? 
x_angle_d_na            ?     ? ? ? 'X-RAY DIFFRACTION' ? 
x_angle_d_prot          ?     ? ? ? 'X-RAY DIFFRACTION' ? 
x_angle_deg             1.3   ? ? ? 'X-RAY DIFFRACTION' ? 
x_angle_deg_na          ?     ? ? ? 'X-RAY DIFFRACTION' ? 
x_angle_deg_prot        ?     ? ? ? 'X-RAY DIFFRACTION' ? 
x_dihedral_angle_d      ?     ? ? ? 'X-RAY DIFFRACTION' ? 
x_dihedral_angle_d_na   ?     ? ? ? 'X-RAY DIFFRACTION' ? 
x_dihedral_angle_d_prot ?     ? ? ? 'X-RAY DIFFRACTION' ? 
x_improper_angle_d      ?     ? ? ? 'X-RAY DIFFRACTION' ? 
x_improper_angle_d_na   ?     ? ? ? 'X-RAY DIFFRACTION' ? 
x_improper_angle_d_prot ?     ? ? ? 'X-RAY DIFFRACTION' ? 
x_mcbond_it             ?     ? ? ? 'X-RAY DIFFRACTION' ? 
x_mcangle_it            ?     ? ? ? 'X-RAY DIFFRACTION' ? 
x_scbond_it             ?     ? ? ? 'X-RAY DIFFRACTION' ? 
x_scangle_it            ?     ? ? ? 'X-RAY DIFFRACTION' ? 
# 
_struct.entry_id                  1O4Q 
_struct.title                     'CRYSTAL STRUCTURE OF SH2 IN COMPLEX WITH RU79256.' 
_struct.pdbx_model_details        ? 
_struct.pdbx_CASP_flag            ? 
_struct.pdbx_model_type_details   ? 
# 
_struct_keywords.entry_id        1O4Q 
_struct_keywords.pdbx_keywords   'SIGNALING PROTEIN' 
_struct_keywords.text            'SH2 DOMAIN FRAGMENT APPROACH, SIGNALING PROTEIN' 
# 
loop_
_struct_asym.id 
_struct_asym.pdbx_blank_PDB_chainid_flag 
_struct_asym.pdbx_modified 
_struct_asym.entity_id 
_struct_asym.details 
A N N 1 ? 
B N N 2 ? 
C N N 3 ? 
# 
_struct_biol.id   1 
# 
loop_
_struct_conf.conf_type_id 
_struct_conf.id 
_struct_conf.pdbx_PDB_helix_id 
_struct_conf.beg_label_comp_id 
_struct_conf.beg_label_asym_id 
_struct_conf.beg_label_seq_id 
_struct_conf.pdbx_beg_PDB_ins_code 
_struct_conf.end_label_comp_id 
_struct_conf.end_label_asym_id 
_struct_conf.end_label_seq_id 
_struct_conf.pdbx_end_PDB_ins_code 
_struct_conf.beg_auth_comp_id 
_struct_conf.beg_auth_asym_id 
_struct_conf.beg_auth_seq_id 
_struct_conf.end_auth_comp_id 
_struct_conf.end_auth_asym_id 
_struct_conf.end_auth_seq_id 
_struct_conf.pdbx_PDB_helix_class 
_struct_conf.details 
_struct_conf.pdbx_PDB_helix_length 
HELX_P HELX_P1 1 SER A 1  ? GLU A 5  ? SER A 1  GLU A 5  5 ? 5  
HELX_P HELX_P2 2 THR A 13 ? LEU A 22 ? THR A 13 LEU A 22 1 ? 10 
HELX_P HELX_P3 3 SER A 81 ? SER A 90 ? SER A 81 SER A 90 1 ? 10 
# 
_struct_conf_type.id          HELX_P 
_struct_conf_type.criteria    ? 
_struct_conf_type.reference   ? 
# 
_struct_sheet.id               A 
_struct_sheet.type             ? 
_struct_sheet.number_strands   6 
_struct_sheet.details          ? 
# 
loop_
_struct_sheet_order.sheet_id 
_struct_sheet_order.range_id_1 
_struct_sheet_order.range_id_2 
_struct_sheet_order.offset 
_struct_sheet_order.sense 
A 1 2 ? parallel      
A 2 3 ? anti-parallel 
A 3 4 ? anti-parallel 
A 4 5 ? anti-parallel 
A 5 6 ? anti-parallel 
# 
loop_
_struct_sheet_range.sheet_id 
_struct_sheet_range.id 
_struct_sheet_range.beg_label_comp_id 
_struct_sheet_range.beg_label_asym_id 
_struct_sheet_range.beg_label_seq_id 
_struct_sheet_range.pdbx_beg_PDB_ins_code 
_struct_sheet_range.end_label_comp_id 
_struct_sheet_range.end_label_asym_id 
_struct_sheet_range.end_label_seq_id 
_struct_sheet_range.pdbx_end_PDB_ins_code 
_struct_sheet_range.beg_auth_comp_id 
_struct_sheet_range.beg_auth_asym_id 
_struct_sheet_range.beg_auth_seq_id 
_struct_sheet_range.end_auth_comp_id 
_struct_sheet_range.end_auth_asym_id 
_struct_sheet_range.end_auth_seq_id 
A 1 TYR A 8  ? GLY A 10 ? TYR A 8  GLY A 10 
A 2 PHE A 31 ? GLU A 35 ? PHE A 31 GLU A 35 
A 3 TYR A 43 ? ASP A 51 ? TYR A 43 ASP A 51 
A 4 GLY A 55 ? LYS A 65 ? GLY A 55 LYS A 65 
A 5 PHE A 71 ? TYR A 72 ? PHE A 71 TYR A 72 
A 6 GLN A 78 ? PHE A 79 ? GLN A 78 PHE A 79 
# 
loop_
_pdbx_struct_sheet_hbond.sheet_id 
_pdbx_struct_sheet_hbond.range_id_1 
_pdbx_struct_sheet_hbond.range_id_2 
_pdbx_struct_sheet_hbond.range_1_label_atom_id 
_pdbx_struct_sheet_hbond.range_1_label_comp_id 
_pdbx_struct_sheet_hbond.range_1_label_asym_id 
_pdbx_struct_sheet_hbond.range_1_label_seq_id 
_pdbx_struct_sheet_hbond.range_1_PDB_ins_code 
_pdbx_struct_sheet_hbond.range_1_auth_atom_id 
_pdbx_struct_sheet_hbond.range_1_auth_comp_id 
_pdbx_struct_sheet_hbond.range_1_auth_asym_id 
_pdbx_struct_sheet_hbond.range_1_auth_seq_id 
_pdbx_struct_sheet_hbond.range_2_label_atom_id 
_pdbx_struct_sheet_hbond.range_2_label_comp_id 
_pdbx_struct_sheet_hbond.range_2_label_asym_id 
_pdbx_struct_sheet_hbond.range_2_label_seq_id 
_pdbx_struct_sheet_hbond.range_2_PDB_ins_code 
_pdbx_struct_sheet_hbond.range_2_auth_atom_id 
_pdbx_struct_sheet_hbond.range_2_auth_comp_id 
_pdbx_struct_sheet_hbond.range_2_auth_asym_id 
_pdbx_struct_sheet_hbond.range_2_auth_seq_id 
A 1 2 N GLY A 10 ? N GLY A 10 O GLU A 35 ? O GLU A 35 
A 2 3 N ARG A 34 ? N ARG A 34 O CYS A 44 ? O CYS A 44 
A 3 4 N TYR A 43 ? N TYR A 43 O ILE A 63 ? O ILE A 63 
A 4 5 N ARG A 64 ? N ARG A 64 O TYR A 72 ? O TYR A 72 
A 5 6 N PHE A 71 ? N PHE A 71 O PHE A 79 ? O PHE A 79 
# 
_struct_site.id                   AC1 
_struct_site.pdbx_evidence_code   Software 
_struct_site.pdbx_auth_asym_id    A 
_struct_site.pdbx_auth_comp_id    256 
_struct_site.pdbx_auth_seq_id     300 
_struct_site.pdbx_auth_ins_code   ? 
_struct_site.pdbx_num_residues    9 
_struct_site.details              'BINDING SITE FOR RESIDUE 256 A 300' 
# 
loop_
_struct_site_gen.id 
_struct_site_gen.site_id 
_struct_site_gen.pdbx_num_res 
_struct_site_gen.label_comp_id 
_struct_site_gen.label_asym_id 
_struct_site_gen.label_seq_id 
_struct_site_gen.pdbx_auth_ins_code 
_struct_site_gen.auth_comp_id 
_struct_site_gen.auth_asym_id 
_struct_site_gen.auth_seq_id 
_struct_site_gen.label_atom_id 
_struct_site_gen.label_alt_id 
_struct_site_gen.symmetry 
_struct_site_gen.details 
1 AC1 9 ARG A 14  ? ARG A 14  . ? 1_555 ? 
2 AC1 9 ARG A 34  ? ARG A 34  . ? 1_555 ? 
3 AC1 9 SER A 36  ? SER A 36  . ? 1_555 ? 
4 AC1 9 GLU A 37  ? GLU A 37  . ? 1_555 ? 
5 AC1 9 THR A 38  ? THR A 38  . ? 1_555 ? 
6 AC1 9 HIS A 60  ? HIS A 60  . ? 1_555 ? 
7 AC1 9 LYS A 62  ? LYS A 62  . ? 1_555 ? 
8 AC1 9 THR A 106 ? THR A 106 . ? 1_655 ? 
9 AC1 9 HOH C .   ? HOH A 437 . ? 1_555 ? 
# 
_atom_sites.entry_id                    1O4Q 
_atom_sites.fract_transf_matrix[1][1]   -0.00815204 
_atom_sites.fract_transf_matrix[1][2]   0.02028131 
_atom_sites.fract_transf_matrix[1][3]   -0.03079869 
_atom_sites.fract_transf_matrix[2][1]   -0.01645919 
_atom_sites.fract_transf_matrix[2][2]   -0.00453770 
_atom_sites.fract_transf_matrix[2][3]   0.00136842 
_atom_sites.fract_transf_matrix[3][1]   -0.00270156 
_atom_sites.fract_transf_matrix[3][2]   0.01249635 
_atom_sites.fract_transf_matrix[3][3]   0.00894407 
_atom_sites.fract_transf_vector[1]      0.385253 
_atom_sites.fract_transf_vector[2]      0.326916 
_atom_sites.fract_transf_vector[3]      0.312482 
# 
loop_
_atom_type.symbol 
C 
N 
O 
S 
# 
loop_
_atom_site.group_PDB 
_atom_site.id 
_atom_site.type_symbol 
_atom_site.label_atom_id 
_atom_site.label_alt_id 
_atom_site.label_comp_id 
_atom_site.label_asym_id 
_atom_site.label_entity_id 
_atom_site.label_seq_id 
_atom_site.pdbx_PDB_ins_code 
_atom_site.Cartn_x 
_atom_site.Cartn_y 
_atom_site.Cartn_z 
_atom_site.occupancy 
_atom_site.B_iso_or_equiv 
_atom_site.pdbx_formal_charge 
_atom_site.auth_seq_id 
_atom_site.auth_comp_id 
_atom_site.auth_asym_id 
_atom_site.auth_atom_id 
_atom_site.pdbx_PDB_model_num 
ATOM   1    N N   . SER A 1 1   ? 8.907   -14.604 -2.649  1.00 49.17 ? 1   SER A N   1 
ATOM   2    C CA  . SER A 1 1   ? 7.534   -14.958 -2.151  1.00 48.18 ? 1   SER A CA  1 
ATOM   3    C C   . SER A 1 1   ? 6.807   -13.810 -1.470  1.00 45.82 ? 1   SER A C   1 
ATOM   4    O O   . SER A 1 1   ? 6.932   -13.600 -0.255  1.00 45.94 ? 1   SER A O   1 
ATOM   5    C CB  . SER A 1 1   ? 7.570   -16.175 -1.210  1.00 52.00 ? 1   SER A CB  1 
ATOM   6    O OG  . SER A 1 1   ? 8.880   -16.423 -0.708  1.00 55.92 ? 1   SER A OG  1 
ATOM   7    N N   . ILE A 1 2   ? 5.983   -13.116 -2.249  1.00 42.94 ? 2   ILE A N   1 
ATOM   8    C CA  . ILE A 1 2   ? 5.218   -12.001 -1.713  1.00 39.53 ? 2   ILE A CA  1 
ATOM   9    C C   . ILE A 1 2   ? 4.194   -12.479 -0.650  1.00 37.01 ? 2   ILE A C   1 
ATOM   10   O O   . ILE A 1 2   ? 3.947   -11.795 0.341   1.00 34.98 ? 2   ILE A O   1 
ATOM   11   C CB  . ILE A 1 2   ? 4.608   -11.096 -2.855  1.00 39.13 ? 2   ILE A CB  1 
ATOM   12   C CG1 . ILE A 1 2   ? 3.112   -10.869 -2.654  1.00 36.95 ? 2   ILE A CG1 1 
ATOM   13   C CG2 . ILE A 1 2   ? 4.915   -11.668 -4.241  1.00 43.01 ? 2   ILE A CG2 1 
ATOM   14   C CD1 . ILE A 1 2   ? 2.230   -11.722 -3.521  1.00 37.18 ? 2   ILE A CD1 1 
ATOM   15   N N   . GLN A 1 3   ? 3.695   -13.704 -0.786  1.00 35.20 ? 3   GLN A N   1 
ATOM   16   C CA  . GLN A 1 3   ? 2.729   -14.228 0.191   1.00 34.45 ? 3   GLN A CA  1 
ATOM   17   C C   . GLN A 1 3   ? 3.368   -14.401 1.579   1.00 32.15 ? 3   GLN A C   1 
ATOM   18   O O   . GLN A 1 3   ? 2.682   -14.445 2.600   1.00 31.94 ? 3   GLN A O   1 
ATOM   19   C CB  . GLN A 1 3   ? 2.115   -15.555 -0.294  1.00 37.99 ? 3   GLN A CB  1 
ATOM   20   C CG  . GLN A 1 3   ? 1.120   -15.402 -1.449  1.00 46.13 ? 3   GLN A CG  1 
ATOM   21   C CD  . GLN A 1 3   ? -0.332  -15.650 -1.034  1.00 54.77 ? 3   GLN A CD  1 
ATOM   22   O OE1 . GLN A 1 3   ? -0.848  -15.047 -0.082  1.00 58.92 ? 3   GLN A OE1 1 
ATOM   23   N NE2 . GLN A 1 3   ? -1.003  -16.534 -1.762  1.00 58.63 ? 3   GLN A NE2 1 
ATOM   24   N N   . ALA A 1 4   ? 4.689   -14.481 1.587   1.00 28.75 ? 4   ALA A N   1 
ATOM   25   C CA  . ALA A 1 4   ? 5.452   -14.645 2.802   1.00 26.68 ? 4   ALA A CA  1 
ATOM   26   C C   . ALA A 1 4   ? 5.611   -13.318 3.561   1.00 24.34 ? 4   ALA A C   1 
ATOM   27   O O   . ALA A 1 4   ? 5.876   -13.306 4.760   1.00 25.63 ? 4   ALA A O   1 
ATOM   28   C CB  . ALA A 1 4   ? 6.824   -15.205 2.451   1.00 27.44 ? 4   ALA A CB  1 
ATOM   29   N N   . GLU A 1 5   ? 5.429   -12.205 2.866   1.00 20.57 ? 5   GLU A N   1 
ATOM   30   C CA  . GLU A 1 5   ? 5.586   -10.892 3.476   1.00 16.65 ? 5   GLU A CA  1 
ATOM   31   C C   . GLU A 1 5   ? 4.516   -10.567 4.513   1.00 13.54 ? 5   GLU A C   1 
ATOM   32   O O   . GLU A 1 5   ? 3.323   -10.748 4.276   1.00 11.27 ? 5   GLU A O   1 
ATOM   33   C CB  . GLU A 1 5   ? 5.630   -9.841  2.370   1.00 17.63 ? 5   GLU A CB  1 
ATOM   34   C CG  . GLU A 1 5   ? 6.650   -10.200 1.258   1.00 20.50 ? 5   GLU A CG  1 
ATOM   35   C CD  . GLU A 1 5   ? 8.092   -10.102 1.738   1.00 19.70 ? 5   GLU A CD  1 
ATOM   36   O OE1 . GLU A 1 5   ? 8.949   -10.853 1.242   1.00 22.45 ? 5   GLU A OE1 1 
ATOM   37   O OE2 . GLU A 1 5   ? 8.365   -9.267  2.614   1.00 21.69 ? 5   GLU A OE2 1 
ATOM   38   N N   . GLU A 1 6   ? 4.950   -10.038 5.660   1.00 11.53 ? 6   GLU A N   1 
ATOM   39   C CA  . GLU A 1 6   ? 4.005   -9.712  6.725   1.00 9.41  ? 6   GLU A CA  1 
ATOM   40   C C   . GLU A 1 6   ? 3.107   -8.534  6.363   1.00 8.40  ? 6   GLU A C   1 
ATOM   41   O O   . GLU A 1 6   ? 2.067   -8.349  6.975   1.00 8.77  ? 6   GLU A O   1 
ATOM   42   C CB  . GLU A 1 6   ? 4.710   -9.482  8.080   1.00 10.07 ? 6   GLU A CB  1 
ATOM   43   C CG  . GLU A 1 6   ? 5.426   -8.143  8.290   1.00 8.14  ? 6   GLU A CG  1 
ATOM   44   C CD  . GLU A 1 6   ? 6.772   -8.005  7.560   1.00 8.03  ? 6   GLU A CD  1 
ATOM   45   O OE1 . GLU A 1 6   ? 7.342   -6.888  7.614   1.00 10.07 ? 6   GLU A OE1 1 
ATOM   46   O OE2 . GLU A 1 6   ? 7.249   -8.978  6.932   1.00 7.01  ? 6   GLU A OE2 1 
ATOM   47   N N   . TRP A 1 7   ? 3.533   -7.711  5.412   1.00 8.27  ? 7   TRP A N   1 
ATOM   48   C CA  . TRP A 1 7   ? 2.710   -6.584  4.983   1.00 8.83  ? 7   TRP A CA  1 
ATOM   49   C C   . TRP A 1 7   ? 1.770   -6.967  3.841   1.00 10.90 ? 7   TRP A C   1 
ATOM   50   O O   . TRP A 1 7   ? 0.998   -6.128  3.369   1.00 11.37 ? 7   TRP A O   1 
ATOM   51   C CB  . TRP A 1 7   ? 3.532   -5.349  4.592   1.00 8.74  ? 7   TRP A CB  1 
ATOM   52   C CG  . TRP A 1 7   ? 4.781   -5.618  3.844   1.00 7.74  ? 7   TRP A CG  1 
ATOM   53   C CD1 . TRP A 1 7   ? 6.065   -5.563  4.348   1.00 9.57  ? 7   TRP A CD1 1 
ATOM   54   C CD2 . TRP A 1 7   ? 4.923   -5.982  2.458   1.00 9.74  ? 7   TRP A CD2 1 
ATOM   55   N NE1 . TRP A 1 7   ? 6.969   -5.868  3.373   1.00 10.52 ? 7   TRP A NE1 1 
ATOM   56   C CE2 . TRP A 1 7   ? 6.297   -6.128  2.205   1.00 11.46 ? 7   TRP A CE2 1 
ATOM   57   C CE3 . TRP A 1 7   ? 4.000   -6.194  1.414   1.00 11.84 ? 7   TRP A CE3 1 
ATOM   58   C CZ2 . TRP A 1 7   ? 6.790   -6.485  0.941   1.00 12.33 ? 7   TRP A CZ2 1 
ATOM   59   C CZ3 . TRP A 1 7   ? 4.503   -6.551  0.151   1.00 12.49 ? 7   TRP A CZ3 1 
ATOM   60   C CH2 . TRP A 1 7   ? 5.877   -6.690  -0.068  1.00 12.22 ? 7   TRP A CH2 1 
ATOM   61   N N   . TYR A 1 8   ? 1.829   -8.217  3.381   1.00 10.89 ? 8   TYR A N   1 
ATOM   62   C CA  . TYR A 1 8   ? 0.922   -8.638  2.312   1.00 11.76 ? 8   TYR A CA  1 
ATOM   63   C C   . TYR A 1 8   ? -0.297  -9.288  2.973   1.00 11.77 ? 8   TYR A C   1 
ATOM   64   O O   . TYR A 1 8   ? -0.194  -10.387 3.508   1.00 14.01 ? 8   TYR A O   1 
ATOM   65   C CB  . TYR A 1 8   ? 1.586   -9.621  1.351   1.00 10.76 ? 8   TYR A CB  1 
ATOM   66   C CG  . TYR A 1 8   ? 0.684   -9.970  0.188   1.00 12.27 ? 8   TYR A CG  1 
ATOM   67   C CD1 . TYR A 1 8   ? 0.341   -8.997  -0.756  1.00 14.79 ? 8   TYR A CD1 1 
ATOM   68   C CD2 . TYR A 1 8   ? 0.100   -11.240 0.075   1.00 13.05 ? 8   TYR A CD2 1 
ATOM   69   C CE1 . TYR A 1 8   ? -0.568  -9.284  -1.783  1.00 16.18 ? 8   TYR A CE1 1 
ATOM   70   C CE2 . TYR A 1 8   ? -0.794  -11.535 -0.939  1.00 13.56 ? 8   TYR A CE2 1 
ATOM   71   C CZ  . TYR A 1 8   ? -1.124  -10.546 -1.865  1.00 16.17 ? 8   TYR A CZ  1 
ATOM   72   O OH  . TYR A 1 8   ? -2.008  -10.800 -2.884  1.00 17.17 ? 8   TYR A OH  1 
ATOM   73   N N   . PHE A 1 9   ? -1.455  -8.641  2.898   1.00 11.87 ? 9   PHE A N   1 
ATOM   74   C CA  . PHE A 1 9   ? -2.678  -9.172  3.531   1.00 11.23 ? 9   PHE A CA  1 
ATOM   75   C C   . PHE A 1 9   ? -3.522  -10.042 2.599   1.00 12.28 ? 9   PHE A C   1 
ATOM   76   O O   . PHE A 1 9   ? -4.587  -10.517 2.988   1.00 13.27 ? 9   PHE A O   1 
ATOM   77   C CB  . PHE A 1 9   ? -3.544  -8.047  4.124   1.00 8.12  ? 9   PHE A CB  1 
ATOM   78   C CG  . PHE A 1 9   ? -3.038  -7.494  5.445   1.00 10.67 ? 9   PHE A CG  1 
ATOM   79   C CD1 . PHE A 1 9   ? -1.667  -7.284  5.673   1.00 13.84 ? 9   PHE A CD1 1 
ATOM   80   C CD2 . PHE A 1 9   ? -3.936  -7.147  6.454   1.00 13.15 ? 9   PHE A CD2 1 
ATOM   81   C CE1 . PHE A 1 9   ? -1.197  -6.726  6.901   1.00 10.28 ? 9   PHE A CE1 1 
ATOM   82   C CE2 . PHE A 1 9   ? -3.473  -6.589  7.681   1.00 17.08 ? 9   PHE A CE2 1 
ATOM   83   C CZ  . PHE A 1 9   ? -2.094  -6.384  7.892   1.00 12.09 ? 9   PHE A CZ  1 
ATOM   84   N N   . GLY A 1 10  ? -3.094  -10.161 1.350   1.00 11.40 ? 10  GLY A N   1 
ATOM   85   C CA  . GLY A 1 10  ? -3.803  -11.009 0.416   1.00 12.20 ? 10  GLY A CA  1 
ATOM   86   C C   . GLY A 1 10  ? -5.202  -10.599 0.032   1.00 12.09 ? 10  GLY A C   1 
ATOM   87   O O   . GLY A 1 10  ? -5.477  -9.426  -0.234  1.00 12.16 ? 10  GLY A O   1 
ATOM   88   N N   . LYS A 1 11  ? -6.111  -11.557 0.094   1.00 11.51 ? 11  LYS A N   1 
ATOM   89   C CA  . LYS A 1 11  ? -7.467  -11.305 -0.331  1.00 13.12 ? 11  LYS A CA  1 
ATOM   90   C C   . LYS A 1 11  ? -8.373  -10.664 0.702   1.00 13.12 ? 11  LYS A C   1 
ATOM   91   O O   . LYS A 1 11  ? -9.162  -11.337 1.380   1.00 14.59 ? 11  LYS A O   1 
ATOM   92   C CB  . LYS A 1 11  ? -8.081  -12.601 -0.916  1.00 14.26 ? 11  LYS A CB  1 
ATOM   93   C CG  . LYS A 1 11  ? -9.324  -12.380 -1.772  1.00 15.07 ? 11  LYS A CG  1 
ATOM   94   C CD  . LYS A 1 11  ? -9.974  -13.700 -2.108  1.00 17.87 ? 11  LYS A CD  1 
ATOM   95   C CE  . LYS A 1 11  ? -11.092 -13.523 -3.109  1.00 19.11 ? 11  LYS A CE  1 
ATOM   96   N NZ  . LYS A 1 11  ? -11.989 -14.677 -2.977  1.00 20.42 ? 11  LYS A NZ  1 
ATOM   97   N N   . ILE A 1 12  ? -8.205  -9.365  0.901   1.00 11.52 ? 12  ILE A N   1 
ATOM   98   C CA  . ILE A 1 12  ? -9.089  -8.649  1.793   1.00 9.90  ? 12  ILE A CA  1 
ATOM   99   C C   . ILE A 1 12  ? -9.616  -7.506  0.940   1.00 8.86  ? 12  ILE A C   1 
ATOM   100  O O   . ILE A 1 12  ? -8.967  -7.104  -0.019  1.00 8.47  ? 12  ILE A O   1 
ATOM   101  C CB  . ILE A 1 12  ? -8.417  -8.138  3.083   1.00 10.96 ? 12  ILE A CB  1 
ATOM   102  C CG1 . ILE A 1 12  ? -7.274  -7.167  2.770   1.00 7.81  ? 12  ILE A CG1 1 
ATOM   103  C CG2 . ILE A 1 12  ? -7.998  -9.330  3.947   1.00 12.52 ? 12  ILE A CG2 1 
ATOM   104  C CD1 . ILE A 1 12  ? -6.914  -6.315  3.949   1.00 8.20  ? 12  ILE A CD1 1 
ATOM   105  N N   . THR A 1 13  ? -10.817 -7.042  1.253   1.00 8.70  ? 13  THR A N   1 
ATOM   106  C CA  . THR A 1 13  ? -11.467 -5.972  0.500   1.00 7.58  ? 13  THR A CA  1 
ATOM   107  C C   . THR A 1 13  ? -10.979 -4.571  0.877   1.00 7.61  ? 13  THR A C   1 
ATOM   108  O O   . THR A 1 13  ? -10.309 -4.377  1.897   1.00 6.52  ? 13  THR A O   1 
ATOM   109  C CB  . THR A 1 13  ? -13.015 -5.970  0.721   1.00 7.74  ? 13  THR A CB  1 
ATOM   110  O OG1 . THR A 1 13  ? -13.305 -5.671  2.104   1.00 6.92  ? 13  THR A OG1 1 
ATOM   111  C CG2 . THR A 1 13  ? -13.619 -7.320  0.356   1.00 8.02  ? 13  THR A CG2 1 
ATOM   112  N N   . ARG A 1 14  ? -11.391 -3.595  0.071   1.00 6.67  ? 14  ARG A N   1 
ATOM   113  C CA  . ARG A 1 14  ? -11.081 -2.196  0.313   1.00 7.58  ? 14  ARG A CA  1 
ATOM   114  C C   . ARG A 1 14  ? -11.682 -1.789  1.666   1.00 6.94  ? 14  ARG A C   1 
ATOM   115  O O   . ARG A 1 14  ? -11.018 -1.139  2.462   1.00 6.59  ? 14  ARG A O   1 
ATOM   116  C CB  . ARG A 1 14  ? -11.670 -1.302  -0.785  1.00 6.79  ? 14  ARG A CB  1 
ATOM   117  C CG  . ARG A 1 14  ? -11.471 0.200   -0.573  1.00 8.20  ? 14  ARG A CG  1 
ATOM   118  C CD  . ARG A 1 14  ? -12.382 0.886   -1.547  1.00 12.62 ? 14  ARG A CD  1 
ATOM   119  N NE  . ARG A 1 14  ? -12.133 2.299   -1.760  1.00 23.56 ? 14  ARG A NE  1 
ATOM   120  C CZ  . ARG A 1 14  ? -11.496 2.813   -2.818  1.00 26.59 ? 14  ARG A CZ  1 
ATOM   121  N NH1 . ARG A 1 14  ? -11.343 4.124   -2.910  1.00 29.86 ? 14  ARG A NH1 1 
ATOM   122  N NH2 . ARG A 1 14  ? -10.941 2.038   -3.745  1.00 28.70 ? 14  ARG A NH2 1 
ATOM   123  N N   . ARG A 1 15  ? -12.931 -2.190  1.933   1.00 6.71  ? 15  ARG A N   1 
ATOM   124  C CA  . ARG A 1 15  ? -13.588 -1.825  3.197   1.00 6.98  ? 15  ARG A CA  1 
ATOM   125  C C   . ARG A 1 15  ? -12.852 -2.386  4.419   1.00 6.70  ? 15  ARG A C   1 
ATOM   126  O O   . ARG A 1 15  ? -12.729 -1.715  5.442   1.00 6.74  ? 15  ARG A O   1 
ATOM   127  C CB  . ARG A 1 15  ? -15.040 -2.301  3.228   1.00 7.46  ? 15  ARG A CB  1 
ATOM   128  C CG  . ARG A 1 15  ? -15.754 -1.901  4.556   1.00 9.48  ? 15  ARG A CG  1 
ATOM   129  C CD  . ARG A 1 15  ? -17.278 -2.056  4.491   1.00 12.00 ? 15  ARG A CD  1 
ATOM   130  N NE  . ARG A 1 15  ? -17.925 -1.761  5.771   1.00 13.62 ? 15  ARG A NE  1 
ATOM   131  C CZ  . ARG A 1 15  ? -18.374 -0.563  6.152   1.00 14.64 ? 15  ARG A CZ  1 
ATOM   132  N NH1 . ARG A 1 15  ? -18.272 0.497   5.351   1.00 14.41 ? 15  ARG A NH1 1 
ATOM   133  N NH2 . ARG A 1 15  ? -18.936 -0.418  7.351   1.00 17.12 ? 15  ARG A NH2 1 
ATOM   134  N N   . GLU A 1 16  ? -12.401 -3.631  4.302   1.00 6.96  ? 16  GLU A N   1 
ATOM   135  C CA  . GLU A 1 16  ? -11.659 -4.296  5.386   1.00 7.66  ? 16  GLU A CA  1 
ATOM   136  C C   . GLU A 1 16  ? -10.322 -3.569  5.620   1.00 7.71  ? 16  GLU A C   1 
ATOM   137  O O   . GLU A 1 16  ? -9.937  -3.350  6.781   1.00 7.14  ? 16  GLU A O   1 
ATOM   138  C CB  . GLU A 1 16  ? -11.438 -5.785  5.052   1.00 7.36  ? 16  GLU A CB  1 
ATOM   139  C CG  . GLU A 1 16  ? -10.610 -6.601  6.063   1.00 9.24  ? 16  GLU A CG  1 
ATOM   140  C CD  . GLU A 1 16  ? -11.145 -6.564  7.503   1.00 12.05 ? 16  GLU A CD  1 
ATOM   141  O OE1 . GLU A 1 16  ? -10.423 -7.043  8.401   1.00 18.52 ? 16  GLU A OE1 1 
ATOM   142  O OE2 . GLU A 1 16  ? -12.258 -6.067  7.768   1.00 11.01 ? 16  GLU A OE2 1 
ATOM   143  N N   . SER A 1 17  ? -9.644  -3.165  4.541   1.00 6.13  ? 17  SER A N   1 
ATOM   144  C CA  . SER A 1 17  ? -8.376  -2.444  4.689   1.00 6.30  ? 17  SER A CA  1 
ATOM   145  C C   . SER A 1 17  ? -8.628  -1.121  5.417   1.00 7.03  ? 17  SER A C   1 
ATOM   146  O O   . SER A 1 17  ? -7.800  -0.686  6.236   1.00 5.73  ? 17  SER A O   1 
ATOM   147  C CB  . SER A 1 17  ? -7.677  -2.205  3.341   1.00 7.22  ? 17  SER A CB  1 
ATOM   148  O OG  . SER A 1 17  ? -8.335  -1.216  2.590   1.00 7.35  ? 17  SER A OG  1 
ATOM   149  N N   . GLU A 1 18  ? -9.766  -0.481  5.128   1.00 4.80  ? 18  GLU A N   1 
ATOM   150  C CA  . GLU A 1 18  ? -10.115 0.753   5.806   1.00 5.43  ? 18  GLU A CA  1 
ATOM   151  C C   . GLU A 1 18  ? -10.447 0.505   7.286   1.00 6.59  ? 18  GLU A C   1 
ATOM   152  O O   . GLU A 1 18  ? -10.029 1.277   8.146   1.00 7.06  ? 18  GLU A O   1 
ATOM   153  C CB  . GLU A 1 18  ? -11.252 1.453   5.075   1.00 6.43  ? 18  GLU A CB  1 
ATOM   154  C CG  . GLU A 1 18  ? -10.768 1.941   3.719   1.00 7.45  ? 18  GLU A CG  1 
ATOM   155  C CD  . GLU A 1 18  ? -11.850 2.516   2.832   1.00 12.38 ? 18  GLU A CD  1 
ATOM   156  O OE1 . GLU A 1 18  ? -11.495 3.227   1.863   1.00 9.46  ? 18  GLU A OE1 1 
ATOM   157  O OE2 . GLU A 1 18  ? -13.050 2.247   3.078   1.00 15.75 ? 18  GLU A OE2 1 
ATOM   158  N N   . ARG A 1 19  ? -11.137 -0.596  7.587   1.00 7.01  ? 19  ARG A N   1 
ATOM   159  C CA  . ARG A 1 19  ? -11.479 -0.931  8.977   1.00 7.86  ? 19  ARG A CA  1 
ATOM   160  C C   . ARG A 1 19  ? -10.179 -1.070  9.801   1.00 7.62  ? 19  ARG A C   1 
ATOM   161  O O   . ARG A 1 19  ? -10.061 -0.549  10.918  1.00 8.57  ? 19  ARG A O   1 
ATOM   162  C CB  . ARG A 1 19  ? -12.260 -2.252  9.037   1.00 8.79  ? 19  ARG A CB  1 
ATOM   163  C CG  . ARG A 1 19  ? -12.875 -2.519  10.424  1.00 10.39 ? 19  ARG A CG  1 
ATOM   164  C CD  . ARG A 1 19  ? -13.465 -3.950  10.568  1.00 11.31 ? 19  ARG A CD  1 
ATOM   165  N NE  . ARG A 1 19  ? -12.444 -4.994  10.446  1.00 13.87 ? 19  ARG A NE  1 
ATOM   166  C CZ  . ARG A 1 19  ? -11.581 -5.336  11.402  1.00 11.13 ? 19  ARG A CZ  1 
ATOM   167  N NH1 . ARG A 1 19  ? -11.607 -4.734  12.593  1.00 14.43 ? 19  ARG A NH1 1 
ATOM   168  N NH2 . ARG A 1 19  ? -10.637 -6.207  11.129  1.00 10.56 ? 19  ARG A NH2 1 
ATOM   169  N N   . LEU A 1 20  ? -9.205  -1.756  9.217   1.00 6.26  ? 20  LEU A N   1 
ATOM   170  C CA  . LEU A 1 20  ? -7.917  -1.977  9.858   1.00 6.73  ? 20  LEU A CA  1 
ATOM   171  C C   . LEU A 1 20  ? -7.078  -0.699  10.008  1.00 7.42  ? 20  LEU A C   1 
ATOM   172  O O   . LEU A 1 20  ? -6.479  -0.432  11.059  1.00 7.39  ? 20  LEU A O   1 
ATOM   173  C CB  . LEU A 1 20  ? -7.116  -2.991  9.038   1.00 8.08  ? 20  LEU A CB  1 
ATOM   174  C CG  . LEU A 1 20  ? -7.600  -4.456  8.975   1.00 12.49 ? 20  LEU A CG  1 
ATOM   175  C CD1 . LEU A 1 20  ? -6.876  -5.201  7.850   1.00 11.15 ? 20  LEU A CD1 1 
ATOM   176  C CD2 . LEU A 1 20  ? -7.412  -5.133  10.340  1.00 15.44 ? 20  LEU A CD2 1 
ATOM   177  N N   . LEU A 1 21  ? -7.061  0.124   8.967   1.00 5.92  ? 21  LEU A N   1 
ATOM   178  C CA  . LEU A 1 21  ? -6.230  1.326   8.982   1.00 6.40  ? 21  LEU A CA  1 
ATOM   179  C C   . LEU A 1 21  ? -6.791  2.514   9.760   1.00 7.69  ? 21  LEU A C   1 
ATOM   180  O O   . LEU A 1 21  ? -6.037  3.369   10.216  1.00 10.05 ? 21  LEU A O   1 
ATOM   181  C CB  . LEU A 1 21  ? -5.854  1.709   7.536   1.00 5.97  ? 21  LEU A CB  1 
ATOM   182  C CG  . LEU A 1 21  ? -4.919  0.700   6.848   1.00 3.45  ? 21  LEU A CG  1 
ATOM   183  C CD1 . LEU A 1 21  ? -4.971  0.801   5.311   1.00 6.48  ? 21  LEU A CD1 1 
ATOM   184  C CD2 . LEU A 1 21  ? -3.483  0.889   7.349   1.00 6.72  ? 21  LEU A CD2 1 
ATOM   185  N N   . LEU A 1 22  ? -8.106  2.560   9.943   1.00 7.30  ? 22  LEU A N   1 
ATOM   186  C CA  . LEU A 1 22  ? -8.715  3.669   10.660  1.00 8.33  ? 22  LEU A CA  1 
ATOM   187  C C   . LEU A 1 22  ? -8.699  3.472   12.154  1.00 9.74  ? 22  LEU A C   1 
ATOM   188  O O   . LEU A 1 22  ? -9.688  3.680   12.822  1.00 14.55 ? 22  LEU A O   1 
ATOM   189  C CB  . LEU A 1 22  ? -10.149 3.879   10.187  1.00 9.12  ? 22  LEU A CB  1 
ATOM   190  C CG  . LEU A 1 22  ? -10.264 4.432   8.766   1.00 11.35 ? 22  LEU A CG  1 
ATOM   191  C CD1 . LEU A 1 22  ? -11.697 4.211   8.228   1.00 9.33  ? 22  LEU A CD1 1 
ATOM   192  C CD2 . LEU A 1 22  ? -9.808  5.912   8.728   1.00 13.14 ? 22  LEU A CD2 1 
ATOM   193  N N   . ASN A 1 23  ? -7.603  2.984   12.679  1.00 9.99  ? 23  ASN A N   1 
ATOM   194  C CA  . ASN A 1 23  ? -7.508  2.803   14.113  1.00 7.78  ? 23  ASN A CA  1 
ATOM   195  C C   . ASN A 1 23  ? -6.697  4.009   14.605  1.00 7.49  ? 23  ASN A C   1 
ATOM   196  O O   . ASN A 1 23  ? -5.620  4.284   14.058  1.00 6.95  ? 23  ASN A O   1 
ATOM   197  C CB  . ASN A 1 23  ? -6.812  1.474   14.385  1.00 9.52  ? 23  ASN A CB  1 
ATOM   198  C CG  . ASN A 1 23  ? -6.676  1.191   15.862  1.00 14.96 ? 23  ASN A CG  1 
ATOM   199  O OD1 . ASN A 1 23  ? -6.212  2.036   16.627  1.00 8.91  ? 23  ASN A OD1 1 
ATOM   200  N ND2 . ASN A 1 23  ? -7.093  -0.001  16.276  1.00 17.48 ? 23  ASN A ND2 1 
ATOM   201  N N   . ALA A 1 24  ? -7.238  4.771   15.570  1.00 7.24  ? 24  ALA A N   1 
ATOM   202  C CA  . ALA A 1 24  ? -6.578  5.977   16.102  1.00 7.38  ? 24  ALA A CA  1 
ATOM   203  C C   . ALA A 1 24  ? -5.119  5.803   16.521  1.00 7.89  ? 24  ALA A C   1 
ATOM   204  O O   . ALA A 1 24  ? -4.391  6.784   16.610  1.00 10.20 ? 24  ALA A O   1 
ATOM   205  C CB  . ALA A 1 24  ? -7.374  6.584   17.249  1.00 8.06  ? 24  ALA A CB  1 
ATOM   206  N N   . GLU A 1 25  ? -4.717  4.571   16.828  1.00 7.33  ? 25  GLU A N   1 
ATOM   207  C CA  . GLU A 1 25  ? -3.343  4.279   17.213  1.00 8.25  ? 25  GLU A CA  1 
ATOM   208  C C   . GLU A 1 25  ? -2.369  4.254   16.044  1.00 8.48  ? 25  GLU A C   1 
ATOM   209  O O   . GLU A 1 25  ? -1.144  4.249   16.246  1.00 7.71  ? 25  GLU A O   1 
ATOM   210  C CB  . GLU A 1 25  ? -3.267  2.943   17.927  1.00 9.39  ? 25  GLU A CB  1 
ATOM   211  C CG  . GLU A 1 25  ? -3.937  2.987   19.266  1.00 10.89 ? 25  GLU A CG  1 
ATOM   212  C CD  . GLU A 1 25  ? -3.741  1.712   20.093  1.00 17.23 ? 25  GLU A CD  1 
ATOM   213  O OE1 . GLU A 1 25  ? -4.389  1.631   21.147  1.00 21.15 ? 25  GLU A OE1 1 
ATOM   214  O OE2 . GLU A 1 25  ? -2.969  0.798   19.717  1.00 18.93 ? 25  GLU A OE2 1 
ATOM   215  N N   . ASN A 1 26  ? -2.902  4.212   14.825  1.00 7.25  ? 26  ASN A N   1 
ATOM   216  C CA  . ASN A 1 26  ? -2.043  4.145   13.642  1.00 7.89  ? 26  ASN A CA  1 
ATOM   217  C C   . ASN A 1 26  ? -1.427  5.492   13.251  1.00 8.13  ? 26  ASN A C   1 
ATOM   218  O O   . ASN A 1 26  ? -2.154  6.481   13.067  1.00 8.32  ? 26  ASN A O   1 
ATOM   219  C CB  . ASN A 1 26  ? -2.807  3.583   12.439  1.00 6.09  ? 26  ASN A CB  1 
ATOM   220  C CG  . ASN A 1 26  ? -3.141  2.105   12.590  1.00 8.11  ? 26  ASN A CG  1 
ATOM   221  O OD1 . ASN A 1 26  ? -2.483  1.395   13.355  1.00 8.77  ? 26  ASN A OD1 1 
ATOM   222  N ND2 . ASN A 1 26  ? -4.146  1.628   11.848  1.00 6.56  ? 26  ASN A ND2 1 
ATOM   223  N N   . PRO A 1 27  ? -0.082  5.570   13.186  1.00 7.30  ? 27  PRO A N   1 
ATOM   224  C CA  . PRO A 1 27  ? 0.502   6.866   12.793  1.00 7.86  ? 27  PRO A CA  1 
ATOM   225  C C   . PRO A 1 27  ? 0.436   6.979   11.261  1.00 7.18  ? 27  PRO A C   1 
ATOM   226  O O   . PRO A 1 27  ? 0.101   5.989   10.572  1.00 5.18  ? 27  PRO A O   1 
ATOM   227  C CB  . PRO A 1 27  ? 1.954   6.775   13.306  1.00 7.78  ? 27  PRO A CB  1 
ATOM   228  C CG  . PRO A 1 27  ? 2.255   5.344   13.255  1.00 8.31  ? 27  PRO A CG  1 
ATOM   229  C CD  . PRO A 1 27  ? 0.952   4.647   13.698  1.00 8.96  ? 27  PRO A CD  1 
ATOM   230  N N   . ARG A 1 28  ? 0.785   8.146   10.722  1.00 6.71  ? 28  ARG A N   1 
ATOM   231  C CA  . ARG A 1 28  ? 0.745   8.330   9.272   1.00 6.13  ? 28  ARG A CA  1 
ATOM   232  C C   . ARG A 1 28  ? 1.678   7.344   8.604   1.00 5.49  ? 28  ARG A C   1 
ATOM   233  O O   . ARG A 1 28  ? 2.746   7.038   9.141   1.00 5.51  ? 28  ARG A O   1 
ATOM   234  C CB  . ARG A 1 28  ? 1.127   9.761   8.892   1.00 4.92  ? 28  ARG A CB  1 
ATOM   235  C CG  . ARG A 1 28  ? 0.200   10.805  9.475   1.00 7.95  ? 28  ARG A CG  1 
ATOM   236  C CD  . ARG A 1 28  ? 0.704   12.192  9.160   1.00 14.34 ? 28  ARG A CD  1 
ATOM   237  N NE  . ARG A 1 28  ? 0.484   12.520  7.753   1.00 23.19 ? 28  ARG A NE  1 
ATOM   238  C CZ  . ARG A 1 28  ? 1.095   13.514  7.101   1.00 26.11 ? 28  ARG A CZ  1 
ATOM   239  N NH1 . ARG A 1 28  ? 0.815   13.753  5.817   1.00 18.52 ? 28  ARG A NH1 1 
ATOM   240  N NH2 . ARG A 1 28  ? 2.031   14.227  7.720   1.00 26.93 ? 28  ARG A NH2 1 
ATOM   241  N N   . GLY A 1 29  ? 1.268   6.821   7.449   1.00 4.97  ? 29  GLY A N   1 
ATOM   242  C CA  . GLY A 1 29  ? 2.119   5.875   6.741   1.00 4.68  ? 29  GLY A CA  1 
ATOM   243  C C   . GLY A 1 29  ? 1.926   4.421   7.111   1.00 4.66  ? 29  GLY A C   1 
ATOM   244  O O   . GLY A 1 29  ? 2.658   3.583   6.628   1.00 5.05  ? 29  GLY A O   1 
ATOM   245  N N   . THR A 1 30  ? 1.015   4.128   8.043   1.00 4.70  ? 30  THR A N   1 
ATOM   246  C CA  . THR A 1 30  ? 0.712   2.740   8.384   1.00 4.50  ? 30  THR A CA  1 
ATOM   247  C C   . THR A 1 30  ? 0.144   2.140   7.086   1.00 5.41  ? 30  THR A C   1 
ATOM   248  O O   . THR A 1 30  ? -0.691  2.759   6.435   1.00 5.20  ? 30  THR A O   1 
ATOM   249  C CB  . THR A 1 30  ? -0.291  2.670   9.547   1.00 5.72  ? 30  THR A CB  1 
ATOM   250  O OG1 . THR A 1 30  ? 0.313   3.266   10.723  1.00 5.37  ? 30  THR A OG1 1 
ATOM   251  C CG2 . THR A 1 30  ? -0.656  1.213   9.834   1.00 6.57  ? 30  THR A CG2 1 
ATOM   252  N N   . PHE A 1 31  ? 0.549   0.929   6.731   1.00 4.96  ? 31  PHE A N   1 
ATOM   253  C CA  . PHE A 1 31  ? 0.128   0.378   5.443   1.00 5.70  ? 31  PHE A CA  1 
ATOM   254  C C   . PHE A 1 31  ? -0.025  -1.151  5.364   1.00 6.31  ? 31  PHE A C   1 
ATOM   255  O O   . PHE A 1 31  ? 0.360   -1.896  6.257   1.00 4.82  ? 31  PHE A O   1 
ATOM   256  C CB  . PHE A 1 31  ? 1.195   0.816   4.402   1.00 5.34  ? 31  PHE A CB  1 
ATOM   257  C CG  . PHE A 1 31  ? 2.506   0.001   4.468   1.00 6.36  ? 31  PHE A CG  1 
ATOM   258  C CD1 . PHE A 1 31  ? 2.723   -1.082  3.598   1.00 5.88  ? 31  PHE A CD1 1 
ATOM   259  C CD2 . PHE A 1 31  ? 3.488   0.282   5.441   1.00 7.76  ? 31  PHE A CD2 1 
ATOM   260  C CE1 . PHE A 1 31  ? 3.891   -1.878  3.700   1.00 6.44  ? 31  PHE A CE1 1 
ATOM   261  C CE2 . PHE A 1 31  ? 4.658   -0.508  5.548   1.00 6.22  ? 31  PHE A CE2 1 
ATOM   262  C CZ  . PHE A 1 31  ? 4.852   -1.585  4.679   1.00 4.96  ? 31  PHE A CZ  1 
ATOM   263  N N   . LEU A 1 32  ? -0.509  -1.604  4.216   1.00 6.50  ? 32  LEU A N   1 
ATOM   264  C CA  . LEU A 1 32  ? -0.645  -3.028  3.899   1.00 6.37  ? 32  LEU A CA  1 
ATOM   265  C C   . LEU A 1 32  ? -0.765  -3.115  2.359   1.00 6.67  ? 32  LEU A C   1 
ATOM   266  O O   . LEU A 1 32  ? -1.068  -2.105  1.701   1.00 6.42  ? 32  LEU A O   1 
ATOM   267  C CB  . LEU A 1 32  ? -1.888  -3.614  4.578   1.00 6.39  ? 32  LEU A CB  1 
ATOM   268  C CG  . LEU A 1 32  ? -3.290  -3.062  4.272   1.00 5.96  ? 32  LEU A CG  1 
ATOM   269  C CD1 . LEU A 1 32  ? -3.890  -3.728  3.024   1.00 6.57  ? 32  LEU A CD1 1 
ATOM   270  C CD2 . LEU A 1 32  ? -4.162  -3.325  5.442   1.00 11.14 ? 32  LEU A CD2 1 
ATOM   271  N N   . VAL A 1 33  ? -0.496  -4.292  1.796   1.00 6.77  ? 33  VAL A N   1 
ATOM   272  C CA  . VAL A 1 33  ? -0.634  -4.525  0.355   1.00 6.50  ? 33  VAL A CA  1 
ATOM   273  C C   . VAL A 1 33  ? -1.645  -5.669  0.288   1.00 7.58  ? 33  VAL A C   1 
ATOM   274  O O   . VAL A 1 33  ? -1.609  -6.603  1.088   1.00 8.61  ? 33  VAL A O   1 
ATOM   275  C CB  . VAL A 1 33  ? 0.701   -4.915  -0.334  1.00 5.07  ? 33  VAL A CB  1 
ATOM   276  C CG1 . VAL A 1 33  ? 0.456   -5.279  -1.788  1.00 7.93  ? 33  VAL A CG1 1 
ATOM   277  C CG2 . VAL A 1 33  ? 1.709   -3.746  -0.241  1.00 6.99  ? 33  VAL A CG2 1 
ATOM   278  N N   . ARG A 1 34  ? -2.603  -5.558  -0.610  1.00 7.84  ? 34  ARG A N   1 
ATOM   279  C CA  . ARG A 1 34  ? -3.660  -6.560  -0.737  1.00 6.58  ? 34  ARG A CA  1 
ATOM   280  C C   . ARG A 1 34  ? -3.969  -6.750  -2.236  1.00 7.81  ? 34  ARG A C   1 
ATOM   281  O O   . ARG A 1 34  ? -3.353  -6.104  -3.094  1.00 7.90  ? 34  ARG A O   1 
ATOM   282  C CB  . ARG A 1 34  ? -4.915  -6.053  -0.012  1.00 6.38  ? 34  ARG A CB  1 
ATOM   283  C CG  . ARG A 1 34  ? -5.376  -4.647  -0.476  1.00 6.48  ? 34  ARG A CG  1 
ATOM   284  C CD  . ARG A 1 34  ? -6.686  -4.222  0.167   1.00 6.49  ? 34  ARG A CD  1 
ATOM   285  N NE  . ARG A 1 34  ? -7.105  -2.865  -0.218  1.00 6.05  ? 34  ARG A NE  1 
ATOM   286  C CZ  . ARG A 1 34  ? -7.829  -2.562  -1.302  1.00 8.54  ? 34  ARG A CZ  1 
ATOM   287  N NH1 . ARG A 1 34  ? -8.154  -1.304  -1.550  1.00 9.46  ? 34  ARG A NH1 1 
ATOM   288  N NH2 . ARG A 1 34  ? -8.262  -3.507  -2.121  1.00 8.82  ? 34  ARG A NH2 1 
ATOM   289  N N   . GLU A 1 35  ? -4.869  -7.673  -2.550  1.00 7.64  ? 35  GLU A N   1 
ATOM   290  C CA  . GLU A 1 35  ? -5.255  -7.874  -3.927  1.00 8.71  ? 35  GLU A CA  1 
ATOM   291  C C   . GLU A 1 35  ? -6.153  -6.720  -4.347  1.00 9.43  ? 35  GLU A C   1 
ATOM   292  O O   . GLU A 1 35  ? -6.841  -6.113  -3.520  1.00 9.23  ? 35  GLU A O   1 
ATOM   293  C CB  . GLU A 1 35  ? -6.074  -9.143  -4.076  1.00 11.01 ? 35  GLU A CB  1 
ATOM   294  C CG  . GLU A 1 35  ? -5.265  -10.405 -4.184  1.00 15.78 ? 35  GLU A CG  1 
ATOM   295  C CD  . GLU A 1 35  ? -6.161  -11.637 -4.284  1.00 20.28 ? 35  GLU A CD  1 
ATOM   296  O OE1 . GLU A 1 35  ? -5.694  -12.728 -3.932  1.00 25.58 ? 35  GLU A OE1 1 
ATOM   297  O OE2 . GLU A 1 35  ? -7.333  -11.522 -4.699  1.00 17.50 ? 35  GLU A OE2 1 
ATOM   298  N N   . SER A 1 36  ? -6.103  -6.386  -5.631  1.00 10.21 ? 36  SER A N   1 
ATOM   299  C CA  . SER A 1 36  ? -6.964  -5.352  -6.185  1.00 10.62 ? 36  SER A CA  1 
ATOM   300  C C   . SER A 1 36  ? -8.383  -5.964  -6.263  1.00 11.49 ? 36  SER A C   1 
ATOM   301  O O   . SER A 1 36  ? -8.524  -7.137  -6.617  1.00 11.18 ? 36  SER A O   1 
ATOM   302  C CB  . SER A 1 36  ? -6.478  -4.987  -7.610  1.00 12.14 ? 36  SER A CB  1 
ATOM   303  O OG  . SER A 1 36  ? -7.518  -4.403  -8.391  1.00 12.79 ? 36  SER A OG  1 
ATOM   304  N N   . GLU A 1 37  ? -9.421  -5.188  -5.962  1.00 10.68 ? 37  GLU A N   1 
ATOM   305  C CA  . GLU A 1 37  ? -10.772 -5.729  -6.061  1.00 15.07 ? 37  GLU A CA  1 
ATOM   306  C C   . GLU A 1 37  ? -11.203 -5.975  -7.504  1.00 18.26 ? 37  GLU A C   1 
ATOM   307  O O   . GLU A 1 37  ? -11.829 -7.013  -7.801  1.00 20.30 ? 37  GLU A O   1 
ATOM   308  C CB  . GLU A 1 37  ? -11.810 -4.825  -5.399  1.00 12.33 ? 37  GLU A CB  1 
ATOM   309  C CG  . GLU A 1 37  ? -11.837 -4.947  -3.892  1.00 10.33 ? 37  GLU A CG  1 
ATOM   310  C CD  . GLU A 1 37  ? -13.042 -4.281  -3.270  1.00 11.66 ? 37  GLU A CD  1 
ATOM   311  O OE1 . GLU A 1 37  ? -13.957 -3.860  -4.004  1.00 11.94 ? 37  GLU A OE1 1 
ATOM   312  O OE2 . GLU A 1 37  ? -13.090 -4.197  -2.033  1.00 9.14  ? 37  GLU A OE2 1 
ATOM   313  N N   . THR A 1 38  ? -10.822 -5.081  -8.412  1.00 20.54 ? 38  THR A N   1 
ATOM   314  C CA  . THR A 1 38  ? -11.271 -5.276  -9.779  1.00 23.70 ? 38  THR A CA  1 
ATOM   315  C C   . THR A 1 38  ? -10.253 -5.351  -10.932 1.00 23.65 ? 38  THR A C   1 
ATOM   316  O O   . THR A 1 38  ? -10.628 -5.358  -12.111 1.00 24.16 ? 38  THR A O   1 
ATOM   317  C CB  . THR A 1 38  ? -12.459 -4.315  -10.090 1.00 26.90 ? 38  THR A CB  1 
ATOM   318  O OG1 . THR A 1 38  ? -12.069 -2.953  -9.820  1.00 31.32 ? 38  THR A OG1 1 
ATOM   319  C CG2 . THR A 1 38  ? -13.727 -4.706  -9.214  1.00 26.00 ? 38  THR A CG2 1 
ATOM   320  N N   . THR A 1 39  ? -8.976  -5.454  -10.616 1.00 22.52 ? 39  THR A N   1 
ATOM   321  C CA  . THR A 1 39  ? -8.011  -5.568  -11.695 1.00 22.65 ? 39  THR A CA  1 
ATOM   322  C C   . THR A 1 39  ? -7.235  -6.847  -11.550 1.00 24.02 ? 39  THR A C   1 
ATOM   323  O O   . THR A 1 39  ? -6.428  -7.004  -10.620 1.00 22.60 ? 39  THR A O   1 
ATOM   324  C CB  . THR A 1 39  ? -7.027  -4.393  -11.757 1.00 22.53 ? 39  THR A CB  1 
ATOM   325  O OG1 . THR A 1 39  ? -7.755  -3.167  -11.872 1.00 25.96 ? 39  THR A OG1 1 
ATOM   326  C CG2 . THR A 1 39  ? -6.105  -4.539  -12.961 1.00 21.07 ? 39  THR A CG2 1 
ATOM   327  N N   . LYS A 1 40  ? -7.482  -7.773  -12.470 1.00 24.75 ? 40  LYS A N   1 
ATOM   328  C CA  . LYS A 1 40  ? -6.781  -9.037  -12.448 1.00 26.99 ? 40  LYS A CA  1 
ATOM   329  C C   . LYS A 1 40  ? -5.287  -8.737  -12.634 1.00 26.66 ? 40  LYS A C   1 
ATOM   330  O O   . LYS A 1 40  ? -4.900  -7.772  -13.324 1.00 27.35 ? 40  LYS A O   1 
ATOM   331  C CB  . LYS A 1 40  ? -7.304  -9.988  -13.545 1.00 30.68 ? 40  LYS A CB  1 
ATOM   332  C CG  . LYS A 1 40  ? -6.892  -9.635  -14.972 1.00 37.16 ? 40  LYS A CG  1 
ATOM   333  C CD  . LYS A 1 40  ? -7.458  -8.302  -15.436 1.00 45.02 ? 40  LYS A CD  1 
ATOM   334  C CE  . LYS A 1 40  ? -6.456  -7.598  -16.346 1.00 47.81 ? 40  LYS A CE  1 
ATOM   335  N NZ  . LYS A 1 40  ? -6.400  -6.123  -16.072 1.00 51.56 ? 40  LYS A NZ  1 
ATOM   336  N N   . GLY A 1 41  ? -4.465  -9.499  -11.924 1.00 26.14 ? 41  GLY A N   1 
ATOM   337  C CA  . GLY A 1 41  ? -3.026  -9.322  -11.996 1.00 25.17 ? 41  GLY A CA  1 
ATOM   338  C C   . GLY A 1 41  ? -2.510  -8.108  -11.239 1.00 23.98 ? 41  GLY A C   1 
ATOM   339  O O   . GLY A 1 41  ? -1.298  -7.912  -11.200 1.00 25.59 ? 41  GLY A O   1 
ATOM   340  N N   . ALA A 1 42  ? -3.396  -7.334  -10.595 1.00 21.62 ? 42  ALA A N   1 
ATOM   341  C CA  . ALA A 1 42  ? -2.975  -6.127  -9.867  1.00 17.77 ? 42  ALA A CA  1 
ATOM   342  C C   . ALA A 1 42  ? -3.128  -6.195  -8.341  1.00 16.40 ? 42  ALA A C   1 
ATOM   343  O O   . ALA A 1 42  ? -3.890  -7.004  -7.811  1.00 16.55 ? 42  ALA A O   1 
ATOM   344  C CB  . ALA A 1 42  ? -3.694  -4.906  -10.417 1.00 14.21 ? 42  ALA A CB  1 
ATOM   345  N N   . TYR A 1 43  ? -2.350  -5.376  -7.635  1.00 14.47 ? 43  TYR A N   1 
ATOM   346  C CA  . TYR A 1 43  ? -2.392  -5.326  -6.169  1.00 11.54 ? 43  TYR A CA  1 
ATOM   347  C C   . TYR A 1 43  ? -2.790  -3.917  -5.775  1.00 9.99  ? 43  TYR A C   1 
ATOM   348  O O   . TYR A 1 43  ? -2.865  -3.024  -6.630  1.00 9.56  ? 43  TYR A O   1 
ATOM   349  C CB  . TYR A 1 43  ? -1.008  -5.635  -5.574  1.00 12.93 ? 43  TYR A CB  1 
ATOM   350  C CG  . TYR A 1 43  ? -0.454  -6.986  -5.961  1.00 15.93 ? 43  TYR A CG  1 
ATOM   351  C CD1 . TYR A 1 43  ? 0.542   -7.100  -6.937  1.00 19.58 ? 43  TYR A CD1 1 
ATOM   352  C CD2 . TYR A 1 43  ? -0.954  -8.157  -5.380  1.00 18.97 ? 43  TYR A CD2 1 
ATOM   353  C CE1 . TYR A 1 43  ? 1.027   -8.341  -7.334  1.00 23.47 ? 43  TYR A CE1 1 
ATOM   354  C CE2 . TYR A 1 43  ? -0.482  -9.404  -5.765  1.00 22.29 ? 43  TYR A CE2 1 
ATOM   355  C CZ  . TYR A 1 43  ? 0.507   -9.490  -6.747  1.00 26.16 ? 43  TYR A CZ  1 
ATOM   356  O OH  . TYR A 1 43  ? 0.952   -10.734 -7.165  1.00 31.46 ? 43  TYR A OH  1 
ATOM   357  N N   . CYS A 1 44  ? -3.026  -3.696  -4.490  1.00 7.85  ? 44  CYS A N   1 
ATOM   358  C CA  . CYS A 1 44  ? -3.380  -2.377  -4.049  1.00 7.24  ? 44  CYS A CA  1 
ATOM   359  C C   . CYS A 1 44  ? -2.635  -2.054  -2.776  1.00 7.31  ? 44  CYS A C   1 
ATOM   360  O O   . CYS A 1 44  ? -2.527  -2.915  -1.905  1.00 6.35  ? 44  CYS A O   1 
ATOM   361  C CB  . CYS A 1 44  ? -4.883  -2.292  -3.820  1.00 9.35  ? 44  CYS A CB  1 
ATOM   362  S SG  . CYS A 1 44  ? -5.406  -0.697  -3.275  1.00 19.78 ? 44  CYS A SG  1 
ATOM   363  N N   . LEU A 1 45  ? -2.025  -0.879  -2.720  1.00 5.10  ? 45  LEU A N   1 
ATOM   364  C CA  . LEU A 1 45  ? -1.317  -0.418  -1.525  1.00 5.80  ? 45  LEU A CA  1 
ATOM   365  C C   . LEU A 1 45  ? -2.267  0.510   -0.745  1.00 6.62  ? 45  LEU A C   1 
ATOM   366  O O   . LEU A 1 45  ? -2.680  1.549   -1.256  1.00 6.53  ? 45  LEU A O   1 
ATOM   367  C CB  . LEU A 1 45  ? -0.040  0.327   -1.914  1.00 5.67  ? 45  LEU A CB  1 
ATOM   368  C CG  . LEU A 1 45  ? 0.708   1.069   -0.798  1.00 6.49  ? 45  LEU A CG  1 
ATOM   369  C CD1 . LEU A 1 45  ? 1.293   0.059   0.182   1.00 7.50  ? 45  LEU A CD1 1 
ATOM   370  C CD2 . LEU A 1 45  ? 1.843   1.940   -1.419  1.00 10.01 ? 45  LEU A CD2 1 
ATOM   371  N N   . SER A 1 46  ? -2.648  0.119   0.466   1.00 4.76  ? 46  SER A N   1 
ATOM   372  C CA  . SER A 1 46  ? -3.544  0.938   1.270   1.00 5.38  ? 46  SER A CA  1 
ATOM   373  C C   . SER A 1 46  ? -2.743  1.594   2.373   1.00 6.04  ? 46  SER A C   1 
ATOM   374  O O   . SER A 1 46  ? -1.992  0.911   3.087   1.00 5.83  ? 46  SER A O   1 
ATOM   375  C CB  . SER A 1 46  ? -4.693  0.085   1.791   1.00 7.04  ? 46  SER A CB  1 
ATOM   376  O OG  . SER A 1 46  ? -5.475  -0.358  0.681   1.00 4.76  ? 46  SER A OG  1 
ATOM   377  N N   . VAL A 1 47  ? -2.896  2.912   2.512   1.00 5.60  ? 47  VAL A N   1 
ATOM   378  C CA  . VAL A 1 47  ? -2.070  3.693   3.459   1.00 6.29  ? 47  VAL A CA  1 
ATOM   379  C C   . VAL A 1 47  ? -2.866  4.644   4.329   1.00 6.76  ? 47  VAL A C   1 
ATOM   380  O O   . VAL A 1 47  ? -3.814  5.294   3.848   1.00 6.57  ? 47  VAL A O   1 
ATOM   381  C CB  . VAL A 1 47  ? -0.991  4.539   2.648   1.00 4.41  ? 47  VAL A CB  1 
ATOM   382  C CG1 . VAL A 1 47  ? 0.033   5.194   3.579   1.00 6.13  ? 47  VAL A CG1 1 
ATOM   383  C CG2 . VAL A 1 47  ? -0.296  3.674   1.617   1.00 4.93  ? 47  VAL A CG2 1 
ATOM   384  N N   . SER A 1 48  ? -2.485  4.755   5.604   1.00 5.67  ? 48  SER A N   1 
ATOM   385  C CA  . SER A 1 48  ? -3.184  5.691   6.479   1.00 6.89  ? 48  SER A CA  1 
ATOM   386  C C   . SER A 1 48  ? -2.501  7.067   6.404   1.00 7.47  ? 48  SER A C   1 
ATOM   387  O O   . SER A 1 48  ? -1.273  7.174   6.125   1.00 6.96  ? 48  SER A O   1 
ATOM   388  C CB  . SER A 1 48  ? -3.250  5.178   7.934   1.00 6.63  ? 48  SER A CB  1 
ATOM   389  O OG  . SER A 1 48  ? -2.020  5.315   8.598   1.00 6.61  ? 48  SER A OG  1 
ATOM   390  N N   . ASP A 1 49  ? -3.326  8.107   6.579   1.00 8.45  ? 49  ASP A N   1 
ATOM   391  C CA  . ASP A 1 49  ? -2.878  9.498   6.589   1.00 7.98  ? 49  ASP A CA  1 
ATOM   392  C C   . ASP A 1 49  ? -3.600  10.210  7.719   1.00 9.01  ? 49  ASP A C   1 
ATOM   393  O O   . ASP A 1 49  ? -4.550  9.672   8.298   1.00 8.73  ? 49  ASP A O   1 
ATOM   394  C CB  . ASP A 1 49  ? -3.216  10.203  5.279   1.00 10.36 ? 49  ASP A CB  1 
ATOM   395  C CG  . ASP A 1 49  ? -2.383  11.482  5.065   1.00 18.48 ? 49  ASP A CG  1 
ATOM   396  O OD1 . ASP A 1 49  ? -1.479  11.800  5.877   1.00 19.10 ? 49  ASP A OD1 1 
ATOM   397  O OD2 . ASP A 1 49  ? -2.597  12.165  4.046   1.00 15.55 ? 49  ASP A OD2 1 
ATOM   398  N N   . PHE A 1 50  ? -3.146  11.414  8.047   1.00 9.36  ? 50  PHE A N   1 
ATOM   399  C CA  . PHE A 1 50  ? -3.798  12.188  9.087   1.00 11.16 ? 50  PHE A CA  1 
ATOM   400  C C   . PHE A 1 50  ? -3.515  13.651  8.892   1.00 11.23 ? 50  PHE A C   1 
ATOM   401  O O   . PHE A 1 50  ? -2.369  14.016  8.636   1.00 11.83 ? 50  PHE A O   1 
ATOM   402  C CB  . PHE A 1 50  ? -3.312  11.787  10.502  1.00 12.34 ? 50  PHE A CB  1 
ATOM   403  C CG  . PHE A 1 50  ? -3.972  12.593  11.620  1.00 9.45  ? 50  PHE A CG  1 
ATOM   404  C CD1 . PHE A 1 50  ? -3.437  13.833  12.021  1.00 12.67 ? 50  PHE A CD1 1 
ATOM   405  C CD2 . PHE A 1 50  ? -5.153  12.153  12.215  1.00 11.59 ? 50  PHE A CD2 1 
ATOM   406  C CE1 . PHE A 1 50  ? -4.087  14.628  13.009  1.00 10.44 ? 50  PHE A CE1 1 
ATOM   407  C CE2 . PHE A 1 50  ? -5.805  12.933  13.198  1.00 13.68 ? 50  PHE A CE2 1 
ATOM   408  C CZ  . PHE A 1 50  ? -5.258  14.177  13.587  1.00 11.86 ? 50  PHE A CZ  1 
ATOM   409  N N   . ASP A 1 51  ? -4.561  14.478  8.961   1.00 12.17 ? 51  ASP A N   1 
ATOM   410  C CA  . ASP A 1 51  ? -4.398  15.932  8.885   1.00 12.11 ? 51  ASP A CA  1 
ATOM   411  C C   . ASP A 1 51  ? -5.523  16.621  9.653   1.00 13.06 ? 51  ASP A C   1 
ATOM   412  O O   . ASP A 1 51  ? -6.491  15.966  10.060  1.00 12.98 ? 51  ASP A O   1 
ATOM   413  C CB  . ASP A 1 51  ? -4.136  16.496  7.463   1.00 13.95 ? 51  ASP A CB  1 
ATOM   414  C CG  . ASP A 1 51  ? -5.337  16.447  6.543   1.00 14.71 ? 51  ASP A CG  1 
ATOM   415  O OD1 . ASP A 1 51  ? -5.172  16.169  5.331   1.00 15.47 ? 51  ASP A OD1 1 
ATOM   416  O OD2 . ASP A 1 51  ? -6.431  16.745  7.013   1.00 16.30 ? 51  ASP A OD2 1 
ATOM   417  N N   . ASN A 1 52  ? -5.380  17.928  9.877   1.00 14.48 ? 52  ASN A N   1 
ATOM   418  C CA  . ASN A 1 52  ? -6.357  18.687  10.665  1.00 15.91 ? 52  ASN A CA  1 
ATOM   419  C C   . ASN A 1 52  ? -7.664  18.911  9.919   1.00 16.88 ? 52  ASN A C   1 
ATOM   420  O O   . ASN A 1 52  ? -8.666  19.275  10.532  1.00 18.55 ? 52  ASN A O   1 
ATOM   421  C CB  . ASN A 1 52  ? -5.772  20.041  11.140  1.00 17.16 ? 52  ASN A CB  1 
ATOM   422  C CG  . ASN A 1 52  ? -4.696  19.887  12.226  1.00 18.17 ? 52  ASN A CG  1 
ATOM   423  O OD1 . ASN A 1 52  ? -4.606  18.858  12.893  1.00 17.96 ? 52  ASN A OD1 1 
ATOM   424  N ND2 . ASN A 1 52  ? -3.875  20.915  12.391  1.00 17.46 ? 52  ASN A ND2 1 
ATOM   425  N N   . ALA A 1 53  ? -7.638  18.744  8.595   1.00 16.99 ? 53  ALA A N   1 
ATOM   426  C CA  . ALA A 1 53  ? -8.846  18.897  7.781   1.00 17.23 ? 53  ALA A CA  1 
ATOM   427  C C   . ALA A 1 53  ? -9.689  17.610  7.775   1.00 16.48 ? 53  ALA A C   1 
ATOM   428  O O   . ALA A 1 53  ? -10.871 17.613  8.101   1.00 17.45 ? 53  ALA A O   1 
ATOM   429  C CB  . ALA A 1 53  ? -8.482  19.291  6.340   1.00 15.62 ? 53  ALA A CB  1 
ATOM   430  N N   . LYS A 1 54  ? -9.050  16.502  7.466   1.00 15.26 ? 54  LYS A N   1 
ATOM   431  C CA  . LYS A 1 54  ? -9.731  15.231  7.366   1.00 14.93 ? 54  LYS A CA  1 
ATOM   432  C C   . LYS A 1 54  ? -9.592  14.353  8.585   1.00 13.68 ? 54  LYS A C   1 
ATOM   433  O O   . LYS A 1 54  ? -10.367 13.413  8.739   1.00 14.47 ? 54  LYS A O   1 
ATOM   434  C CB  . LYS A 1 54  ? -9.182  14.444  6.174   1.00 14.09 ? 54  LYS A CB  1 
ATOM   435  C CG  . LYS A 1 54  ? -9.401  15.083  4.838   1.00 18.93 ? 54  LYS A CG  1 
ATOM   436  C CD  . LYS A 1 54  ? -8.905  14.145  3.750   1.00 22.43 ? 54  LYS A CD  1 
ATOM   437  C CE  . LYS A 1 54  ? -9.099  14.747  2.373   1.00 22.39 ? 54  LYS A CE  1 
ATOM   438  N NZ  . LYS A 1 54  ? -9.742  13.791  1.436   1.00 23.06 ? 54  LYS A NZ  1 
ATOM   439  N N   . GLY A 1 55  ? -8.582  14.615  9.411   1.00 13.13 ? 55  GLY A N   1 
ATOM   440  C CA  . GLY A 1 55  ? -8.352  13.749  10.554  1.00 12.10 ? 55  GLY A CA  1 
ATOM   441  C C   . GLY A 1 55  ? -7.730  12.467  10.005  1.00 10.25 ? 55  GLY A C   1 
ATOM   442  O O   . GLY A 1 55  ? -7.056  12.520  8.973   1.00 8.89  ? 55  GLY A O   1 
ATOM   443  N N   . LEU A 1 56  ? -8.004  11.321  10.643  1.00 9.33  ? 56  LEU A N   1 
ATOM   444  C CA  . LEU A 1 56  ? -7.450  10.025  10.215  1.00 10.56 ? 56  LEU A CA  1 
ATOM   445  C C   . LEU A 1 56  ? -8.188  9.536   8.956   1.00 10.15 ? 56  LEU A C   1 
ATOM   446  O O   . LEU A 1 56  ? -9.416  9.508   8.943   1.00 10.38 ? 56  LEU A O   1 
ATOM   447  C CB  . LEU A 1 56  ? -7.574  8.992   11.356  1.00 13.62 ? 56  LEU A CB  1 
ATOM   448  C CG  . LEU A 1 56  ? -7.007  7.575   11.161  1.00 12.54 ? 56  LEU A CG  1 
ATOM   449  C CD1 . LEU A 1 56  ? -5.539  7.597   10.926  1.00 13.45 ? 56  LEU A CD1 1 
ATOM   450  C CD2 . LEU A 1 56  ? -7.317  6.714   12.354  1.00 17.31 ? 56  LEU A CD2 1 
ATOM   451  N N   . ASN A 1 57  ? -7.458  9.220   7.884   1.00 8.13  ? 57  ASN A N   1 
ATOM   452  C CA  . ASN A 1 57  ? -8.104  8.775   6.650   1.00 9.17  ? 57  ASN A CA  1 
ATOM   453  C C   . ASN A 1 57  ? -7.216  7.790   5.894   1.00 8.91  ? 57  ASN A C   1 
ATOM   454  O O   . ASN A 1 57  ? -6.036  7.636   6.230   1.00 8.03  ? 57  ASN A O   1 
ATOM   455  C CB  . ASN A 1 57  ? -8.504  9.987   5.773   1.00 9.04  ? 57  ASN A CB  1 
ATOM   456  C CG  . ASN A 1 57  ? -7.306  10.786  5.296   1.00 10.82 ? 57  ASN A CG  1 
ATOM   457  O OD1 . ASN A 1 57  ? -6.854  10.641  4.149   1.00 15.35 ? 57  ASN A OD1 1 
ATOM   458  N ND2 . ASN A 1 57  ? -6.760  11.602  6.176   1.00 10.09 ? 57  ASN A ND2 1 
ATOM   459  N N   . VAL A 1 58  ? -7.760  7.167   4.848   1.00 7.61  ? 58  VAL A N   1 
ATOM   460  C CA  . VAL A 1 58  ? -7.043  6.130   4.106   1.00 6.62  ? 58  VAL A CA  1 
ATOM   461  C C   . VAL A 1 58  ? -7.033  6.363   2.592   1.00 7.11  ? 58  VAL A C   1 
ATOM   462  O O   . VAL A 1 58  ? -8.059  6.732   2.015   1.00 7.16  ? 58  VAL A O   1 
ATOM   463  C CB  . VAL A 1 58  ? -7.721  4.743   4.365   1.00 6.88  ? 58  VAL A CB  1 
ATOM   464  C CG1 . VAL A 1 58  ? -7.047  3.626   3.571   1.00 5.70  ? 58  VAL A CG1 1 
ATOM   465  C CG2 . VAL A 1 58  ? -7.718  4.428   5.835   1.00 6.65  ? 58  VAL A CG2 1 
ATOM   466  N N   . LYS A 1 59  ? -5.882  6.119   1.968   1.00 6.12  ? 59  LYS A N   1 
ATOM   467  C CA  . LYS A 1 59  ? -5.727  6.247   0.520   1.00 6.65  ? 59  LYS A CA  1 
ATOM   468  C C   . LYS A 1 59  ? -5.352  4.874   -0.057  1.00 7.00  ? 59  LYS A C   1 
ATOM   469  O O   . LYS A 1 59  ? -4.715  4.059   0.619   1.00 6.86  ? 59  LYS A O   1 
ATOM   470  C CB  . LYS A 1 59  ? -4.633  7.268   0.171   1.00 7.14  ? 59  LYS A CB  1 
ATOM   471  C CG  . LYS A 1 59  ? -4.972  8.731   0.478   1.00 10.31 ? 59  LYS A CG  1 
ATOM   472  C CD  . LYS A 1 59  ? -6.078  9.239   -0.459  1.00 17.25 ? 59  LYS A CD  1 
ATOM   473  C CE  . LYS A 1 59  ? -6.309  10.743  -0.266  1.00 26.32 ? 59  LYS A CE  1 
ATOM   474  N NZ  . LYS A 1 59  ? -7.643  11.276  -0.747  1.00 29.69 ? 59  LYS A NZ  1 
ATOM   475  N N   . HIS A 1 60  ? -5.770  4.621   -1.294  1.00 4.54  ? 60  HIS A N   1 
ATOM   476  C CA  . HIS A 1 60  ? -5.488  3.370   -1.964  1.00 5.42  ? 60  HIS A CA  1 
ATOM   477  C C   . HIS A 1 60  ? -4.788  3.669   -3.289  1.00 6.46  ? 60  HIS A C   1 
ATOM   478  O O   . HIS A 1 60  ? -5.220  4.583   -4.011  1.00 7.14  ? 60  HIS A O   1 
ATOM   479  C CB  . HIS A 1 60  ? -6.798  2.621   -2.228  1.00 4.49  ? 60  HIS A CB  1 
ATOM   480  C CG  . HIS A 1 60  ? -7.638  2.450   -1.003  1.00 4.78  ? 60  HIS A CG  1 
ATOM   481  N ND1 . HIS A 1 60  ? -7.422  1.437   -0.100  1.00 5.40  ? 60  HIS A ND1 1 
ATOM   482  C CD2 . HIS A 1 60  ? -8.675  3.171   -0.520  1.00 7.11  ? 60  HIS A CD2 1 
ATOM   483  C CE1 . HIS A 1 60  ? -8.297  1.537   0.887   1.00 6.28  ? 60  HIS A CE1 1 
ATOM   484  N NE2 . HIS A 1 60  ? -9.067  2.584   0.663   1.00 5.57  ? 60  HIS A NE2 1 
ATOM   485  N N   . TYR A 1 61  ? -3.727  2.923   -3.588  1.00 6.00  ? 61  TYR A N   1 
ATOM   486  C CA  . TYR A 1 61  ? -2.919  3.086   -4.809  1.00 6.48  ? 61  TYR A CA  1 
ATOM   487  C C   . TYR A 1 61  ? -2.752  1.736   -5.530  1.00 7.34  ? 61  TYR A C   1 
ATOM   488  O O   . TYR A 1 61  ? -2.238  0.765   -4.973  1.00 5.08  ? 61  TYR A O   1 
ATOM   489  C CB  . TYR A 1 61  ? -1.520  3.646   -4.461  1.00 4.24  ? 61  TYR A CB  1 
ATOM   490  C CG  . TYR A 1 61  ? -1.572  4.906   -3.614  1.00 5.78  ? 61  TYR A CG  1 
ATOM   491  C CD1 . TYR A 1 61  ? -1.467  4.844   -2.205  1.00 6.92  ? 61  TYR A CD1 1 
ATOM   492  C CD2 . TYR A 1 61  ? -1.756  6.160   -4.197  1.00 3.77  ? 61  TYR A CD2 1 
ATOM   493  C CE1 . TYR A 1 61  ? -1.546  5.983   -1.424  1.00 4.20  ? 61  TYR A CE1 1 
ATOM   494  C CE2 . TYR A 1 61  ? -1.839  7.320   -3.413  1.00 7.32  ? 61  TYR A CE2 1 
ATOM   495  C CZ  . TYR A 1 61  ? -1.732  7.217   -2.034  1.00 5.76  ? 61  TYR A CZ  1 
ATOM   496  O OH  . TYR A 1 61  ? -1.801  8.335   -1.261  1.00 6.05  ? 61  TYR A OH  1 
ATOM   497  N N   . LYS A 1 62  ? -3.184  1.672   -6.780  1.00 6.96  ? 62  LYS A N   1 
ATOM   498  C CA  . LYS A 1 62  ? -3.064  0.435   -7.517  1.00 6.88  ? 62  LYS A CA  1 
ATOM   499  C C   . LYS A 1 62  ? -1.612  0.162   -7.927  1.00 7.37  ? 62  LYS A C   1 
ATOM   500  O O   . LYS A 1 62  ? -0.892  1.056   -8.354  1.00 6.95  ? 62  LYS A O   1 
ATOM   501  C CB  . LYS A 1 62  ? -3.995  0.447   -8.740  1.00 9.28  ? 62  LYS A CB  1 
ATOM   502  C CG  . LYS A 1 62  ? -4.054  -0.882  -9.470  1.00 15.22 ? 62  LYS A CG  1 
ATOM   503  C CD  . LYS A 1 62  ? -5.104  -0.892  -10.574 1.00 21.01 ? 62  LYS A CD  1 
ATOM   504  C CE  . LYS A 1 62  ? -6.485  -0.710  -9.988  1.00 24.99 ? 62  LYS A CE  1 
ATOM   505  N NZ  . LYS A 1 62  ? -7.554  -0.610  -11.024 1.00 31.17 ? 62  LYS A NZ  1 
ATOM   506  N N   . ILE A 1 63  ? -1.180  -1.075  -7.732  1.00 7.68  ? 63  ILE A N   1 
ATOM   507  C CA  . ILE A 1 63  ? 0.148   -1.495  -8.105  1.00 8.35  ? 63  ILE A CA  1 
ATOM   508  C C   . ILE A 1 63  ? 0.016   -2.433  -9.299  1.00 9.31  ? 63  ILE A C   1 
ATOM   509  O O   . ILE A 1 63  ? -0.661  -3.462  -9.221  1.00 8.01  ? 63  ILE A O   1 
ATOM   510  C CB  . ILE A 1 63  ? 0.865   -2.249  -6.948  1.00 7.67  ? 63  ILE A CB  1 
ATOM   511  C CG1 . ILE A 1 63  ? 1.075   -1.318  -5.744  1.00 7.85  ? 63  ILE A CG1 1 
ATOM   512  C CG2 . ILE A 1 63  ? 2.176   -2.835  -7.462  1.00 8.48  ? 63  ILE A CG2 1 
ATOM   513  C CD1 . ILE A 1 63  ? 1.714   -2.012  -4.520  1.00 6.57  ? 63  ILE A CD1 1 
ATOM   514  N N   . ARG A 1 64  ? 0.644   -2.056  -10.406 1.00 10.09 ? 64  ARG A N   1 
ATOM   515  C CA  . ARG A 1 64  ? 0.623   -2.857  -11.620 1.00 13.42 ? 64  ARG A CA  1 
ATOM   516  C C   . ARG A 1 64  ? 1.902   -3.710  -11.700 1.00 15.17 ? 64  ARG A C   1 
ATOM   517  O O   . ARG A 1 64  ? 2.982   -3.294  -11.284 1.00 12.77 ? 64  ARG A O   1 
ATOM   518  C CB  . ARG A 1 64  ? 0.529   -1.961  -12.880 1.00 17.67 ? 64  ARG A CB  1 
ATOM   519  C CG  . ARG A 1 64  ? -0.576  -0.887  -12.908 1.00 22.38 ? 64  ARG A CG  1 
ATOM   520  C CD  . ARG A 1 64  ? -1.961  -1.441  -12.575 1.00 30.33 ? 64  ARG A CD  1 
ATOM   521  N NE  . ARG A 1 64  ? -2.187  -2.824  -13.019 1.00 41.46 ? 64  ARG A NE  1 
ATOM   522  C CZ  . ARG A 1 64  ? -3.005  -3.202  -14.006 1.00 43.75 ? 64  ARG A CZ  1 
ATOM   523  N NH1 . ARG A 1 64  ? -3.707  -2.307  -14.703 1.00 42.66 ? 64  ARG A NH1 1 
ATOM   524  N NH2 . ARG A 1 64  ? -3.163  -4.502  -14.262 1.00 46.40 ? 64  ARG A NH2 1 
ATOM   525  N N   . LYS A 1 65  ? 1.757   -4.908  -12.248 1.00 17.72 ? 65  LYS A N   1 
ATOM   526  C CA  . LYS A 1 65  ? 2.864   -5.835  -12.418 1.00 21.08 ? 65  LYS A CA  1 
ATOM   527  C C   . LYS A 1 65  ? 2.845   -6.257  -13.896 1.00 24.07 ? 65  LYS A C   1 
ATOM   528  O O   . LYS A 1 65  ? 1.825   -6.778  -14.401 1.00 22.03 ? 65  LYS A O   1 
ATOM   529  C CB  . LYS A 1 65  ? 2.662   -7.032  -11.479 1.00 23.41 ? 65  LYS A CB  1 
ATOM   530  C CG  . LYS A 1 65  ? 3.079   -8.395  -12.019 1.00 30.55 ? 65  LYS A CG  1 
ATOM   531  C CD  . LYS A 1 65  ? 4.585   -8.545  -12.153 1.00 39.01 ? 65  LYS A CD  1 
ATOM   532  C CE  . LYS A 1 65  ? 4.961   -9.984  -12.571 1.00 45.33 ? 65  LYS A CE  1 
ATOM   533  N NZ  . LYS A 1 65  ? 4.643   -11.028 -11.517 1.00 49.41 ? 65  LYS A NZ  1 
ATOM   534  N N   . LEU A 1 66  ? 3.940   -5.959  -14.595 1.00 25.45 ? 66  LEU A N   1 
ATOM   535  C CA  . LEU A 1 66  ? 4.087   -6.302  -16.015 1.00 29.22 ? 66  LEU A CA  1 
ATOM   536  C C   . LEU A 1 66  ? 4.492   -7.784  -16.214 1.00 30.75 ? 66  LEU A C   1 
ATOM   537  O O   . LEU A 1 66  ? 5.170   -8.364  -15.368 1.00 29.88 ? 66  LEU A O   1 
ATOM   538  C CB  . LEU A 1 66  ? 5.161   -5.405  -16.651 1.00 30.01 ? 66  LEU A CB  1 
ATOM   539  C CG  . LEU A 1 66  ? 5.052   -3.870  -16.602 1.00 31.99 ? 66  LEU A CG  1 
ATOM   540  C CD1 . LEU A 1 66  ? 6.380   -3.257  -17.047 1.00 33.15 ? 66  LEU A CD1 1 
ATOM   541  C CD2 . LEU A 1 66  ? 3.908   -3.360  -17.470 1.00 33.73 ? 66  LEU A CD2 1 
ATOM   542  N N   . ASP A 1 67  ? 4.090   -8.396  -17.329 1.00 33.11 ? 67  ASP A N   1 
ATOM   543  C CA  . ASP A 1 67  ? 4.492   -9.784  -17.590 1.00 36.46 ? 67  ASP A CA  1 
ATOM   544  C C   . ASP A 1 67  ? 5.987   -9.730  -17.856 1.00 36.19 ? 67  ASP A C   1 
ATOM   545  O O   . ASP A 1 67  ? 6.722   -10.700 -17.661 1.00 36.94 ? 67  ASP A O   1 
ATOM   546  C CB  . ASP A 1 67  ? 3.752   -10.354 -18.805 1.00 44.63 ? 67  ASP A CB  1 
ATOM   547  C CG  . ASP A 1 67  ? 2.931   -11.598 -18.453 1.00 55.30 ? 67  ASP A CG  1 
ATOM   548  O OD1 . ASP A 1 67  ? 1.936   -11.472 -17.693 1.00 60.54 ? 67  ASP A OD1 1 
ATOM   549  O OD2 . ASP A 1 67  ? 3.293   -12.709 -18.916 1.00 63.31 ? 67  ASP A OD2 1 
ATOM   550  N N   . SER A 1 68  ? 6.400   -8.534  -18.257 1.00 36.30 ? 68  SER A N   1 
ATOM   551  C CA  . SER A 1 68  ? 7.775   -8.151  -18.544 1.00 36.75 ? 68  SER A CA  1 
ATOM   552  C C   . SER A 1 68  ? 8.566   -7.959  -17.222 1.00 36.02 ? 68  SER A C   1 
ATOM   553  O O   . SER A 1 68  ? 9.691   -7.440  -17.227 1.00 37.23 ? 68  SER A O   1 
ATOM   554  C CB  . SER A 1 68  ? 7.743   -6.844  -19.340 1.00 37.83 ? 68  SER A CB  1 
ATOM   555  O OG  . SER A 1 68  ? 6.469   -6.719  -19.969 1.00 40.14 ? 68  SER A OG  1 
ATOM   556  N N   . GLY A 1 69  ? 7.912   -8.264  -16.096 1.00 34.34 ? 69  GLY A N   1 
ATOM   557  C CA  . GLY A 1 69  ? 8.546   -8.206  -14.787 1.00 30.55 ? 69  GLY A CA  1 
ATOM   558  C C   . GLY A 1 69  ? 8.443   -7.019  -13.847 1.00 27.35 ? 69  GLY A C   1 
ATOM   559  O O   . GLY A 1 69  ? 8.509   -7.206  -12.629 1.00 28.28 ? 69  GLY A O   1 
ATOM   560  N N   . GLY A 1 70  ? 8.261   -5.817  -14.369 1.00 24.19 ? 70  GLY A N   1 
ATOM   561  C CA  . GLY A 1 70  ? 8.231   -4.670  -13.477 1.00 21.02 ? 70  GLY A CA  1 
ATOM   562  C C   . GLY A 1 70  ? 7.000   -4.429  -12.631 1.00 17.94 ? 70  GLY A C   1 
ATOM   563  O O   . GLY A 1 70  ? 5.902   -4.777  -13.054 1.00 18.91 ? 70  GLY A O   1 
ATOM   564  N N   . PHE A 1 71  ? 7.204   -3.872  -11.429 1.00 13.41 ? 71  PHE A N   1 
ATOM   565  C CA  . PHE A 1 71  ? 6.129   -3.492  -10.499 1.00 11.35 ? 71  PHE A CA  1 
ATOM   566  C C   . PHE A 1 71  ? 6.120   -1.964  -10.362 1.00 8.48  ? 71  PHE A C   1 
ATOM   567  O O   . PHE A 1 71  ? 7.180   -1.361  -10.177 1.00 7.42  ? 71  PHE A O   1 
ATOM   568  C CB  . PHE A 1 71  ? 6.373   -4.036  -9.084  1.00 12.52 ? 71  PHE A CB  1 
ATOM   569  C CG  . PHE A 1 71  ? 6.181   -5.509  -8.959  1.00 13.56 ? 71  PHE A CG  1 
ATOM   570  C CD1 . PHE A 1 71  ? 7.213   -6.386  -9.288  1.00 12.80 ? 71  PHE A CD1 1 
ATOM   571  C CD2 . PHE A 1 71  ? 4.971   -6.016  -8.494  1.00 12.59 ? 71  PHE A CD2 1 
ATOM   572  C CE1 . PHE A 1 71  ? 7.042   -7.759  -9.154  1.00 14.20 ? 71  PHE A CE1 1 
ATOM   573  C CE2 . PHE A 1 71  ? 4.785   -7.381  -8.353  1.00 16.97 ? 71  PHE A CE2 1 
ATOM   574  C CZ  . PHE A 1 71  ? 5.822   -8.257  -8.682  1.00 16.34 ? 71  PHE A CZ  1 
ATOM   575  N N   . TYR A 1 72  ? 4.948   -1.342  -10.397 1.00 5.70  ? 72  TYR A N   1 
ATOM   576  C CA  . TYR A 1 72  ? 4.909   0.104   -10.233 1.00 5.71  ? 72  TYR A CA  1 
ATOM   577  C C   . TYR A 1 72  ? 3.531   0.654   -9.899  1.00 4.81  ? 72  TYR A C   1 
ATOM   578  O O   . TYR A 1 72  ? 2.519   -0.023  -10.106 1.00 5.89  ? 72  TYR A O   1 
ATOM   579  C CB  . TYR A 1 72  ? 5.430   0.811   -11.503 1.00 5.43  ? 72  TYR A CB  1 
ATOM   580  C CG  . TYR A 1 72  ? 4.601   0.573   -12.751 1.00 6.71  ? 72  TYR A CG  1 
ATOM   581  C CD1 . TYR A 1 72  ? 3.426   1.307   -12.994 1.00 9.89  ? 72  TYR A CD1 1 
ATOM   582  C CD2 . TYR A 1 72  ? 4.951   -0.421  -13.652 1.00 12.90 ? 72  TYR A CD2 1 
ATOM   583  C CE1 . TYR A 1 72  ? 2.619   1.045   -14.114 1.00 11.04 ? 72  TYR A CE1 1 
ATOM   584  C CE2 . TYR A 1 72  ? 4.158   -0.696  -14.767 1.00 17.68 ? 72  TYR A CE2 1 
ATOM   585  C CZ  . TYR A 1 72  ? 2.996   0.037   -14.985 1.00 15.33 ? 72  TYR A CZ  1 
ATOM   586  O OH  . TYR A 1 72  ? 2.216   -0.283  -16.059 1.00 20.38 ? 72  TYR A OH  1 
ATOM   587  N N   . ILE A 1 73  ? 3.525   1.837   -9.292  1.00 5.02  ? 73  ILE A N   1 
ATOM   588  C CA  . ILE A 1 73  ? 2.304   2.576   -9.034  1.00 5.42  ? 73  ILE A CA  1 
ATOM   589  C C   . ILE A 1 73  ? 2.265   3.541   -10.234 1.00 7.15  ? 73  ILE A C   1 
ATOM   590  O O   . ILE A 1 73  ? 1.236   3.640   -10.898 1.00 8.78  ? 73  ILE A O   1 
ATOM   591  C CB  . ILE A 1 73  ? 2.328   3.333   -7.738  1.00 6.63  ? 73  ILE A CB  1 
ATOM   592  C CG1 . ILE A 1 73  ? 2.237   2.349   -6.571  1.00 7.97  ? 73  ILE A CG1 1 
ATOM   593  C CG2 . ILE A 1 73  ? 1.106   4.242   -7.672  1.00 8.46  ? 73  ILE A CG2 1 
ATOM   594  C CD1 . ILE A 1 73  ? 2.266   2.998   -5.219  1.00 11.30 ? 73  ILE A CD1 1 
ATOM   595  N N   . THR A 1 74  ? 3.368   4.253   -10.496 1.00 6.88  ? 74  THR A N   1 
ATOM   596  C CA  . THR A 1 74  ? 3.474   5.111   -11.687 1.00 6.80  ? 74  THR A CA  1 
ATOM   597  C C   . THR A 1 74  ? 4.503   4.469   -12.612 1.00 7.27  ? 74  THR A C   1 
ATOM   598  O O   . THR A 1 74  ? 5.574   4.041   -12.171 1.00 7.01  ? 74  THR A O   1 
ATOM   599  C CB  . THR A 1 74  ? 3.819   6.595   -11.403 1.00 6.67  ? 74  THR A CB  1 
ATOM   600  O OG1 . THR A 1 74  ? 4.091   7.260   -12.652 1.00 8.36  ? 74  THR A OG1 1 
ATOM   601  C CG2 . THR A 1 74  ? 4.987   6.743   -10.455 1.00 5.06  ? 74  THR A CG2 1 
ATOM   602  N N   . SER A 1 75  ? 4.176   4.396   -13.902 1.00 6.41  ? 75  SER A N   1 
ATOM   603  C CA  . SER A 1 75  ? 5.039   3.732   -14.866 1.00 7.72  ? 75  SER A CA  1 
ATOM   604  C C   . SER A 1 75  ? 6.387   4.394   -14.990 1.00 7.66  ? 75  SER A C   1 
ATOM   605  O O   . SER A 1 75  ? 7.322   3.792   -15.505 1.00 7.35  ? 75  SER A O   1 
ATOM   606  C CB  . SER A 1 75  ? 4.371   3.652   -16.248 1.00 10.74 ? 75  SER A CB  1 
ATOM   607  O OG  . SER A 1 75  ? 4.304   4.943   -16.832 1.00 9.67  ? 75  SER A OG  1 
ATOM   608  N N   . ARG A 1 76  ? 6.506   5.623   -14.495 1.00 7.91  ? 76  ARG A N   1 
ATOM   609  C CA  . ARG A 1 76  ? 7.792   6.290   -14.571 1.00 11.22 ? 76  ARG A CA  1 
ATOM   610  C C   . ARG A 1 76  ? 8.754   5.834   -13.480 1.00 11.73 ? 76  ARG A C   1 
ATOM   611  O O   . ARG A 1 76  ? 9.962   6.067   -13.607 1.00 12.39 ? 76  ARG A O   1 
ATOM   612  C CB  . ARG A 1 76  ? 7.609   7.790   -14.534 1.00 18.28 ? 76  ARG A CB  1 
ATOM   613  C CG  . ARG A 1 76  ? 6.512   8.223   -15.512 1.00 31.43 ? 76  ARG A CG  1 
ATOM   614  C CD  . ARG A 1 76  ? 6.982   9.229   -16.564 1.00 41.54 ? 76  ARG A CD  1 
ATOM   615  N NE  . ARG A 1 76  ? 5.933   10.228  -16.793 1.00 49.96 ? 76  ARG A NE  1 
ATOM   616  C CZ  . ARG A 1 76  ? 5.861   11.063  -17.830 1.00 51.69 ? 76  ARG A CZ  1 
ATOM   617  N NH1 . ARG A 1 76  ? 6.785   11.049  -18.784 1.00 53.40 ? 76  ARG A NH1 1 
ATOM   618  N NH2 . ARG A 1 76  ? 4.847   11.919  -17.910 1.00 52.35 ? 76  ARG A NH2 1 
ATOM   619  N N   . THR A 1 77  ? 8.249   5.072   -12.502 1.00 9.23  ? 77  THR A N   1 
ATOM   620  C CA  . THR A 1 77  ? 9.062   4.616   -11.368 1.00 8.74  ? 77  THR A CA  1 
ATOM   621  C C   . THR A 1 77  ? 8.774   3.142   -11.078 1.00 7.71  ? 77  THR A C   1 
ATOM   622  O O   . THR A 1 77  ? 7.893   2.794   -10.294 1.00 8.23  ? 77  THR A O   1 
ATOM   623  C CB  . THR A 1 77  ? 8.764   5.525   -10.149 1.00 9.66  ? 77  THR A CB  1 
ATOM   624  O OG1 . THR A 1 77  ? 8.890   6.906   -10.560 1.00 11.36 ? 77  THR A OG1 1 
ATOM   625  C CG2 . THR A 1 77  ? 9.717   5.240   -8.977  1.00 6.57  ? 77  THR A CG2 1 
ATOM   626  N N   . GLN A 1 78  ? 9.570   2.281   -11.701 1.00 7.64  ? 78  GLN A N   1 
ATOM   627  C CA  . GLN A 1 78  ? 9.382   0.835   -11.611 1.00 6.38  ? 78  GLN A CA  1 
ATOM   628  C C   . GLN A 1 78  ? 10.432  0.140   -10.795 1.00 7.16  ? 78  GLN A C   1 
ATOM   629  O O   . GLN A 1 78  ? 11.526  0.685   -10.590 1.00 7.81  ? 78  GLN A O   1 
ATOM   630  C CB  . GLN A 1 78  ? 9.361   0.254   -13.022 1.00 8.82  ? 78  GLN A CB  1 
ATOM   631  C CG  . GLN A 1 78  ? 8.403   1.036   -13.920 1.00 10.81 ? 78  GLN A CG  1 
ATOM   632  C CD  . GLN A 1 78  ? 8.093   0.351   -15.247 1.00 14.08 ? 78  GLN A CD  1 
ATOM   633  O OE1 . GLN A 1 78  ? 7.576   0.984   -16.173 1.00 15.82 ? 78  GLN A OE1 1 
ATOM   634  N NE2 . GLN A 1 78  ? 8.347   -0.939  -15.328 1.00 9.97  ? 78  GLN A NE2 1 
ATOM   635  N N   . PHE A 1 79  ? 10.101  -1.078  -10.357 1.00 8.40  ? 79  PHE A N   1 
ATOM   636  C CA  . PHE A 1 79  ? 10.962  -1.923  -9.512  1.00 7.94  ? 79  PHE A CA  1 
ATOM   637  C C   . PHE A 1 79  ? 10.965  -3.381  -9.974  1.00 9.12  ? 79  PHE A C   1 
ATOM   638  O O   . PHE A 1 79  ? 10.015  -3.843  -10.635 1.00 9.02  ? 79  PHE A O   1 
ATOM   639  C CB  . PHE A 1 79  ? 10.481  -1.844  -8.050  1.00 8.47  ? 79  PHE A CB  1 
ATOM   640  C CG  . PHE A 1 79  ? 10.411  -0.445  -7.545  1.00 9.09  ? 79  PHE A CG  1 
ATOM   641  C CD1 . PHE A 1 79  ? 9.244   0.324   -7.730  1.00 6.06  ? 79  PHE A CD1 1 
ATOM   642  C CD2 . PHE A 1 79  ? 11.559  0.162   -7.024  1.00 7.60  ? 79  PHE A CD2 1 
ATOM   643  C CE1 . PHE A 1 79  ? 9.228   1.673   -7.417  1.00 4.69  ? 79  PHE A CE1 1 
ATOM   644  C CE2 . PHE A 1 79  ? 11.553  1.506   -6.709  1.00 9.26  ? 79  PHE A CE2 1 
ATOM   645  C CZ  . PHE A 1 79  ? 10.377  2.269   -6.911  1.00 4.17  ? 79  PHE A CZ  1 
ATOM   646  N N   . ASN A 1 80  ? 12.044  -4.094  -9.642  1.00 9.02  ? 80  ASN A N   1 
ATOM   647  C CA  . ASN A 1 80  ? 12.174  -5.494  -10.025 1.00 9.95  ? 80  ASN A CA  1 
ATOM   648  C C   . ASN A 1 80  ? 11.352  -6.446  -9.147  1.00 11.68 ? 80  ASN A C   1 
ATOM   649  O O   . ASN A 1 80  ? 11.132  -7.610  -9.523  1.00 13.92 ? 80  ASN A O   1 
ATOM   650  C CB  . ASN A 1 80  ? 13.645  -5.917  -10.051 1.00 9.88  ? 80  ASN A CB  1 
ATOM   651  C CG  . ASN A 1 80  ? 14.442  -5.166  -11.117 1.00 14.20 ? 80  ASN A CG  1 
ATOM   652  O OD1 . ASN A 1 80  ? 13.914  -4.809  -12.188 1.00 11.16 ? 80  ASN A OD1 1 
ATOM   653  N ND2 . ASN A 1 80  ? 15.722  -4.918  -10.829 1.00 13.43 ? 80  ASN A ND2 1 
ATOM   654  N N   . SER A 1 81  ? 10.857  -5.946  -8.009  1.00 10.62 ? 81  SER A N   1 
ATOM   655  C CA  . SER A 1 81  ? 10.051  -6.746  -7.078  1.00 9.86  ? 81  SER A CA  1 
ATOM   656  C C   . SER A 1 81  ? 9.147   -5.845  -6.262  1.00 8.94  ? 81  SER A C   1 
ATOM   657  O O   . SER A 1 81  ? 9.389   -4.647  -6.147  1.00 9.62  ? 81  SER A O   1 
ATOM   658  C CB  . SER A 1 81  ? 10.952  -7.500  -6.104  1.00 7.69  ? 81  SER A CB  1 
ATOM   659  O OG  . SER A 1 81  ? 11.572  -6.591  -5.227  1.00 7.48  ? 81  SER A OG  1 
ATOM   660  N N   . LEU A 1 82  ? 8.125   -6.434  -5.660  1.00 8.52  ? 82  LEU A N   1 
ATOM   661  C CA  . LEU A 1 82  ? 7.206   -5.690  -4.819  1.00 8.44  ? 82  LEU A CA  1 
ATOM   662  C C   . LEU A 1 82  ? 7.940   -5.264  -3.534  1.00 8.42  ? 82  LEU A C   1 
ATOM   663  O O   . LEU A 1 82  ? 7.694   -4.192  -2.980  1.00 8.68  ? 82  LEU A O   1 
ATOM   664  C CB  . LEU A 1 82  ? 5.981   -6.573  -4.528  1.00 12.52 ? 82  LEU A CB  1 
ATOM   665  C CG  . LEU A 1 82  ? 4.730   -5.957  -3.902  1.00 14.85 ? 82  LEU A CG  1 
ATOM   666  C CD1 . LEU A 1 82  ? 4.237   -4.776  -4.714  1.00 15.05 ? 82  LEU A CD1 1 
ATOM   667  C CD2 . LEU A 1 82  ? 3.645   -7.020  -3.805  1.00 19.55 ? 82  LEU A CD2 1 
ATOM   668  N N   . GLN A 1 83  ? 8.890   -6.083  -3.096  1.00 8.68  ? 83  GLN A N   1 
ATOM   669  C CA  . GLN A 1 83  ? 9.690   -5.788  -1.906  1.00 9.39  ? 83  GLN A CA  1 
ATOM   670  C C   . GLN A 1 83  ? 10.515  -4.524  -2.124  1.00 7.83  ? 83  GLN A C   1 
ATOM   671  O O   . GLN A 1 83  ? 10.591  -3.662  -1.253  1.00 7.44  ? 83  GLN A O   1 
ATOM   672  C CB  . GLN A 1 83  ? 10.613  -6.977  -1.585  1.00 11.64 ? 83  GLN A CB  1 
ATOM   673  C CG  . GLN A 1 83  ? 9.846   -8.257  -1.121  1.00 16.35 ? 83  GLN A CG  1 
ATOM   674  C CD  . GLN A 1 83  ? 9.322   -9.218  -2.230  1.00 17.39 ? 83  GLN A CD  1 
ATOM   675  O OE1 . GLN A 1 83  ? 8.895   -10.356 -1.939  1.00 21.30 ? 83  GLN A OE1 1 
ATOM   676  N NE2 . GLN A 1 83  ? 9.365   -8.790  -3.464  1.00 12.75 ? 83  GLN A NE2 1 
ATOM   677  N N   . GLN A 1 84  ? 11.082  -4.384  -3.322  1.00 8.00  ? 84  GLN A N   1 
ATOM   678  C CA  . GLN A 1 84  ? 11.889  -3.198  -3.649  1.00 7.57  ? 84  GLN A CA  1 
ATOM   679  C C   . GLN A 1 84  ? 10.998  -1.957  -3.744  1.00 6.62  ? 84  GLN A C   1 
ATOM   680  O O   . GLN A 1 84  ? 11.402  -0.864  -3.351  1.00 6.74  ? 84  GLN A O   1 
ATOM   681  C CB  . GLN A 1 84  ? 12.699  -3.417  -4.940  1.00 8.77  ? 84  GLN A CB  1 
ATOM   682  C CG  . GLN A 1 84  ? 13.905  -4.330  -4.714  1.00 13.02 ? 84  GLN A CG  1 
ATOM   683  C CD  . GLN A 1 84  ? 14.452  -4.955  -5.988  1.00 11.57 ? 84  GLN A CD  1 
ATOM   684  O OE1 . GLN A 1 84  ? 13.718  -5.569  -6.755  1.00 13.72 ? 84  GLN A OE1 1 
ATOM   685  N NE2 . GLN A 1 84  ? 15.751  -4.829  -6.197  1.00 12.91 ? 84  GLN A NE2 1 
ATOM   686  N N   . LEU A 1 85  ? 9.784   -2.143  -4.247  1.00 6.01  ? 85  LEU A N   1 
ATOM   687  C CA  . LEU A 1 85  ? 8.822   -1.043  -4.346  1.00 5.45  ? 85  LEU A CA  1 
ATOM   688  C C   . LEU A 1 85  ? 8.480   -0.536  -2.930  1.00 5.53  ? 85  LEU A C   1 
ATOM   689  O O   . LEU A 1 85  ? 8.505   0.682   -2.665  1.00 5.68  ? 85  LEU A O   1 
ATOM   690  C CB  . LEU A 1 85  ? 7.550   -1.503  -5.088  1.00 4.60  ? 85  LEU A CB  1 
ATOM   691  C CG  . LEU A 1 85  ? 6.452   -0.439  -5.269  1.00 6.63  ? 85  LEU A CG  1 
ATOM   692  C CD1 . LEU A 1 85  ? 5.635   -0.785  -6.521  1.00 8.06  ? 85  LEU A CD1 1 
ATOM   693  C CD2 . LEU A 1 85  ? 5.541   -0.307  -4.020  1.00 4.97  ? 85  LEU A CD2 1 
ATOM   694  N N   . VAL A 1 86  ? 8.151   -1.460  -2.021  1.00 5.69  ? 86  VAL A N   1 
ATOM   695  C CA  . VAL A 1 86  ? 7.824   -1.092  -0.648  1.00 5.76  ? 86  VAL A CA  1 
ATOM   696  C C   . VAL A 1 86  ? 8.996   -0.399  0.037   1.00 5.95  ? 86  VAL A C   1 
ATOM   697  O O   . VAL A 1 86  ? 8.820   0.617   0.712   1.00 6.84  ? 86  VAL A O   1 
ATOM   698  C CB  . VAL A 1 86  ? 7.374   -2.339  0.157   1.00 8.32  ? 86  VAL A CB  1 
ATOM   699  C CG1 . VAL A 1 86  ? 7.355   -2.041  1.664   1.00 8.81  ? 86  VAL A CG1 1 
ATOM   700  C CG2 . VAL A 1 86  ? 5.983   -2.739  -0.312  1.00 8.83  ? 86  VAL A CG2 1 
ATOM   701  N N   . ALA A 1 87  ? 10.209  -0.913  -0.179  1.00 7.16  ? 87  ALA A N   1 
ATOM   702  C CA  . ALA A 1 87  ? 11.393  -0.296  0.430   1.00 6.84  ? 87  ALA A CA  1 
ATOM   703  C C   . ALA A 1 87  ? 11.596  1.138   -0.078  1.00 6.29  ? 87  ALA A C   1 
ATOM   704  O O   . ALA A 1 87  ? 11.888  2.038   0.708   1.00 7.03  ? 87  ALA A O   1 
ATOM   705  C CB  . ALA A 1 87  ? 12.653  -1.142  0.187   1.00 6.27  ? 87  ALA A CB  1 
ATOM   706  N N   . TYR A 1 88  ? 11.373  1.363   -1.371  1.00 5.47  ? 88  TYR A N   1 
ATOM   707  C CA  . TYR A 1 88  ? 11.557  2.694   -1.952  1.00 5.78  ? 88  TYR A CA  1 
ATOM   708  C C   . TYR A 1 88  ? 10.556  3.693   -1.362  1.00 4.91  ? 88  TYR A C   1 
ATOM   709  O O   . TYR A 1 88  ? 10.936  4.806   -0.964  1.00 5.90  ? 88  TYR A O   1 
ATOM   710  C CB  . TYR A 1 88  ? 11.457  2.623   -3.498  1.00 4.80  ? 88  TYR A CB  1 
ATOM   711  C CG  . TYR A 1 88  ? 11.486  3.959   -4.189  1.00 4.88  ? 88  TYR A CG  1 
ATOM   712  C CD1 . TYR A 1 88  ? 12.684  4.503   -4.681  1.00 8.66  ? 88  TYR A CD1 1 
ATOM   713  C CD2 . TYR A 1 88  ? 10.298  4.689   -4.347  1.00 9.66  ? 88  TYR A CD2 1 
ATOM   714  C CE1 . TYR A 1 88  ? 12.685  5.758   -5.315  1.00 12.38 ? 88  TYR A CE1 1 
ATOM   715  C CE2 . TYR A 1 88  ? 10.277  5.916   -4.965  1.00 10.23 ? 88  TYR A CE2 1 
ATOM   716  C CZ  . TYR A 1 88  ? 11.457  6.453   -5.448  1.00 12.68 ? 88  TYR A CZ  1 
ATOM   717  O OH  . TYR A 1 88  ? 11.362  7.687   -6.052  1.00 18.00 ? 88  TYR A OH  1 
ATOM   718  N N   . TYR A 1 89  ? 9.283   3.296   -1.304  1.00 5.39  ? 89  TYR A N   1 
ATOM   719  C CA  . TYR A 1 89  ? 8.244   4.163   -0.767  1.00 5.53  ? 89  TYR A CA  1 
ATOM   720  C C   . TYR A 1 89  ? 8.289   4.327   0.745   1.00 5.33  ? 89  TYR A C   1 
ATOM   721  O O   . TYR A 1 89  ? 7.574   5.138   1.296   1.00 5.48  ? 89  TYR A O   1 
ATOM   722  C CB  . TYR A 1 89  ? 6.863   3.774   -1.288  1.00 5.37  ? 89  TYR A CB  1 
ATOM   723  C CG  . TYR A 1 89  ? 6.689   4.172   -2.750  1.00 6.20  ? 89  TYR A CG  1 
ATOM   724  C CD1 . TYR A 1 89  ? 6.578   3.193   -3.751  1.00 4.80  ? 89  TYR A CD1 1 
ATOM   725  C CD2 . TYR A 1 89  ? 6.668   5.517   -3.124  1.00 4.89  ? 89  TYR A CD2 1 
ATOM   726  C CE1 . TYR A 1 89  ? 6.452   3.547   -5.097  1.00 6.22  ? 89  TYR A CE1 1 
ATOM   727  C CE2 . TYR A 1 89  ? 6.540   5.892   -4.488  1.00 5.10  ? 89  TYR A CE2 1 
ATOM   728  C CZ  . TYR A 1 89  ? 6.434   4.895   -5.451  1.00 6.17  ? 89  TYR A CZ  1 
ATOM   729  O OH  . TYR A 1 89  ? 6.324   5.195   -6.787  1.00 8.91  ? 89  TYR A OH  1 
ATOM   730  N N   . SER A 1 90  ? 9.139   3.551   1.409   1.00 7.48  ? 90  SER A N   1 
ATOM   731  C CA  . SER A 1 90  ? 9.336   3.706   2.853   1.00 7.85  ? 90  SER A CA  1 
ATOM   732  C C   . SER A 1 90  ? 10.344  4.845   3.082   1.00 8.75  ? 90  SER A C   1 
ATOM   733  O O   . SER A 1 90  ? 10.510  5.332   4.201   1.00 11.34 ? 90  SER A O   1 
ATOM   734  C CB  . SER A 1 90  ? 9.857   2.408   3.460   1.00 8.37  ? 90  SER A CB  1 
ATOM   735  O OG  . SER A 1 90  ? 8.897   1.384   3.290   1.00 11.04 ? 90  SER A OG  1 
ATOM   736  N N   . LYS A 1 91  ? 10.992  5.297   2.009   1.00 8.21  ? 91  LYS A N   1 
ATOM   737  C CA  . LYS A 1 91  ? 11.957  6.396   2.094   1.00 9.11  ? 91  LYS A CA  1 
ATOM   738  C C   . LYS A 1 91  ? 11.500  7.648   1.338   1.00 9.27  ? 91  LYS A C   1 
ATOM   739  O O   . LYS A 1 91  ? 11.939  8.739   1.633   1.00 11.18 ? 91  LYS A O   1 
ATOM   740  C CB  . LYS A 1 91  ? 13.313  5.983   1.505   1.00 11.08 ? 91  LYS A CB  1 
ATOM   741  C CG  . LYS A 1 91  ? 14.001  4.801   2.174   1.00 19.55 ? 91  LYS A CG  1 
ATOM   742  C CD  . LYS A 1 91  ? 14.469  5.135   3.588   1.00 26.24 ? 91  LYS A CD  1 
ATOM   743  C CE  . LYS A 1 91  ? 15.702  4.300   3.993   1.00 31.40 ? 91  LYS A CE  1 
ATOM   744  N NZ  . LYS A 1 91  ? 15.712  2.905   3.423   1.00 33.95 ? 91  LYS A NZ  1 
ATOM   745  N N   . HIS A 1 92  ? 10.654  7.481   0.332   1.00 8.54  ? 92  HIS A N   1 
ATOM   746  C CA  . HIS A 1 92  ? 10.169  8.605   -0.488  1.00 8.51  ? 92  HIS A CA  1 
ATOM   747  C C   . HIS A 1 92  ? 8.658   8.678   -0.483  1.00 6.98  ? 92  HIS A C   1 
ATOM   748  O O   . HIS A 1 92  ? 8.001   7.688   -0.784  1.00 7.33  ? 92  HIS A O   1 
ATOM   749  C CB  . HIS A 1 92  ? 10.554  8.427   -1.969  1.00 10.31 ? 92  HIS A CB  1 
ATOM   750  C CG  . HIS A 1 92  ? 12.010  8.185   -2.211  1.00 12.94 ? 92  HIS A CG  1 
ATOM   751  N ND1 . HIS A 1 92  ? 12.874  9.188   -2.609  1.00 16.73 ? 92  HIS A ND1 1 
ATOM   752  C CD2 . HIS A 1 92  ? 12.757  7.062   -2.109  1.00 11.74 ? 92  HIS A CD2 1 
ATOM   753  C CE1 . HIS A 1 92  ? 14.091  8.689   -2.724  1.00 15.63 ? 92  HIS A CE1 1 
ATOM   754  N NE2 . HIS A 1 92  ? 14.051  7.404   -2.426  1.00 17.03 ? 92  HIS A NE2 1 
ATOM   755  N N   . ALA A 1 93  ? 8.109   9.853   -0.191  1.00 7.17  ? 93  ALA A N   1 
ATOM   756  C CA  . ALA A 1 93  ? 6.659   10.011  -0.241  1.00 7.00  ? 93  ALA A CA  1 
ATOM   757  C C   . ALA A 1 93  ? 6.245   10.103  -1.742  1.00 6.77  ? 93  ALA A C   1 
ATOM   758  O O   . ALA A 1 93  ? 5.315   9.420   -2.160  1.00 7.82  ? 93  ALA A O   1 
ATOM   759  C CB  . ALA A 1 93  ? 6.214   11.280  0.518   1.00 5.38  ? 93  ALA A CB  1 
ATOM   760  N N   . ASP A 1 94  ? 7.014   10.852  -2.554  1.00 7.17  ? 94  ASP A N   1 
ATOM   761  C CA  . ASP A 1 94  ? 6.680   11.074  -3.975  1.00 7.57  ? 94  ASP A CA  1 
ATOM   762  C C   . ASP A 1 94  ? 5.220   11.503  -4.058  1.00 7.87  ? 94  ASP A C   1 
ATOM   763  O O   . ASP A 1 94  ? 4.858   12.476  -3.409  1.00 9.42  ? 94  ASP A O   1 
ATOM   764  C CB  . ASP A 1 94  ? 6.989   9.852   -4.850  1.00 6.69  ? 94  ASP A CB  1 
ATOM   765  C CG  . ASP A 1 94  ? 8.480   9.680   -5.098  1.00 7.40  ? 94  ASP A CG  1 
ATOM   766  O OD1 . ASP A 1 94  ? 9.309   10.428  -4.513  1.00 8.64  ? 94  ASP A OD1 1 
ATOM   767  O OD2 . ASP A 1 94  ? 8.828   8.809   -5.908  1.00 8.15  ? 94  ASP A OD2 1 
ATOM   768  N N   . GLY A 1 95  ? 4.363   10.778  -4.773  1.00 7.47  ? 95  GLY A N   1 
ATOM   769  C CA  . GLY A 1 95  ? 2.966   11.190  -4.852  1.00 6.90  ? 95  GLY A CA  1 
ATOM   770  C C   . GLY A 1 95  ? 2.044   10.582  -3.803  1.00 7.60  ? 95  GLY A C   1 
ATOM   771  O O   . GLY A 1 95  ? 0.831   10.843  -3.824  1.00 7.45  ? 95  GLY A O   1 
ATOM   772  N N   . LEU A 1 96  ? 2.575   9.740   -2.907  1.00 7.80  ? 96  LEU A N   1 
ATOM   773  C CA  . LEU A 1 96  ? 1.747   9.104   -1.870  1.00 8.00  ? 96  LEU A CA  1 
ATOM   774  C C   . LEU A 1 96  ? 1.352   10.095  -0.773  1.00 7.61  ? 96  LEU A C   1 
ATOM   775  O O   . LEU A 1 96  ? 2.028   11.111  -0.558  1.00 8.20  ? 96  LEU A O   1 
ATOM   776  C CB  . LEU A 1 96  ? 2.496   7.916   -1.228  1.00 10.03 ? 96  LEU A CB  1 
ATOM   777  C CG  . LEU A 1 96  ? 3.026   6.806   -2.146  1.00 10.04 ? 96  LEU A CG  1 
ATOM   778  C CD1 . LEU A 1 96  ? 3.640   5.679   -1.270  1.00 11.75 ? 96  LEU A CD1 1 
ATOM   779  C CD2 . LEU A 1 96  ? 1.927   6.259   -3.074  1.00 11.17 ? 96  LEU A CD2 1 
ATOM   780  N N   . CYS A 1 97  ? 0.315   9.754   -0.026  1.00 6.80  ? 97  CYS A N   1 
ATOM   781  C CA  . CYS A 1 97  ? -0.143  10.619  1.052   1.00 6.89  ? 97  CYS A CA  1 
ATOM   782  C C   . CYS A 1 97  ? 0.915   10.738  2.173   1.00 8.25  ? 97  CYS A C   1 
ATOM   783  O O   . CYS A 1 97  ? 0.973   11.758  2.893   1.00 7.98  ? 97  CYS A O   1 
ATOM   784  C CB  . CYS A 1 97  ? -1.497  10.113  1.583   1.00 8.33  ? 97  CYS A CB  1 
ATOM   785  S SG  . CYS A 1 97  ? -1.467  8.417   2.243   1.00 8.94  ? 97  CYS A SG  1 
ATOM   786  N N   . HIS A 1 98  ? 1.784   9.720   2.280   1.00 8.53  ? 98  HIS A N   1 
ATOM   787  C CA  . HIS A 1 98  ? 2.858   9.697   3.283   1.00 8.02  ? 98  HIS A CA  1 
ATOM   788  C C   . HIS A 1 98  ? 3.821   8.549   2.938   1.00 7.67  ? 98  HIS A C   1 
ATOM   789  O O   . HIS A 1 98  ? 3.442   7.618   2.224   1.00 8.68  ? 98  HIS A O   1 
ATOM   790  C CB  . HIS A 1 98  ? 2.263   9.452   4.675   1.00 7.80  ? 98  HIS A CB  1 
ATOM   791  C CG  . HIS A 1 98  ? 3.188   9.801   5.799   1.00 6.36  ? 98  HIS A CG  1 
ATOM   792  N ND1 . HIS A 1 98  ? 4.116   8.910   6.311   1.00 6.44  ? 98  HIS A ND1 1 
ATOM   793  C CD2 . HIS A 1 98  ? 3.348   10.945  6.495   1.00 7.24  ? 98  HIS A CD2 1 
ATOM   794  C CE1 . HIS A 1 98  ? 4.806   9.500   7.267   1.00 8.48  ? 98  HIS A CE1 1 
ATOM   795  N NE2 . HIS A 1 98  ? 4.359   10.739  7.399   1.00 10.14 ? 98  HIS A NE2 1 
ATOM   796  N N   . ARG A 1 99  ? 5.071   8.631   3.389   1.00 7.40  ? 99  ARG A N   1 
ATOM   797  C CA  . ARG A 1 99  ? 6.003   7.533   3.152   1.00 8.15  ? 99  ARG A CA  1 
ATOM   798  C C   . ARG A 1 99  ? 5.496   6.351   4.010   1.00 6.62  ? 99  ARG A C   1 
ATOM   799  O O   . ARG A 1 99  ? 4.778   6.560   5.008   1.00 6.07  ? 99  ARG A O   1 
ATOM   800  C CB  . ARG A 1 99  ? 7.465   7.900   3.526   1.00 8.85  ? 99  ARG A CB  1 
ATOM   801  C CG  . ARG A 1 99  ? 7.770   7.866   4.997   1.00 13.39 ? 99  ARG A CG  1 
ATOM   802  C CD  . ARG A 1 99  ? 9.262   8.076   5.337   1.00 12.93 ? 99  ARG A CD  1 
ATOM   803  N NE  . ARG A 1 99  ? 9.426   8.042   6.796   1.00 12.56 ? 99  ARG A NE  1 
ATOM   804  C CZ  . ARG A 1 99  ? 9.717   6.957   7.516   1.00 13.16 ? 99  ARG A CZ  1 
ATOM   805  N NH1 . ARG A 1 99  ? 9.926   5.779   6.933   1.00 13.83 ? 99  ARG A NH1 1 
ATOM   806  N NH2 . ARG A 1 99  ? 9.679   7.026   8.847   1.00 13.37 ? 99  ARG A NH2 1 
ATOM   807  N N   . LEU A 1 100 ? 5.804   5.143   3.578   1.00 5.61  ? 100 LEU A N   1 
ATOM   808  C CA  . LEU A 1 100 ? 5.402   3.937   4.292   1.00 6.81  ? 100 LEU A CA  1 
ATOM   809  C C   . LEU A 1 100 ? 6.242   3.845   5.586   1.00 7.65  ? 100 LEU A C   1 
ATOM   810  O O   . LEU A 1 100 ? 7.481   3.917   5.540   1.00 8.29  ? 100 LEU A O   1 
ATOM   811  C CB  . LEU A 1 100 ? 5.637   2.699   3.404   1.00 6.98  ? 100 LEU A CB  1 
ATOM   812  C CG  . LEU A 1 100 ? 4.953   2.776   2.022   1.00 3.87  ? 100 LEU A CG  1 
ATOM   813  C CD1 . LEU A 1 100 ? 5.113   1.485   1.271   1.00 3.79  ? 100 LEU A CD1 1 
ATOM   814  C CD2 . LEU A 1 100 ? 3.465   3.166   2.185   1.00 4.67  ? 100 LEU A CD2 1 
ATOM   815  N N   . THR A 1 101 ? 5.557   3.682   6.715   1.00 8.86  ? 101 THR A N   1 
ATOM   816  C CA  . THR A 1 101 ? 6.186   3.576   8.037   1.00 8.88  ? 101 THR A CA  1 
ATOM   817  C C   . THR A 1 101 ? 6.100   2.170   8.653   1.00 11.74 ? 101 THR A C   1 
ATOM   818  O O   . THR A 1 101 ? 7.035   1.383   8.515   1.00 14.14 ? 101 THR A O   1 
ATOM   819  C CB  . THR A 1 101 ? 5.634   4.662   9.008   1.00 7.85  ? 101 THR A CB  1 
ATOM   820  O OG1 . THR A 1 101 ? 4.207   4.560   9.130   1.00 6.05  ? 101 THR A OG1 1 
ATOM   821  C CG2 . THR A 1 101 ? 5.979   6.048   8.484   1.00 6.53  ? 101 THR A CG2 1 
ATOM   822  N N   . THR A 1 102 ? 4.949   1.817   9.224   1.00 12.14 ? 102 THR A N   1 
ATOM   823  C CA  . THR A 1 102 ? 4.765   0.502   9.836   1.00 11.48 ? 102 THR A CA  1 
ATOM   824  C C   . THR A 1 102 ? 3.622   -0.311  9.247   1.00 8.88  ? 102 THR A C   1 
ATOM   825  O O   . THR A 1 102 ? 2.629   0.227   8.745   1.00 7.81  ? 102 THR A O   1 
ATOM   826  C CB  . THR A 1 102 ? 4.546   0.586   11.389  1.00 16.25 ? 102 THR A CB  1 
ATOM   827  O OG1 . THR A 1 102 ? 4.762   -0.716  11.941  1.00 27.53 ? 102 THR A OG1 1 
ATOM   828  C CG2 . THR A 1 102 ? 3.116   0.963   11.743  1.00 16.07 ? 102 THR A CG2 1 
ATOM   829  N N   . VAL A 1 103 ? 3.760   -1.623  9.356   1.00 8.52  ? 103 VAL A N   1 
ATOM   830  C CA  . VAL A 1 103 ? 2.744   -2.542  8.872   1.00 7.42  ? 103 VAL A CA  1 
ATOM   831  C C   . VAL A 1 103 ? 1.511   -2.431  9.770   1.00 8.11  ? 103 VAL A C   1 
ATOM   832  O O   . VAL A 1 103 ? 1.605   -2.322  11.006  1.00 8.69  ? 103 VAL A O   1 
ATOM   833  C CB  . VAL A 1 103 ? 3.303   -3.985  8.823   1.00 5.31  ? 103 VAL A CB  1 
ATOM   834  C CG1 . VAL A 1 103 ? 2.271   -4.967  8.260   1.00 5.37  ? 103 VAL A CG1 1 
ATOM   835  C CG2 . VAL A 1 103 ? 4.571   -3.987  7.998   1.00 11.46 ? 103 VAL A CG2 1 
ATOM   836  N N   . CYS A 1 104 ? 0.350   -2.409  9.130   1.00 7.35  ? 104 CYS A N   1 
ATOM   837  C CA  . CYS A 1 104 ? -0.917  -2.287  9.824   1.00 7.32  ? 104 CYS A CA  1 
ATOM   838  C C   . CYS A 1 104 ? -1.163  -3.436  10.771  1.00 9.12  ? 104 CYS A C   1 
ATOM   839  O O   . CYS A 1 104 ? -1.036  -4.597  10.389  1.00 8.43  ? 104 CYS A O   1 
ATOM   840  C CB  . CYS A 1 104 ? -2.073  -2.292  8.817   1.00 6.45  ? 104 CYS A CB  1 
ATOM   841  S SG  . CYS A 1 104 ? -3.648  -1.878  9.546   1.00 11.10 ? 104 CYS A SG  1 
ATOM   842  N N   . PRO A 1 105 ? -1.443  -3.131  12.035  1.00 10.63 ? 105 PRO A N   1 
ATOM   843  C CA  . PRO A 1 105 ? -1.705  -4.230  12.961  1.00 14.46 ? 105 PRO A CA  1 
ATOM   844  C C   . PRO A 1 105 ? -3.075  -4.808  12.611  1.00 17.09 ? 105 PRO A C   1 
ATOM   845  O O   . PRO A 1 105 ? -3.961  -4.098  12.118  1.00 15.11 ? 105 PRO A O   1 
ATOM   846  C CB  . PRO A 1 105 ? -1.780  -3.525  14.327  1.00 15.12 ? 105 PRO A CB  1 
ATOM   847  C CG  . PRO A 1 105 ? -1.026  -2.257  14.129  1.00 13.86 ? 105 PRO A CG  1 
ATOM   848  C CD  . PRO A 1 105 ? -1.395  -1.837  12.738  1.00 10.91 ? 105 PRO A CD  1 
ATOM   849  N N   . THR A 1 106 ? -3.260  -6.094  12.859  1.00 21.34 ? 106 THR A N   1 
ATOM   850  C CA  . THR A 1 106 ? -4.567  -6.715  12.608  1.00 26.47 ? 106 THR A CA  1 
ATOM   851  C C   . THR A 1 106 ? -5.432  -6.689  13.889  1.00 29.05 ? 106 THR A C   1 
ATOM   852  O O   . THR A 1 106 ? -4.871  -6.431  14.991  1.00 31.73 ? 106 THR A O   1 
ATOM   853  C CB  . THR A 1 106 ? -4.405  -8.159  12.128  1.00 29.49 ? 106 THR A CB  1 
ATOM   854  O OG1 . THR A 1 106 ? -3.580  -8.872  13.064  1.00 34.35 ? 106 THR A OG1 1 
ATOM   855  C CG2 . THR A 1 106 ? -3.735  -8.189  10.765  1.00 32.49 ? 106 THR A CG2 1 
HETATM 856  C C1  . 256 B 2 .   ? -8.292  3.300   -6.738  1.00 38.52 ? 300 256 A C1  1 
HETATM 857  C C2  . 256 B 2 .   ? -7.191  2.755   -6.104  1.00 35.06 ? 300 256 A C2  1 
HETATM 858  C C3  . 256 B 2 .   ? -7.203  1.395   -5.858  1.00 33.37 ? 300 256 A C3  1 
HETATM 859  C C4  . 256 B 2 .   ? -8.353  0.663   -6.209  1.00 32.61 ? 300 256 A C4  1 
HETATM 860  C C5  . 256 B 2 .   ? -9.440  1.222   -6.900  1.00 34.73 ? 300 256 A C5  1 
HETATM 861  C C6  . 256 B 2 .   ? -9.428  2.578   -7.146  1.00 37.31 ? 300 256 A C6  1 
HETATM 862  C C7  . 256 B 2 .   ? -8.504  -0.747  -5.812  1.00 32.06 ? 300 256 A C7  1 
HETATM 863  C C8  . 256 B 2 .   ? -8.543  -1.723  -7.049  1.00 31.64 ? 300 256 A C8  1 
HETATM 864  O O9  . 256 B 2 .   ? -7.243  -2.209  -7.181  1.00 35.19 ? 300 256 A O9  1 
HETATM 865  S S10 . 256 B 2 .   ? -9.792  -1.227  -4.707  1.00 27.74 ? 300 256 A S10 1 
HETATM 866  O O12 . 256 B 2 .   ? -9.422  -2.785  -4.497  1.00 20.43 ? 300 256 A O12 1 
HETATM 867  O O13 . 256 B 2 .   ? -9.492  -2.088  -7.706  1.00 26.54 ? 300 256 A O13 1 
HETATM 868  O O14 . 256 B 2 .   ? -11.094 -1.098  -5.355  1.00 30.19 ? 300 256 A O14 1 
HETATM 869  O O15 . 256 B 2 .   ? -9.710  -0.423  -3.510  1.00 18.25 ? 300 256 A O15 1 
HETATM 870  O O   . HOH C 3 .   ? 4.452   8.442   10.868  1.00 7.27  ? 301 HOH A O   1 
HETATM 871  O O   . HOH C 3 .   ? -0.615  14.004  2.670   1.00 10.54 ? 302 HOH A O   1 
HETATM 872  O O   . HOH C 3 .   ? 6.902   7.826   -7.462  1.00 7.74  ? 303 HOH A O   1 
HETATM 873  O O   . HOH C 3 .   ? -12.184 -8.564  3.311   1.00 8.22  ? 304 HOH A O   1 
HETATM 874  O O   . HOH C 3 .   ? -2.463  7.835   9.770   1.00 9.11  ? 305 HOH A O   1 
HETATM 875  O O   . HOH C 3 .   ? -2.781  9.007   12.510  1.00 11.36 ? 306 HOH A O   1 
HETATM 876  O O   . HOH C 3 .   ? 9.093   -6.753  5.449   1.00 15.85 ? 307 HOH A O   1 
HETATM 877  O O   . HOH C 3 .   ? -14.789 -1.311  -3.383  1.00 11.52 ? 308 HOH A O   1 
HETATM 878  O O   . HOH C 3 .   ? -1.159  2.518   -10.619 1.00 9.61  ? 309 HOH A O   1 
HETATM 879  O O   . HOH C 3 .   ? -15.569 -3.599  -6.283  1.00 8.73  ? 310 HOH A O   1 
HETATM 880  O O   . HOH C 3 .   ? 11.746  7.506   -11.010 1.00 14.57 ? 311 HOH A O   1 
HETATM 881  O O   . HOH C 3 .   ? 12.734  7.382   -8.477  1.00 16.19 ? 312 HOH A O   1 
HETATM 882  O O   . HOH C 3 .   ? 13.421  1.389   2.933   1.00 14.59 ? 313 HOH A O   1 
HETATM 883  O O   . HOH C 3 .   ? 7.566   9.121   -9.811  1.00 10.47 ? 314 HOH A O   1 
HETATM 884  O O   . HOH C 3 .   ? -0.453  12.822  -2.115  1.00 12.85 ? 315 HOH A O   1 
HETATM 885  O O   . HOH C 3 .   ? -11.965 1.195   11.947  1.00 18.72 ? 316 HOH A O   1 
HETATM 886  O O   . HOH C 3 .   ? 9.089   -0.210  5.535   1.00 23.50 ? 317 HOH A O   1 
HETATM 887  O O   . HOH C 3 .   ? -10.683 7.361   4.821   1.00 11.60 ? 318 HOH A O   1 
HETATM 888  O O   . HOH C 3 .   ? -14.854 1.895   4.949   1.00 17.87 ? 319 HOH A O   1 
HETATM 889  O O   . HOH C 3 .   ? -14.478 0.306   7.341   1.00 22.64 ? 320 HOH A O   1 
HETATM 890  O O   . HOH C 3 .   ? -9.430  -6.562  -2.545  1.00 24.45 ? 321 HOH A O   1 
HETATM 891  O O   . HOH C 3 .   ? 9.574   2.496   6.858   1.00 33.91 ? 322 HOH A O   1 
HETATM 892  O O   . HOH C 3 .   ? 15.646  -2.026  -2.387  1.00 21.64 ? 323 HOH A O   1 
HETATM 893  O O   . HOH C 3 .   ? -10.263 -9.006  -2.677  1.00 24.48 ? 324 HOH A O   1 
HETATM 894  O O   . HOH C 3 .   ? -9.400  -9.783  -5.135  1.00 33.90 ? 325 HOH A O   1 
HETATM 895  O O   . HOH C 3 .   ? -2.428  14.889  4.626   1.00 30.01 ? 326 HOH A O   1 
HETATM 896  O O   . HOH C 3 .   ? -13.044 4.319   0.052   1.00 22.09 ? 327 HOH A O   1 
HETATM 897  O O   . HOH C 3 .   ? 6.720   -5.289  10.485  1.00 31.59 ? 328 HOH A O   1 
HETATM 898  O O   . HOH C 3 .   ? -7.156  -10.012 -8.524  1.00 60.93 ? 329 HOH A O   1 
HETATM 899  O O   . HOH C 3 .   ? -14.727 -5.602  6.459   1.00 17.50 ? 330 HOH A O   1 
HETATM 900  O O   . HOH C 3 .   ? -5.477  -1.973  13.033  1.00 16.17 ? 331 HOH A O   1 
HETATM 901  O O   . HOH C 3 .   ? -9.677  -1.136  13.974  1.00 21.57 ? 332 HOH A O   1 
HETATM 902  O O   . HOH C 3 .   ? -11.529 8.728   7.038   1.00 30.52 ? 333 HOH A O   1 
HETATM 903  O O   . HOH C 3 .   ? 9.940   -6.809  2.254   1.00 21.04 ? 334 HOH A O   1 
HETATM 904  O O   . HOH C 3 .   ? 1.308   -12.774 4.322   1.00 34.42 ? 335 HOH A O   1 
HETATM 905  O O   . HOH C 3 .   ? 16.925  -6.091  -8.364  1.00 17.53 ? 336 HOH A O   1 
HETATM 906  O O   . HOH C 3 .   ? -4.724  11.691  2.625   1.00 20.51 ? 337 HOH A O   1 
HETATM 907  O O   . HOH C 3 .   ? 0.275   -6.821  11.202  1.00 14.86 ? 338 HOH A O   1 
HETATM 908  O O   . HOH C 3 .   ? 8.168   10.669  7.096   1.00 16.93 ? 339 HOH A O   1 
HETATM 909  O O   . HOH C 3 .   ? -2.989  1.836   -12.411 1.00 20.17 ? 340 HOH A O   1 
HETATM 910  O O   . HOH C 3 .   ? -9.583  6.951   -0.303  1.00 18.07 ? 341 HOH A O   1 
HETATM 911  O O   . HOH C 3 .   ? -2.803  -0.834  17.543  1.00 40.25 ? 342 HOH A O   1 
HETATM 912  O O   . HOH C 3 .   ? 10.716  -4.388  1.287   1.00 16.23 ? 343 HOH A O   1 
HETATM 913  O O   . HOH C 3 .   ? -2.929  0.284   -14.593 1.00 37.72 ? 344 HOH A O   1 
HETATM 914  O O   . HOH C 3 .   ? 6.806   -2.666  10.243  1.00 37.58 ? 345 HOH A O   1 
HETATM 915  O O   . HOH C 3 .   ? -9.689  4.016   17.016  1.00 30.43 ? 346 HOH A O   1 
HETATM 916  O O   . HOH C 3 .   ? -8.631  9.638   2.267   1.00 16.35 ? 347 HOH A O   1 
HETATM 917  O O   . HOH C 3 .   ? 5.407   -7.068  11.884  1.00 32.77 ? 348 HOH A O   1 
HETATM 918  O O   . HOH C 3 .   ? 1.455   -8.583  9.686   1.00 15.76 ? 349 HOH A O   1 
HETATM 919  O O   . HOH C 3 .   ? 2.311   11.970  -15.137 1.00 25.12 ? 350 HOH A O   1 
HETATM 920  O O   . HOH C 3 .   ? 6.905   10.035  10.454  1.00 83.08 ? 351 HOH A O   1 
HETATM 921  O O   . HOH C 3 .   ? 14.498  -4.597  -1.387  1.00 41.55 ? 352 HOH A O   1 
HETATM 922  O O   . HOH C 3 .   ? 2.196   -5.120  12.455  1.00 36.34 ? 353 HOH A O   1 
HETATM 923  O O   . HOH C 3 .   ? 6.359   13.846  -17.074 1.00 22.22 ? 354 HOH A O   1 
HETATM 924  O O   . HOH C 3 .   ? -0.406  8.785   -6.700  1.00 39.81 ? 355 HOH A O   1 
HETATM 925  O O   . HOH C 3 .   ? 6.468   6.155   -18.845 1.00 42.40 ? 356 HOH A O   1 
HETATM 926  O O   . HOH C 3 .   ? -1.859  -13.277 3.026   1.00 43.80 ? 357 HOH A O   1 
HETATM 927  O O   . HOH C 3 .   ? 5.315   13.360  6.437   1.00 50.23 ? 358 HOH A O   1 
HETATM 928  O O   . HOH C 3 .   ? -5.093  7.521   -3.938  1.00 38.70 ? 359 HOH A O   1 
HETATM 929  O O   . HOH C 3 .   ? -10.985 -12.726 3.339   1.00 43.85 ? 360 HOH A O   1 
HETATM 930  O O   . HOH C 3 .   ? -11.068 1.452   15.526  1.00 34.05 ? 361 HOH A O   1 
HETATM 931  O O   . HOH C 3 .   ? 2.131   7.424   -6.784  1.00 30.41 ? 362 HOH A O   1 
HETATM 932  O O   . HOH C 3 .   ? 10.132  4.308   -16.376 1.00 48.99 ? 363 HOH A O   1 
HETATM 933  O O   . HOH C 3 .   ? -14.138 -0.117  12.956  1.00 33.94 ? 364 HOH A O   1 
HETATM 934  O O   . HOH C 3 .   ? 12.396  6.689   -15.138 1.00 33.22 ? 365 HOH A O   1 
HETATM 935  O O   . HOH C 3 .   ? -4.016  -0.354  15.006  1.00 17.73 ? 366 HOH A O   1 
HETATM 936  O O   . HOH C 3 .   ? 3.534   -9.194  11.744  1.00 27.91 ? 367 HOH A O   1 
HETATM 937  O O   . HOH C 3 .   ? -8.532  -8.910  8.417   1.00 23.68 ? 368 HOH A O   1 
HETATM 938  O O   . HOH C 3 .   ? -8.916  -13.201 -6.241  1.00 23.05 ? 369 HOH A O   1 
HETATM 939  O O   . HOH C 3 .   ? -5.988  -1.161  18.919  1.00 52.49 ? 370 HOH A O   1 
HETATM 940  O O   . HOH C 3 .   ? -1.046  -7.809  13.715  1.00 32.73 ? 371 HOH A O   1 
HETATM 941  O O   . HOH C 3 .   ? -1.306  -10.971 7.469   1.00 43.79 ? 372 HOH A O   1 
HETATM 942  O O   . HOH C 3 .   ? -16.193 -3.686  7.866   1.00 25.10 ? 373 HOH A O   1 
HETATM 943  O O   . HOH C 3 .   ? -1.540  17.417  12.877  1.00 29.66 ? 374 HOH A O   1 
HETATM 944  O O   . HOH C 3 .   ? -6.503  -15.374 -3.993  1.00 28.17 ? 375 HOH A O   1 
HETATM 945  O O   . HOH C 3 .   ? -4.226  10.116  -4.851  1.00 38.12 ? 376 HOH A O   1 
HETATM 946  O O   . HOH C 3 .   ? 8.112   9.550   -20.407 1.00 31.84 ? 377 HOH A O   1 
HETATM 947  O O   . HOH C 3 .   ? -12.872 19.690  8.713   1.00 66.27 ? 378 HOH A O   1 
HETATM 948  O O   . HOH C 3 .   ? 11.317  3.372   -13.613 1.00 9.58  ? 379 HOH A O   1 
HETATM 949  O O   . HOH C 3 .   ? 18.634  -7.711  -6.533  1.00 42.77 ? 380 HOH A O   1 
HETATM 950  O O   . HOH C 3 .   ? -7.207  10.968  -3.661  1.00 37.66 ? 381 HOH A O   1 
HETATM 951  O O   . HOH C 3 .   ? -2.364  10.615  -2.469  1.00 16.23 ? 382 HOH A O   1 
HETATM 952  O O   . HOH C 3 .   ? 10.947  12.209  -3.450  1.00 35.22 ? 383 HOH A O   1 
HETATM 953  O O   . HOH C 3 .   ? -4.439  8.874   14.852  1.00 15.00 ? 384 HOH A O   1 
HETATM 954  O O   . HOH C 3 .   ? -0.126  1.033   14.502  1.00 26.13 ? 385 HOH A O   1 
HETATM 955  O O   . HOH C 3 .   ? -13.387 -2.680  13.851  1.00 25.54 ? 386 HOH A O   1 
HETATM 956  O O   . HOH C 3 .   ? -4.196  3.987   -8.007  1.00 15.10 ? 387 HOH A O   1 
HETATM 957  O O   . HOH C 3 .   ? 4.245   12.666  9.406   1.00 29.27 ? 388 HOH A O   1 
HETATM 958  O O   . HOH C 3 .   ? -5.110  -14.302 0.508   1.00 33.00 ? 389 HOH A O   1 
HETATM 959  O O   . HOH C 3 .   ? -3.490  -13.045 -2.407  1.00 22.25 ? 390 HOH A O   1 
HETATM 960  O O   . HOH C 3 .   ? -12.623 -14.166 0.313   1.00 24.29 ? 391 HOH A O   1 
HETATM 961  O O   . HOH C 3 .   ? -8.853  11.516  13.290  1.00 22.26 ? 392 HOH A O   1 
HETATM 962  O O   . HOH C 3 .   ? 14.055  -0.162  -9.408  1.00 7.12  ? 393 HOH A O   1 
HETATM 963  O O   . HOH C 3 .   ? -7.759  -3.050  14.356  1.00 29.13 ? 394 HOH A O   1 
HETATM 964  O O   . HOH C 3 .   ? 0.662   4.352   18.201  1.00 11.11 ? 395 HOH A O   1 
HETATM 965  O O   . HOH C 3 .   ? -4.644  13.518  5.427   1.00 23.93 ? 396 HOH A O   1 
HETATM 966  O O   . HOH C 3 .   ? -2.782  19.372  9.180   1.00 13.78 ? 397 HOH A O   1 
HETATM 967  O O   . HOH C 3 .   ? -8.043  6.384   -2.496  1.00 14.73 ? 398 HOH A O   1 
HETATM 968  O O   . HOH C 3 .   ? 5.725   3.486   -8.922  1.00 6.62  ? 399 HOH A O   1 
HETATM 969  O O   . HOH C 3 .   ? 7.941   -9.391  -5.890  1.00 11.69 ? 400 HOH A O   1 
HETATM 970  O O   . HOH C 3 .   ? 17.385  -2.719  -4.363  1.00 22.54 ? 401 HOH A O   1 
HETATM 971  O O   . HOH C 3 .   ? 2.526   13.164  -2.101  1.00 6.35  ? 402 HOH A O   1 
HETATM 972  O O   . HOH C 3 .   ? -5.761  -10.808 6.213   1.00 43.63 ? 403 HOH A O   1 
HETATM 973  O O   . HOH C 3 .   ? -6.833  -13.369 3.228   1.00 52.50 ? 404 HOH A O   1 
HETATM 974  O O   . HOH C 3 .   ? -15.848 -1.268  8.821   1.00 25.51 ? 405 HOH A O   1 
HETATM 975  O O   . HOH C 3 .   ? -10.227 6.895   13.824  1.00 48.43 ? 406 HOH A O   1 
HETATM 976  O O   . HOH C 3 .   ? -5.324  3.744   22.624  1.00 32.87 ? 407 HOH A O   1 
HETATM 977  O O   . HOH C 3 .   ? -4.320  -10.198 -7.675  1.00 45.85 ? 408 HOH A O   1 
HETATM 978  O O   . HOH C 3 .   ? -1.056  -5.607  -12.716 1.00 32.31 ? 409 HOH A O   1 
HETATM 979  O O   . HOH C 3 .   ? -12.004 11.949  6.653   1.00 29.12 ? 410 HOH A O   1 
HETATM 980  O O   . HOH C 3 .   ? -4.674  6.292   -6.255  1.00 78.93 ? 411 HOH A O   1 
HETATM 981  O O   . HOH C 3 .   ? 14.210  -2.757  -8.554  1.00 7.86  ? 412 HOH A O   1 
HETATM 982  O O   . HOH C 3 .   ? 5.466   15.367  9.206   1.00 33.89 ? 413 HOH A O   1 
HETATM 983  O O   . HOH C 3 .   ? -9.342  -5.958  14.672  1.00 47.60 ? 414 HOH A O   1 
HETATM 984  O O   . HOH C 3 .   ? -11.854 6.070   2.860   1.00 55.15 ? 415 HOH A O   1 
HETATM 985  O O   . HOH C 3 .   ? 12.454  -10.591 -3.979  1.00 56.87 ? 416 HOH A O   1 
HETATM 986  O O   . HOH C 3 .   ? -7.636  -16.577 -1.899  1.00 63.27 ? 417 HOH A O   1 
HETATM 987  O O   . HOH C 3 .   ? -15.183 -3.025  -11.746 1.00 36.08 ? 418 HOH A O   1 
HETATM 988  O O   . HOH C 3 .   ? 12.998  13.783  -4.042  1.00 20.49 ? 419 HOH A O   1 
HETATM 989  O O   . HOH C 3 .   ? -11.518 10.127  2.608   1.00 69.33 ? 420 HOH A O   1 
HETATM 990  O O   . HOH C 3 .   ? -7.424  -16.419 0.761   1.00 50.92 ? 421 HOH A O   1 
HETATM 991  O O   . HOH C 3 .   ? -11.378 -16.171 1.848   1.00 32.06 ? 422 HOH A O   1 
HETATM 992  O O   . HOH C 3 .   ? -9.630  -10.574 -10.711 1.00 31.73 ? 423 HOH A O   1 
HETATM 993  O O   . HOH C 3 .   ? 0.287   11.016  -8.078  1.00 76.86 ? 424 HOH A O   1 
HETATM 994  O O   . HOH C 3 .   ? -11.260 -15.235 7.750   1.00 58.62 ? 425 HOH A O   1 
HETATM 995  O O   . HOH C 3 .   ? -6.463  -9.338  9.767   1.00 71.20 ? 426 HOH A O   1 
HETATM 996  O O   . HOH C 3 .   ? -8.085  -12.609 -8.966  1.00 36.93 ? 427 HOH A O   1 
HETATM 997  O O   . HOH C 3 .   ? -16.880 -0.657  11.329  1.00 48.89 ? 428 HOH A O   1 
HETATM 998  O O   . HOH C 3 .   ? -13.071 16.842  3.152   1.00 40.53 ? 429 HOH A O   1 
HETATM 999  O O   . HOH C 3 .   ? -10.016 9.975   -0.716  1.00 61.52 ? 430 HOH A O   1 
HETATM 1000 O O   . HOH C 3 .   ? -7.353  8.438   -4.315  1.00 52.16 ? 431 HOH A O   1 
HETATM 1001 O O   . HOH C 3 .   ? 13.874  -7.979  -3.470  1.00 46.56 ? 432 HOH A O   1 
HETATM 1002 O O   . HOH C 3 .   ? 7.156   0.490   12.189  1.00 30.67 ? 433 HOH A O   1 
HETATM 1003 O O   . HOH C 3 .   ? 4.376   8.815   -6.820  1.00 14.61 ? 434 HOH A O   1 
HETATM 1004 O O   . HOH C 3 .   ? -15.097 21.430  9.624   1.00 38.20 ? 435 HOH A O   1 
HETATM 1005 O O   . HOH C 3 .   ? -13.819 5.638   -9.659  1.00 46.81 ? 436 HOH A O   1 
HETATM 1006 O O   . HOH C 3 .   ? -9.708  -2.066  -10.049 1.00 41.29 ? 437 HOH A O   1 
HETATM 1007 O O   . HOH C 3 .   ? -9.750  -11.124 6.969   1.00 49.29 ? 438 HOH A O   1 
HETATM 1008 O O   . HOH C 3 .   ? 6.502   1.046   -19.040 1.00 60.43 ? 439 HOH A O   1 
HETATM 1009 O O   . HOH C 3 .   ? -14.413 0.099   21.084  1.00 52.25 ? 440 HOH A O   1 
HETATM 1010 O O   . HOH C 3 .   ? -1.550  -1.432  -16.018 1.00 48.31 ? 441 HOH A O   1 
HETATM 1011 O O   . HOH C 3 .   ? -12.242 12.178  10.238  1.00 59.16 ? 442 HOH A O   1 
HETATM 1012 O O   . HOH C 3 .   ? -0.404  -11.508 -18.939 1.00 52.50 ? 443 HOH A O   1 
HETATM 1013 O O   . HOH C 3 .   ? 3.492   10.120  -16.530 1.00 40.49 ? 444 HOH A O   1 
HETATM 1014 O O   . HOH C 3 .   ? 4.801   -14.008 -21.397 1.00 66.98 ? 445 HOH A O   1 
HETATM 1015 O O   . HOH C 3 .   ? -11.243 1.881   -10.912 1.00 53.75 ? 446 HOH A O   1 
HETATM 1016 O O   . HOH C 3 .   ? -2.441  -4.241  -18.806 1.00 63.97 ? 447 HOH A O   1 
HETATM 1017 O O   . HOH C 3 .   ? 4.196   -0.246  -19.096 1.00 57.32 ? 448 HOH A O   1 
HETATM 1018 O O   . HOH C 3 .   ? 3.853   3.367   11.556  1.00 39.73 ? 449 HOH A O   1 
HETATM 1019 O O   . HOH C 3 .   ? -8.952  -16.445 2.822   1.00 50.04 ? 450 HOH A O   1 
HETATM 1020 O O   . HOH C 3 .   ? -9.342  5.612   -4.554  1.00 48.62 ? 451 HOH A O   1 
# 
loop_
_pdbx_poly_seq_scheme.asym_id 
_pdbx_poly_seq_scheme.entity_id 
_pdbx_poly_seq_scheme.seq_id 
_pdbx_poly_seq_scheme.mon_id 
_pdbx_poly_seq_scheme.ndb_seq_num 
_pdbx_poly_seq_scheme.pdb_seq_num 
_pdbx_poly_seq_scheme.auth_seq_num 
_pdbx_poly_seq_scheme.pdb_mon_id 
_pdbx_poly_seq_scheme.auth_mon_id 
_pdbx_poly_seq_scheme.pdb_strand_id 
_pdbx_poly_seq_scheme.pdb_ins_code 
_pdbx_poly_seq_scheme.hetero 
A 1 1   SER 1   1   1   SER SER A . n 
A 1 2   ILE 2   2   2   ILE ILE A . n 
A 1 3   GLN 3   3   3   GLN GLN A . n 
A 1 4   ALA 4   4   4   ALA ALA A . n 
A 1 5   GLU 5   5   5   GLU GLU A . n 
A 1 6   GLU 6   6   6   GLU GLU A . n 
A 1 7   TRP 7   7   7   TRP TRP A . n 
A 1 8   TYR 8   8   8   TYR TYR A . n 
A 1 9   PHE 9   9   9   PHE PHE A . n 
A 1 10  GLY 10  10  10  GLY GLY A . n 
A 1 11  LYS 11  11  11  LYS LYS A . n 
A 1 12  ILE 12  12  12  ILE ILE A . n 
A 1 13  THR 13  13  13  THR THR A . n 
A 1 14  ARG 14  14  14  ARG ARG A . n 
A 1 15  ARG 15  15  15  ARG ARG A . n 
A 1 16  GLU 16  16  16  GLU GLU A . n 
A 1 17  SER 17  17  17  SER SER A . n 
A 1 18  GLU 18  18  18  GLU GLU A . n 
A 1 19  ARG 19  19  19  ARG ARG A . n 
A 1 20  LEU 20  20  20  LEU LEU A . n 
A 1 21  LEU 21  21  21  LEU LEU A . n 
A 1 22  LEU 22  22  22  LEU LEU A . n 
A 1 23  ASN 23  23  23  ASN ASN A . n 
A 1 24  ALA 24  24  24  ALA ALA A . n 
A 1 25  GLU 25  25  25  GLU GLU A . n 
A 1 26  ASN 26  26  26  ASN ASN A . n 
A 1 27  PRO 27  27  27  PRO PRO A . n 
A 1 28  ARG 28  28  28  ARG ARG A . n 
A 1 29  GLY 29  29  29  GLY GLY A . n 
A 1 30  THR 30  30  30  THR THR A . n 
A 1 31  PHE 31  31  31  PHE PHE A . n 
A 1 32  LEU 32  32  32  LEU LEU A . n 
A 1 33  VAL 33  33  33  VAL VAL A . n 
A 1 34  ARG 34  34  34  ARG ARG A . n 
A 1 35  GLU 35  35  35  GLU GLU A . n 
A 1 36  SER 36  36  36  SER SER A . n 
A 1 37  GLU 37  37  37  GLU GLU A . n 
A 1 38  THR 38  38  38  THR THR A . n 
A 1 39  THR 39  39  39  THR THR A . n 
A 1 40  LYS 40  40  40  LYS LYS A . n 
A 1 41  GLY 41  41  41  GLY GLY A . n 
A 1 42  ALA 42  42  42  ALA ALA A . n 
A 1 43  TYR 43  43  43  TYR TYR A . n 
A 1 44  CYS 44  44  44  CYS CYS A . n 
A 1 45  LEU 45  45  45  LEU LEU A . n 
A 1 46  SER 46  46  46  SER SER A . n 
A 1 47  VAL 47  47  47  VAL VAL A . n 
A 1 48  SER 48  48  48  SER SER A . n 
A 1 49  ASP 49  49  49  ASP ASP A . n 
A 1 50  PHE 50  50  50  PHE PHE A . n 
A 1 51  ASP 51  51  51  ASP ASP A . n 
A 1 52  ASN 52  52  52  ASN ASN A . n 
A 1 53  ALA 53  53  53  ALA ALA A . n 
A 1 54  LYS 54  54  54  LYS LYS A . n 
A 1 55  GLY 55  55  55  GLY GLY A . n 
A 1 56  LEU 56  56  56  LEU LEU A . n 
A 1 57  ASN 57  57  57  ASN ASN A . n 
A 1 58  VAL 58  58  58  VAL VAL A . n 
A 1 59  LYS 59  59  59  LYS LYS A . n 
A 1 60  HIS 60  60  60  HIS HIS A . n 
A 1 61  TYR 61  61  61  TYR TYR A . n 
A 1 62  LYS 62  62  62  LYS LYS A . n 
A 1 63  ILE 63  63  63  ILE ILE A . n 
A 1 64  ARG 64  64  64  ARG ARG A . n 
A 1 65  LYS 65  65  65  LYS LYS A . n 
A 1 66  LEU 66  66  66  LEU LEU A . n 
A 1 67  ASP 67  67  67  ASP ASP A . n 
A 1 68  SER 68  68  68  SER SER A . n 
A 1 69  GLY 69  69  69  GLY GLY A . n 
A 1 70  GLY 70  70  70  GLY GLY A . n 
A 1 71  PHE 71  71  71  PHE PHE A . n 
A 1 72  TYR 72  72  72  TYR TYR A . n 
A 1 73  ILE 73  73  73  ILE ILE A . n 
A 1 74  THR 74  74  74  THR THR A . n 
A 1 75  SER 75  75  75  SER SER A . n 
A 1 76  ARG 76  76  76  ARG ARG A . n 
A 1 77  THR 77  77  77  THR THR A . n 
A 1 78  GLN 78  78  78  GLN GLN A . n 
A 1 79  PHE 79  79  79  PHE PHE A . n 
A 1 80  ASN 80  80  80  ASN ASN A . n 
A 1 81  SER 81  81  81  SER SER A . n 
A 1 82  LEU 82  82  82  LEU LEU A . n 
A 1 83  GLN 83  83  83  GLN GLN A . n 
A 1 84  GLN 84  84  84  GLN GLN A . n 
A 1 85  LEU 85  85  85  LEU LEU A . n 
A 1 86  VAL 86  86  86  VAL VAL A . n 
A 1 87  ALA 87  87  87  ALA ALA A . n 
A 1 88  TYR 88  88  88  TYR TYR A . n 
A 1 89  TYR 89  89  89  TYR TYR A . n 
A 1 90  SER 90  90  90  SER SER A . n 
A 1 91  LYS 91  91  91  LYS LYS A . n 
A 1 92  HIS 92  92  92  HIS HIS A . n 
A 1 93  ALA 93  93  93  ALA ALA A . n 
A 1 94  ASP 94  94  94  ASP ASP A . n 
A 1 95  GLY 95  95  95  GLY GLY A . n 
A 1 96  LEU 96  96  96  LEU LEU A . n 
A 1 97  CYS 97  97  97  CYS CYS A . n 
A 1 98  HIS 98  98  98  HIS HIS A . n 
A 1 99  ARG 99  99  99  ARG ARG A . n 
A 1 100 LEU 100 100 100 LEU LEU A . n 
A 1 101 THR 101 101 101 THR THR A . n 
A 1 102 THR 102 102 102 THR THR A . n 
A 1 103 VAL 103 103 103 VAL VAL A . n 
A 1 104 CYS 104 104 104 CYS CYS A . n 
A 1 105 PRO 105 105 105 PRO PRO A . n 
A 1 106 THR 106 106 106 THR THR A . n 
A 1 107 SER 107 107 ?   ?   ?   A . n 
A 1 108 LYS 108 108 ?   ?   ?   A . n 
# 
loop_
_pdbx_nonpoly_scheme.asym_id 
_pdbx_nonpoly_scheme.entity_id 
_pdbx_nonpoly_scheme.mon_id 
_pdbx_nonpoly_scheme.ndb_seq_num 
_pdbx_nonpoly_scheme.pdb_seq_num 
_pdbx_nonpoly_scheme.auth_seq_num 
_pdbx_nonpoly_scheme.pdb_mon_id 
_pdbx_nonpoly_scheme.auth_mon_id 
_pdbx_nonpoly_scheme.pdb_strand_id 
_pdbx_nonpoly_scheme.pdb_ins_code 
B 2 256 1   300 1   256 INH A . 
C 3 HOH 1   301 1   HOH HOH A . 
C 3 HOH 2   302 2   HOH HOH A . 
C 3 HOH 3   303 3   HOH HOH A . 
C 3 HOH 4   304 4   HOH HOH A . 
C 3 HOH 5   305 5   HOH HOH A . 
C 3 HOH 6   306 6   HOH HOH A . 
C 3 HOH 7   307 7   HOH HOH A . 
C 3 HOH 8   308 8   HOH HOH A . 
C 3 HOH 9   309 9   HOH HOH A . 
C 3 HOH 10  310 10  HOH HOH A . 
C 3 HOH 11  311 11  HOH HOH A . 
C 3 HOH 12  312 12  HOH HOH A . 
C 3 HOH 13  313 13  HOH HOH A . 
C 3 HOH 14  314 14  HOH HOH A . 
C 3 HOH 15  315 15  HOH HOH A . 
C 3 HOH 16  316 16  HOH HOH A . 
C 3 HOH 17  317 17  HOH HOH A . 
C 3 HOH 18  318 18  HOH HOH A . 
C 3 HOH 19  319 19  HOH HOH A . 
C 3 HOH 20  320 20  HOH HOH A . 
C 3 HOH 21  321 21  HOH HOH A . 
C 3 HOH 22  322 22  HOH HOH A . 
C 3 HOH 23  323 23  HOH HOH A . 
C 3 HOH 24  324 24  HOH HOH A . 
C 3 HOH 25  325 25  HOH HOH A . 
C 3 HOH 26  326 26  HOH HOH A . 
C 3 HOH 27  327 27  HOH HOH A . 
C 3 HOH 28  328 28  HOH HOH A . 
C 3 HOH 29  329 29  HOH HOH A . 
C 3 HOH 30  330 30  HOH HOH A . 
C 3 HOH 31  331 31  HOH HOH A . 
C 3 HOH 32  332 32  HOH HOH A . 
C 3 HOH 33  333 33  HOH HOH A . 
C 3 HOH 34  334 34  HOH HOH A . 
C 3 HOH 35  335 35  HOH HOH A . 
C 3 HOH 36  336 36  HOH HOH A . 
C 3 HOH 37  337 37  HOH HOH A . 
C 3 HOH 38  338 38  HOH HOH A . 
C 3 HOH 39  339 39  HOH HOH A . 
C 3 HOH 40  340 40  HOH HOH A . 
C 3 HOH 41  341 41  HOH HOH A . 
C 3 HOH 42  342 42  HOH HOH A . 
C 3 HOH 43  343 43  HOH HOH A . 
C 3 HOH 44  344 44  HOH HOH A . 
C 3 HOH 45  345 45  HOH HOH A . 
C 3 HOH 46  346 46  HOH HOH A . 
C 3 HOH 47  347 47  HOH HOH A . 
C 3 HOH 48  348 48  HOH HOH A . 
C 3 HOH 49  349 49  HOH HOH A . 
C 3 HOH 50  350 50  HOH HOH A . 
C 3 HOH 51  351 51  HOH HOH A . 
C 3 HOH 52  352 52  HOH HOH A . 
C 3 HOH 53  353 54  HOH HOH A . 
C 3 HOH 54  354 55  HOH HOH A . 
C 3 HOH 55  355 56  HOH HOH A . 
C 3 HOH 56  356 58  HOH HOH A . 
C 3 HOH 57  357 59  HOH HOH A . 
C 3 HOH 58  358 60  HOH HOH A . 
C 3 HOH 59  359 61  HOH HOH A . 
C 3 HOH 60  360 62  HOH HOH A . 
C 3 HOH 61  361 64  HOH HOH A . 
C 3 HOH 62  362 65  HOH HOH A . 
C 3 HOH 63  363 66  HOH HOH A . 
C 3 HOH 64  364 67  HOH HOH A . 
C 3 HOH 65  365 68  HOH HOH A . 
C 3 HOH 66  366 70  HOH HOH A . 
C 3 HOH 67  367 71  HOH HOH A . 
C 3 HOH 68  368 72  HOH HOH A . 
C 3 HOH 69  369 74  HOH HOH A . 
C 3 HOH 70  370 75  HOH HOH A . 
C 3 HOH 71  371 76  HOH HOH A . 
C 3 HOH 72  372 77  HOH HOH A . 
C 3 HOH 73  373 78  HOH HOH A . 
C 3 HOH 74  374 81  HOH HOH A . 
C 3 HOH 75  375 82  HOH HOH A . 
C 3 HOH 76  376 84  HOH HOH A . 
C 3 HOH 77  377 86  HOH HOH A . 
C 3 HOH 78  378 87  HOH HOH A . 
C 3 HOH 79  379 89  HOH HOH A . 
C 3 HOH 80  380 90  HOH HOH A . 
C 3 HOH 81  381 91  HOH HOH A . 
C 3 HOH 82  382 92  HOH HOH A . 
C 3 HOH 83  383 93  HOH HOH A . 
C 3 HOH 84  384 94  HOH HOH A . 
C 3 HOH 85  385 96  HOH HOH A . 
C 3 HOH 86  386 98  HOH HOH A . 
C 3 HOH 87  387 99  HOH HOH A . 
C 3 HOH 88  388 100 HOH HOH A . 
C 3 HOH 89  389 101 HOH HOH A . 
C 3 HOH 90  390 102 HOH HOH A . 
C 3 HOH 91  391 103 HOH HOH A . 
C 3 HOH 92  392 104 HOH HOH A . 
C 3 HOH 93  393 105 HOH HOH A . 
C 3 HOH 94  394 106 HOH HOH A . 
C 3 HOH 95  395 107 HOH HOH A . 
C 3 HOH 96  396 108 HOH HOH A . 
C 3 HOH 97  397 109 HOH HOH A . 
C 3 HOH 98  398 110 HOH HOH A . 
C 3 HOH 99  399 111 HOH HOH A . 
C 3 HOH 100 400 112 HOH HOH A . 
C 3 HOH 101 401 113 HOH HOH A . 
C 3 HOH 102 402 114 HOH HOH A . 
C 3 HOH 103 403 116 HOH HOH A . 
C 3 HOH 104 404 117 HOH HOH A . 
C 3 HOH 105 405 118 HOH HOH A . 
C 3 HOH 106 406 119 HOH HOH A . 
C 3 HOH 107 407 120 HOH HOH A . 
C 3 HOH 108 408 122 HOH HOH A . 
C 3 HOH 109 409 123 HOH HOH A . 
C 3 HOH 110 410 124 HOH HOH A . 
C 3 HOH 111 411 126 HOH HOH A . 
C 3 HOH 112 412 128 HOH HOH A . 
C 3 HOH 113 413 132 HOH HOH A . 
C 3 HOH 114 414 133 HOH HOH A . 
C 3 HOH 115 415 136 HOH HOH A . 
C 3 HOH 116 416 137 HOH HOH A . 
C 3 HOH 117 417 148 HOH HOH A . 
C 3 HOH 118 418 150 HOH HOH A . 
C 3 HOH 119 419 151 HOH HOH A . 
C 3 HOH 120 420 152 HOH HOH A . 
C 3 HOH 121 421 153 HOH HOH A . 
C 3 HOH 122 422 154 HOH HOH A . 
C 3 HOH 123 423 156 HOH HOH A . 
C 3 HOH 124 424 157 HOH HOH A . 
C 3 HOH 125 425 163 HOH HOH A . 
C 3 HOH 126 426 164 HOH HOH A . 
C 3 HOH 127 427 167 HOH HOH A . 
C 3 HOH 128 428 170 HOH HOH A . 
C 3 HOH 129 429 177 HOH HOH A . 
C 3 HOH 130 430 178 HOH HOH A . 
C 3 HOH 131 431 179 HOH HOH A . 
C 3 HOH 132 432 182 HOH HOH A . 
C 3 HOH 133 433 185 HOH HOH A . 
C 3 HOH 134 434 186 HOH HOH A . 
C 3 HOH 135 435 187 HOH HOH A . 
C 3 HOH 136 436 188 HOH HOH A . 
C 3 HOH 137 437 189 HOH HOH A . 
C 3 HOH 138 438 190 HOH HOH A . 
C 3 HOH 139 439 191 HOH HOH A . 
C 3 HOH 140 440 192 HOH HOH A . 
C 3 HOH 141 441 193 HOH HOH A . 
C 3 HOH 142 442 194 HOH HOH A . 
C 3 HOH 143 443 195 HOH HOH A . 
C 3 HOH 144 444 196 HOH HOH A . 
C 3 HOH 145 445 197 HOH HOH A . 
C 3 HOH 146 446 198 HOH HOH A . 
C 3 HOH 147 447 199 HOH HOH A . 
C 3 HOH 148 448 200 HOH HOH A . 
C 3 HOH 149 449 201 HOH HOH A . 
C 3 HOH 150 450 202 HOH HOH A . 
C 3 HOH 151 451 203 HOH HOH A . 
# 
_pdbx_struct_assembly.id                   1 
_pdbx_struct_assembly.details              author_defined_assembly 
_pdbx_struct_assembly.method_details       ? 
_pdbx_struct_assembly.oligomeric_details   monomeric 
_pdbx_struct_assembly.oligomeric_count     1 
# 
_pdbx_struct_assembly_gen.assembly_id       1 
_pdbx_struct_assembly_gen.oper_expression   1 
_pdbx_struct_assembly_gen.asym_id_list      A,B,C 
# 
_pdbx_struct_oper_list.id                   1 
_pdbx_struct_oper_list.type                 'identity operation' 
_pdbx_struct_oper_list.name                 1_555 
_pdbx_struct_oper_list.symmetry_operation   x,y,z 
_pdbx_struct_oper_list.matrix[1][1]         1.0000000000 
_pdbx_struct_oper_list.matrix[1][2]         0.0000000000 
_pdbx_struct_oper_list.matrix[1][3]         0.0000000000 
_pdbx_struct_oper_list.vector[1]            0.0000000000 
_pdbx_struct_oper_list.matrix[2][1]         0.0000000000 
_pdbx_struct_oper_list.matrix[2][2]         1.0000000000 
_pdbx_struct_oper_list.matrix[2][3]         0.0000000000 
_pdbx_struct_oper_list.vector[2]            0.0000000000 
_pdbx_struct_oper_list.matrix[3][1]         0.0000000000 
_pdbx_struct_oper_list.matrix[3][2]         0.0000000000 
_pdbx_struct_oper_list.matrix[3][3]         1.0000000000 
_pdbx_struct_oper_list.vector[3]            0.0000000000 
# 
loop_
_pdbx_audit_revision_history.ordinal 
_pdbx_audit_revision_history.data_content_type 
_pdbx_audit_revision_history.major_revision 
_pdbx_audit_revision_history.minor_revision 
_pdbx_audit_revision_history.revision_date 
1 'Structure model' 1 0 2004-02-17 
2 'Structure model' 1 1 2008-04-26 
3 'Structure model' 1 2 2011-07-13 
4 'Structure model' 1 3 2023-08-16 
# 
_pdbx_audit_revision_details.ordinal             1 
_pdbx_audit_revision_details.revision_ordinal    1 
_pdbx_audit_revision_details.data_content_type   'Structure model' 
_pdbx_audit_revision_details.provider            repository 
_pdbx_audit_revision_details.type                'Initial release' 
_pdbx_audit_revision_details.description         ? 
_pdbx_audit_revision_details.details             ? 
# 
loop_
_pdbx_audit_revision_group.ordinal 
_pdbx_audit_revision_group.revision_ordinal 
_pdbx_audit_revision_group.data_content_type 
_pdbx_audit_revision_group.group 
1 2 'Structure model' 'Version format compliance' 
2 3 'Structure model' 'Version format compliance' 
3 4 'Structure model' 'Data collection'           
4 4 'Structure model' 'Database references'       
5 4 'Structure model' 'Derived calculations'      
6 4 'Structure model' 'Refinement description'    
# 
loop_
_pdbx_audit_revision_category.ordinal 
_pdbx_audit_revision_category.revision_ordinal 
_pdbx_audit_revision_category.data_content_type 
_pdbx_audit_revision_category.category 
1 4 'Structure model' chem_comp_atom                
2 4 'Structure model' chem_comp_bond                
3 4 'Structure model' database_2                    
4 4 'Structure model' pdbx_initial_refinement_model 
5 4 'Structure model' struct_site                   
# 
loop_
_pdbx_audit_revision_item.ordinal 
_pdbx_audit_revision_item.revision_ordinal 
_pdbx_audit_revision_item.data_content_type 
_pdbx_audit_revision_item.item 
1 4 'Structure model' '_database_2.pdbx_DOI'                
2 4 'Structure model' '_database_2.pdbx_database_accession' 
3 4 'Structure model' '_struct_site.pdbx_auth_asym_id'      
4 4 'Structure model' '_struct_site.pdbx_auth_comp_id'      
5 4 'Structure model' '_struct_site.pdbx_auth_seq_id'       
# 
loop_
_software.name 
_software.classification 
_software.version 
_software.citation_id 
_software.pdbx_ordinal 
XDS    'data scaling'   .     ? 1 
XDS    'data reduction' .     ? 2 
X-PLOR 'model building' 3.851 ? 3 
X-PLOR refinement       3.851 ? 4 
X-PLOR phasing          3.851 ? 5 
# 
loop_
_pdbx_validate_torsion.id 
_pdbx_validate_torsion.PDB_model_num 
_pdbx_validate_torsion.auth_comp_id 
_pdbx_validate_torsion.auth_asym_id 
_pdbx_validate_torsion.auth_seq_id 
_pdbx_validate_torsion.PDB_ins_code 
_pdbx_validate_torsion.label_alt_id 
_pdbx_validate_torsion.phi 
_pdbx_validate_torsion.psi 
1 1 LEU A 22  ? ? -84.64  41.84   
2 1 ASP A 94  ? ? 49.21   -121.08 
3 1 THR A 101 ? ? -109.78 -79.26  
# 
loop_
_pdbx_unobs_or_zero_occ_residues.id 
_pdbx_unobs_or_zero_occ_residues.PDB_model_num 
_pdbx_unobs_or_zero_occ_residues.polymer_flag 
_pdbx_unobs_or_zero_occ_residues.occupancy_flag 
_pdbx_unobs_or_zero_occ_residues.auth_asym_id 
_pdbx_unobs_or_zero_occ_residues.auth_comp_id 
_pdbx_unobs_or_zero_occ_residues.auth_seq_id 
_pdbx_unobs_or_zero_occ_residues.PDB_ins_code 
_pdbx_unobs_or_zero_occ_residues.label_asym_id 
_pdbx_unobs_or_zero_occ_residues.label_comp_id 
_pdbx_unobs_or_zero_occ_residues.label_seq_id 
1 1 Y 1 A SER 107 ? A SER 107 
2 1 Y 1 A LYS 108 ? A LYS 108 
# 
loop_
_chem_comp_atom.comp_id 
_chem_comp_atom.atom_id 
_chem_comp_atom.type_symbol 
_chem_comp_atom.pdbx_aromatic_flag 
_chem_comp_atom.pdbx_stereo_config 
_chem_comp_atom.pdbx_ordinal 
256 C1   C Y N 1   
256 C2   C Y N 2   
256 C3   C Y N 3   
256 C4   C Y N 4   
256 C5   C Y N 5   
256 C6   C Y N 6   
256 C7   C N R 7   
256 C8   C N N 8   
256 O9   O N N 9   
256 S10  S N N 10  
256 O12  O N N 11  
256 O13  O N N 12  
256 O14  O N N 13  
256 O15  O N N 14  
256 H1   H N N 15  
256 H2   H N N 16  
256 H3   H N N 17  
256 H5   H N N 18  
256 H6   H N N 19  
256 H7   H N N 20  
256 H9   H N N 21  
256 H12  H N N 22  
ALA N    N N N 23  
ALA CA   C N S 24  
ALA C    C N N 25  
ALA O    O N N 26  
ALA CB   C N N 27  
ALA OXT  O N N 28  
ALA H    H N N 29  
ALA H2   H N N 30  
ALA HA   H N N 31  
ALA HB1  H N N 32  
ALA HB2  H N N 33  
ALA HB3  H N N 34  
ALA HXT  H N N 35  
ARG N    N N N 36  
ARG CA   C N S 37  
ARG C    C N N 38  
ARG O    O N N 39  
ARG CB   C N N 40  
ARG CG   C N N 41  
ARG CD   C N N 42  
ARG NE   N N N 43  
ARG CZ   C N N 44  
ARG NH1  N N N 45  
ARG NH2  N N N 46  
ARG OXT  O N N 47  
ARG H    H N N 48  
ARG H2   H N N 49  
ARG HA   H N N 50  
ARG HB2  H N N 51  
ARG HB3  H N N 52  
ARG HG2  H N N 53  
ARG HG3  H N N 54  
ARG HD2  H N N 55  
ARG HD3  H N N 56  
ARG HE   H N N 57  
ARG HH11 H N N 58  
ARG HH12 H N N 59  
ARG HH21 H N N 60  
ARG HH22 H N N 61  
ARG HXT  H N N 62  
ASN N    N N N 63  
ASN CA   C N S 64  
ASN C    C N N 65  
ASN O    O N N 66  
ASN CB   C N N 67  
ASN CG   C N N 68  
ASN OD1  O N N 69  
ASN ND2  N N N 70  
ASN OXT  O N N 71  
ASN H    H N N 72  
ASN H2   H N N 73  
ASN HA   H N N 74  
ASN HB2  H N N 75  
ASN HB3  H N N 76  
ASN HD21 H N N 77  
ASN HD22 H N N 78  
ASN HXT  H N N 79  
ASP N    N N N 80  
ASP CA   C N S 81  
ASP C    C N N 82  
ASP O    O N N 83  
ASP CB   C N N 84  
ASP CG   C N N 85  
ASP OD1  O N N 86  
ASP OD2  O N N 87  
ASP OXT  O N N 88  
ASP H    H N N 89  
ASP H2   H N N 90  
ASP HA   H N N 91  
ASP HB2  H N N 92  
ASP HB3  H N N 93  
ASP HD2  H N N 94  
ASP HXT  H N N 95  
CYS N    N N N 96  
CYS CA   C N R 97  
CYS C    C N N 98  
CYS O    O N N 99  
CYS CB   C N N 100 
CYS SG   S N N 101 
CYS OXT  O N N 102 
CYS H    H N N 103 
CYS H2   H N N 104 
CYS HA   H N N 105 
CYS HB2  H N N 106 
CYS HB3  H N N 107 
CYS HG   H N N 108 
CYS HXT  H N N 109 
GLN N    N N N 110 
GLN CA   C N S 111 
GLN C    C N N 112 
GLN O    O N N 113 
GLN CB   C N N 114 
GLN CG   C N N 115 
GLN CD   C N N 116 
GLN OE1  O N N 117 
GLN NE2  N N N 118 
GLN OXT  O N N 119 
GLN H    H N N 120 
GLN H2   H N N 121 
GLN HA   H N N 122 
GLN HB2  H N N 123 
GLN HB3  H N N 124 
GLN HG2  H N N 125 
GLN HG3  H N N 126 
GLN HE21 H N N 127 
GLN HE22 H N N 128 
GLN HXT  H N N 129 
GLU N    N N N 130 
GLU CA   C N S 131 
GLU C    C N N 132 
GLU O    O N N 133 
GLU CB   C N N 134 
GLU CG   C N N 135 
GLU CD   C N N 136 
GLU OE1  O N N 137 
GLU OE2  O N N 138 
GLU OXT  O N N 139 
GLU H    H N N 140 
GLU H2   H N N 141 
GLU HA   H N N 142 
GLU HB2  H N N 143 
GLU HB3  H N N 144 
GLU HG2  H N N 145 
GLU HG3  H N N 146 
GLU HE2  H N N 147 
GLU HXT  H N N 148 
GLY N    N N N 149 
GLY CA   C N N 150 
GLY C    C N N 151 
GLY O    O N N 152 
GLY OXT  O N N 153 
GLY H    H N N 154 
GLY H2   H N N 155 
GLY HA2  H N N 156 
GLY HA3  H N N 157 
GLY HXT  H N N 158 
HIS N    N N N 159 
HIS CA   C N S 160 
HIS C    C N N 161 
HIS O    O N N 162 
HIS CB   C N N 163 
HIS CG   C Y N 164 
HIS ND1  N Y N 165 
HIS CD2  C Y N 166 
HIS CE1  C Y N 167 
HIS NE2  N Y N 168 
HIS OXT  O N N 169 
HIS H    H N N 170 
HIS H2   H N N 171 
HIS HA   H N N 172 
HIS HB2  H N N 173 
HIS HB3  H N N 174 
HIS HD1  H N N 175 
HIS HD2  H N N 176 
HIS HE1  H N N 177 
HIS HE2  H N N 178 
HIS HXT  H N N 179 
HOH O    O N N 180 
HOH H1   H N N 181 
HOH H2   H N N 182 
ILE N    N N N 183 
ILE CA   C N S 184 
ILE C    C N N 185 
ILE O    O N N 186 
ILE CB   C N S 187 
ILE CG1  C N N 188 
ILE CG2  C N N 189 
ILE CD1  C N N 190 
ILE OXT  O N N 191 
ILE H    H N N 192 
ILE H2   H N N 193 
ILE HA   H N N 194 
ILE HB   H N N 195 
ILE HG12 H N N 196 
ILE HG13 H N N 197 
ILE HG21 H N N 198 
ILE HG22 H N N 199 
ILE HG23 H N N 200 
ILE HD11 H N N 201 
ILE HD12 H N N 202 
ILE HD13 H N N 203 
ILE HXT  H N N 204 
LEU N    N N N 205 
LEU CA   C N S 206 
LEU C    C N N 207 
LEU O    O N N 208 
LEU CB   C N N 209 
LEU CG   C N N 210 
LEU CD1  C N N 211 
LEU CD2  C N N 212 
LEU OXT  O N N 213 
LEU H    H N N 214 
LEU H2   H N N 215 
LEU HA   H N N 216 
LEU HB2  H N N 217 
LEU HB3  H N N 218 
LEU HG   H N N 219 
LEU HD11 H N N 220 
LEU HD12 H N N 221 
LEU HD13 H N N 222 
LEU HD21 H N N 223 
LEU HD22 H N N 224 
LEU HD23 H N N 225 
LEU HXT  H N N 226 
LYS N    N N N 227 
LYS CA   C N S 228 
LYS C    C N N 229 
LYS O    O N N 230 
LYS CB   C N N 231 
LYS CG   C N N 232 
LYS CD   C N N 233 
LYS CE   C N N 234 
LYS NZ   N N N 235 
LYS OXT  O N N 236 
LYS H    H N N 237 
LYS H2   H N N 238 
LYS HA   H N N 239 
LYS HB2  H N N 240 
LYS HB3  H N N 241 
LYS HG2  H N N 242 
LYS HG3  H N N 243 
LYS HD2  H N N 244 
LYS HD3  H N N 245 
LYS HE2  H N N 246 
LYS HE3  H N N 247 
LYS HZ1  H N N 248 
LYS HZ2  H N N 249 
LYS HZ3  H N N 250 
LYS HXT  H N N 251 
PHE N    N N N 252 
PHE CA   C N S 253 
PHE C    C N N 254 
PHE O    O N N 255 
PHE CB   C N N 256 
PHE CG   C Y N 257 
PHE CD1  C Y N 258 
PHE CD2  C Y N 259 
PHE CE1  C Y N 260 
PHE CE2  C Y N 261 
PHE CZ   C Y N 262 
PHE OXT  O N N 263 
PHE H    H N N 264 
PHE H2   H N N 265 
PHE HA   H N N 266 
PHE HB2  H N N 267 
PHE HB3  H N N 268 
PHE HD1  H N N 269 
PHE HD2  H N N 270 
PHE HE1  H N N 271 
PHE HE2  H N N 272 
PHE HZ   H N N 273 
PHE HXT  H N N 274 
PRO N    N N N 275 
PRO CA   C N S 276 
PRO C    C N N 277 
PRO O    O N N 278 
PRO CB   C N N 279 
PRO CG   C N N 280 
PRO CD   C N N 281 
PRO OXT  O N N 282 
PRO H    H N N 283 
PRO HA   H N N 284 
PRO HB2  H N N 285 
PRO HB3  H N N 286 
PRO HG2  H N N 287 
PRO HG3  H N N 288 
PRO HD2  H N N 289 
PRO HD3  H N N 290 
PRO HXT  H N N 291 
SER N    N N N 292 
SER CA   C N S 293 
SER C    C N N 294 
SER O    O N N 295 
SER CB   C N N 296 
SER OG   O N N 297 
SER OXT  O N N 298 
SER H    H N N 299 
SER H2   H N N 300 
SER HA   H N N 301 
SER HB2  H N N 302 
SER HB3  H N N 303 
SER HG   H N N 304 
SER HXT  H N N 305 
THR N    N N N 306 
THR CA   C N S 307 
THR C    C N N 308 
THR O    O N N 309 
THR CB   C N R 310 
THR OG1  O N N 311 
THR CG2  C N N 312 
THR OXT  O N N 313 
THR H    H N N 314 
THR H2   H N N 315 
THR HA   H N N 316 
THR HB   H N N 317 
THR HG1  H N N 318 
THR HG21 H N N 319 
THR HG22 H N N 320 
THR HG23 H N N 321 
THR HXT  H N N 322 
TRP N    N N N 323 
TRP CA   C N S 324 
TRP C    C N N 325 
TRP O    O N N 326 
TRP CB   C N N 327 
TRP CG   C Y N 328 
TRP CD1  C Y N 329 
TRP CD2  C Y N 330 
TRP NE1  N Y N 331 
TRP CE2  C Y N 332 
TRP CE3  C Y N 333 
TRP CZ2  C Y N 334 
TRP CZ3  C Y N 335 
TRP CH2  C Y N 336 
TRP OXT  O N N 337 
TRP H    H N N 338 
TRP H2   H N N 339 
TRP HA   H N N 340 
TRP HB2  H N N 341 
TRP HB3  H N N 342 
TRP HD1  H N N 343 
TRP HE1  H N N 344 
TRP HE3  H N N 345 
TRP HZ2  H N N 346 
TRP HZ3  H N N 347 
TRP HH2  H N N 348 
TRP HXT  H N N 349 
TYR N    N N N 350 
TYR CA   C N S 351 
TYR C    C N N 352 
TYR O    O N N 353 
TYR CB   C N N 354 
TYR CG   C Y N 355 
TYR CD1  C Y N 356 
TYR CD2  C Y N 357 
TYR CE1  C Y N 358 
TYR CE2  C Y N 359 
TYR CZ   C Y N 360 
TYR OH   O N N 361 
TYR OXT  O N N 362 
TYR H    H N N 363 
TYR H2   H N N 364 
TYR HA   H N N 365 
TYR HB2  H N N 366 
TYR HB3  H N N 367 
TYR HD1  H N N 368 
TYR HD2  H N N 369 
TYR HE1  H N N 370 
TYR HE2  H N N 371 
TYR HH   H N N 372 
TYR HXT  H N N 373 
VAL N    N N N 374 
VAL CA   C N S 375 
VAL C    C N N 376 
VAL O    O N N 377 
VAL CB   C N N 378 
VAL CG1  C N N 379 
VAL CG2  C N N 380 
VAL OXT  O N N 381 
VAL H    H N N 382 
VAL H2   H N N 383 
VAL HA   H N N 384 
VAL HB   H N N 385 
VAL HG11 H N N 386 
VAL HG12 H N N 387 
VAL HG13 H N N 388 
VAL HG21 H N N 389 
VAL HG22 H N N 390 
VAL HG23 H N N 391 
VAL HXT  H N N 392 
# 
loop_
_chem_comp_bond.comp_id 
_chem_comp_bond.atom_id_1 
_chem_comp_bond.atom_id_2 
_chem_comp_bond.value_order 
_chem_comp_bond.pdbx_aromatic_flag 
_chem_comp_bond.pdbx_stereo_config 
_chem_comp_bond.pdbx_ordinal 
256 C1  C2   doub Y N 1   
256 C1  C6   sing Y N 2   
256 C1  H1   sing N N 3   
256 C2  C3   sing Y N 4   
256 C2  H2   sing N N 5   
256 C3  C4   doub Y N 6   
256 C3  H3   sing N N 7   
256 C4  C5   sing Y N 8   
256 C4  C7   sing N N 9   
256 C5  C6   doub Y N 10  
256 C5  H5   sing N N 11  
256 C6  H6   sing N N 12  
256 C7  C8   sing N N 13  
256 C7  S10  sing N N 14  
256 C7  H7   sing N N 15  
256 C8  O9   sing N N 16  
256 C8  O13  doub N N 17  
256 O9  H9   sing N N 18  
256 S10 O12  sing N N 19  
256 S10 O14  doub N N 20  
256 S10 O15  doub N N 21  
256 O12 H12  sing N N 22  
ALA N   CA   sing N N 23  
ALA N   H    sing N N 24  
ALA N   H2   sing N N 25  
ALA CA  C    sing N N 26  
ALA CA  CB   sing N N 27  
ALA CA  HA   sing N N 28  
ALA C   O    doub N N 29  
ALA C   OXT  sing N N 30  
ALA CB  HB1  sing N N 31  
ALA CB  HB2  sing N N 32  
ALA CB  HB3  sing N N 33  
ALA OXT HXT  sing N N 34  
ARG N   CA   sing N N 35  
ARG N   H    sing N N 36  
ARG N   H2   sing N N 37  
ARG CA  C    sing N N 38  
ARG CA  CB   sing N N 39  
ARG CA  HA   sing N N 40  
ARG C   O    doub N N 41  
ARG C   OXT  sing N N 42  
ARG CB  CG   sing N N 43  
ARG CB  HB2  sing N N 44  
ARG CB  HB3  sing N N 45  
ARG CG  CD   sing N N 46  
ARG CG  HG2  sing N N 47  
ARG CG  HG3  sing N N 48  
ARG CD  NE   sing N N 49  
ARG CD  HD2  sing N N 50  
ARG CD  HD3  sing N N 51  
ARG NE  CZ   sing N N 52  
ARG NE  HE   sing N N 53  
ARG CZ  NH1  sing N N 54  
ARG CZ  NH2  doub N N 55  
ARG NH1 HH11 sing N N 56  
ARG NH1 HH12 sing N N 57  
ARG NH2 HH21 sing N N 58  
ARG NH2 HH22 sing N N 59  
ARG OXT HXT  sing N N 60  
ASN N   CA   sing N N 61  
ASN N   H    sing N N 62  
ASN N   H2   sing N N 63  
ASN CA  C    sing N N 64  
ASN CA  CB   sing N N 65  
ASN CA  HA   sing N N 66  
ASN C   O    doub N N 67  
ASN C   OXT  sing N N 68  
ASN CB  CG   sing N N 69  
ASN CB  HB2  sing N N 70  
ASN CB  HB3  sing N N 71  
ASN CG  OD1  doub N N 72  
ASN CG  ND2  sing N N 73  
ASN ND2 HD21 sing N N 74  
ASN ND2 HD22 sing N N 75  
ASN OXT HXT  sing N N 76  
ASP N   CA   sing N N 77  
ASP N   H    sing N N 78  
ASP N   H2   sing N N 79  
ASP CA  C    sing N N 80  
ASP CA  CB   sing N N 81  
ASP CA  HA   sing N N 82  
ASP C   O    doub N N 83  
ASP C   OXT  sing N N 84  
ASP CB  CG   sing N N 85  
ASP CB  HB2  sing N N 86  
ASP CB  HB3  sing N N 87  
ASP CG  OD1  doub N N 88  
ASP CG  OD2  sing N N 89  
ASP OD2 HD2  sing N N 90  
ASP OXT HXT  sing N N 91  
CYS N   CA   sing N N 92  
CYS N   H    sing N N 93  
CYS N   H2   sing N N 94  
CYS CA  C    sing N N 95  
CYS CA  CB   sing N N 96  
CYS CA  HA   sing N N 97  
CYS C   O    doub N N 98  
CYS C   OXT  sing N N 99  
CYS CB  SG   sing N N 100 
CYS CB  HB2  sing N N 101 
CYS CB  HB3  sing N N 102 
CYS SG  HG   sing N N 103 
CYS OXT HXT  sing N N 104 
GLN N   CA   sing N N 105 
GLN N   H    sing N N 106 
GLN N   H2   sing N N 107 
GLN CA  C    sing N N 108 
GLN CA  CB   sing N N 109 
GLN CA  HA   sing N N 110 
GLN C   O    doub N N 111 
GLN C   OXT  sing N N 112 
GLN CB  CG   sing N N 113 
GLN CB  HB2  sing N N 114 
GLN CB  HB3  sing N N 115 
GLN CG  CD   sing N N 116 
GLN CG  HG2  sing N N 117 
GLN CG  HG3  sing N N 118 
GLN CD  OE1  doub N N 119 
GLN CD  NE2  sing N N 120 
GLN NE2 HE21 sing N N 121 
GLN NE2 HE22 sing N N 122 
GLN OXT HXT  sing N N 123 
GLU N   CA   sing N N 124 
GLU N   H    sing N N 125 
GLU N   H2   sing N N 126 
GLU CA  C    sing N N 127 
GLU CA  CB   sing N N 128 
GLU CA  HA   sing N N 129 
GLU C   O    doub N N 130 
GLU C   OXT  sing N N 131 
GLU CB  CG   sing N N 132 
GLU CB  HB2  sing N N 133 
GLU CB  HB3  sing N N 134 
GLU CG  CD   sing N N 135 
GLU CG  HG2  sing N N 136 
GLU CG  HG3  sing N N 137 
GLU CD  OE1  doub N N 138 
GLU CD  OE2  sing N N 139 
GLU OE2 HE2  sing N N 140 
GLU OXT HXT  sing N N 141 
GLY N   CA   sing N N 142 
GLY N   H    sing N N 143 
GLY N   H2   sing N N 144 
GLY CA  C    sing N N 145 
GLY CA  HA2  sing N N 146 
GLY CA  HA3  sing N N 147 
GLY C   O    doub N N 148 
GLY C   OXT  sing N N 149 
GLY OXT HXT  sing N N 150 
HIS N   CA   sing N N 151 
HIS N   H    sing N N 152 
HIS N   H2   sing N N 153 
HIS CA  C    sing N N 154 
HIS CA  CB   sing N N 155 
HIS CA  HA   sing N N 156 
HIS C   O    doub N N 157 
HIS C   OXT  sing N N 158 
HIS CB  CG   sing N N 159 
HIS CB  HB2  sing N N 160 
HIS CB  HB3  sing N N 161 
HIS CG  ND1  sing Y N 162 
HIS CG  CD2  doub Y N 163 
HIS ND1 CE1  doub Y N 164 
HIS ND1 HD1  sing N N 165 
HIS CD2 NE2  sing Y N 166 
HIS CD2 HD2  sing N N 167 
HIS CE1 NE2  sing Y N 168 
HIS CE1 HE1  sing N N 169 
HIS NE2 HE2  sing N N 170 
HIS OXT HXT  sing N N 171 
HOH O   H1   sing N N 172 
HOH O   H2   sing N N 173 
ILE N   CA   sing N N 174 
ILE N   H    sing N N 175 
ILE N   H2   sing N N 176 
ILE CA  C    sing N N 177 
ILE CA  CB   sing N N 178 
ILE CA  HA   sing N N 179 
ILE C   O    doub N N 180 
ILE C   OXT  sing N N 181 
ILE CB  CG1  sing N N 182 
ILE CB  CG2  sing N N 183 
ILE CB  HB   sing N N 184 
ILE CG1 CD1  sing N N 185 
ILE CG1 HG12 sing N N 186 
ILE CG1 HG13 sing N N 187 
ILE CG2 HG21 sing N N 188 
ILE CG2 HG22 sing N N 189 
ILE CG2 HG23 sing N N 190 
ILE CD1 HD11 sing N N 191 
ILE CD1 HD12 sing N N 192 
ILE CD1 HD13 sing N N 193 
ILE OXT HXT  sing N N 194 
LEU N   CA   sing N N 195 
LEU N   H    sing N N 196 
LEU N   H2   sing N N 197 
LEU CA  C    sing N N 198 
LEU CA  CB   sing N N 199 
LEU CA  HA   sing N N 200 
LEU C   O    doub N N 201 
LEU C   OXT  sing N N 202 
LEU CB  CG   sing N N 203 
LEU CB  HB2  sing N N 204 
LEU CB  HB3  sing N N 205 
LEU CG  CD1  sing N N 206 
LEU CG  CD2  sing N N 207 
LEU CG  HG   sing N N 208 
LEU CD1 HD11 sing N N 209 
LEU CD1 HD12 sing N N 210 
LEU CD1 HD13 sing N N 211 
LEU CD2 HD21 sing N N 212 
LEU CD2 HD22 sing N N 213 
LEU CD2 HD23 sing N N 214 
LEU OXT HXT  sing N N 215 
LYS N   CA   sing N N 216 
LYS N   H    sing N N 217 
LYS N   H2   sing N N 218 
LYS CA  C    sing N N 219 
LYS CA  CB   sing N N 220 
LYS CA  HA   sing N N 221 
LYS C   O    doub N N 222 
LYS C   OXT  sing N N 223 
LYS CB  CG   sing N N 224 
LYS CB  HB2  sing N N 225 
LYS CB  HB3  sing N N 226 
LYS CG  CD   sing N N 227 
LYS CG  HG2  sing N N 228 
LYS CG  HG3  sing N N 229 
LYS CD  CE   sing N N 230 
LYS CD  HD2  sing N N 231 
LYS CD  HD3  sing N N 232 
LYS CE  NZ   sing N N 233 
LYS CE  HE2  sing N N 234 
LYS CE  HE3  sing N N 235 
LYS NZ  HZ1  sing N N 236 
LYS NZ  HZ2  sing N N 237 
LYS NZ  HZ3  sing N N 238 
LYS OXT HXT  sing N N 239 
PHE N   CA   sing N N 240 
PHE N   H    sing N N 241 
PHE N   H2   sing N N 242 
PHE CA  C    sing N N 243 
PHE CA  CB   sing N N 244 
PHE CA  HA   sing N N 245 
PHE C   O    doub N N 246 
PHE C   OXT  sing N N 247 
PHE CB  CG   sing N N 248 
PHE CB  HB2  sing N N 249 
PHE CB  HB3  sing N N 250 
PHE CG  CD1  doub Y N 251 
PHE CG  CD2  sing Y N 252 
PHE CD1 CE1  sing Y N 253 
PHE CD1 HD1  sing N N 254 
PHE CD2 CE2  doub Y N 255 
PHE CD2 HD2  sing N N 256 
PHE CE1 CZ   doub Y N 257 
PHE CE1 HE1  sing N N 258 
PHE CE2 CZ   sing Y N 259 
PHE CE2 HE2  sing N N 260 
PHE CZ  HZ   sing N N 261 
PHE OXT HXT  sing N N 262 
PRO N   CA   sing N N 263 
PRO N   CD   sing N N 264 
PRO N   H    sing N N 265 
PRO CA  C    sing N N 266 
PRO CA  CB   sing N N 267 
PRO CA  HA   sing N N 268 
PRO C   O    doub N N 269 
PRO C   OXT  sing N N 270 
PRO CB  CG   sing N N 271 
PRO CB  HB2  sing N N 272 
PRO CB  HB3  sing N N 273 
PRO CG  CD   sing N N 274 
PRO CG  HG2  sing N N 275 
PRO CG  HG3  sing N N 276 
PRO CD  HD2  sing N N 277 
PRO CD  HD3  sing N N 278 
PRO OXT HXT  sing N N 279 
SER N   CA   sing N N 280 
SER N   H    sing N N 281 
SER N   H2   sing N N 282 
SER CA  C    sing N N 283 
SER CA  CB   sing N N 284 
SER CA  HA   sing N N 285 
SER C   O    doub N N 286 
SER C   OXT  sing N N 287 
SER CB  OG   sing N N 288 
SER CB  HB2  sing N N 289 
SER CB  HB3  sing N N 290 
SER OG  HG   sing N N 291 
SER OXT HXT  sing N N 292 
THR N   CA   sing N N 293 
THR N   H    sing N N 294 
THR N   H2   sing N N 295 
THR CA  C    sing N N 296 
THR CA  CB   sing N N 297 
THR CA  HA   sing N N 298 
THR C   O    doub N N 299 
THR C   OXT  sing N N 300 
THR CB  OG1  sing N N 301 
THR CB  CG2  sing N N 302 
THR CB  HB   sing N N 303 
THR OG1 HG1  sing N N 304 
THR CG2 HG21 sing N N 305 
THR CG2 HG22 sing N N 306 
THR CG2 HG23 sing N N 307 
THR OXT HXT  sing N N 308 
TRP N   CA   sing N N 309 
TRP N   H    sing N N 310 
TRP N   H2   sing N N 311 
TRP CA  C    sing N N 312 
TRP CA  CB   sing N N 313 
TRP CA  HA   sing N N 314 
TRP C   O    doub N N 315 
TRP C   OXT  sing N N 316 
TRP CB  CG   sing N N 317 
TRP CB  HB2  sing N N 318 
TRP CB  HB3  sing N N 319 
TRP CG  CD1  doub Y N 320 
TRP CG  CD2  sing Y N 321 
TRP CD1 NE1  sing Y N 322 
TRP CD1 HD1  sing N N 323 
TRP CD2 CE2  doub Y N 324 
TRP CD2 CE3  sing Y N 325 
TRP NE1 CE2  sing Y N 326 
TRP NE1 HE1  sing N N 327 
TRP CE2 CZ2  sing Y N 328 
TRP CE3 CZ3  doub Y N 329 
TRP CE3 HE3  sing N N 330 
TRP CZ2 CH2  doub Y N 331 
TRP CZ2 HZ2  sing N N 332 
TRP CZ3 CH2  sing Y N 333 
TRP CZ3 HZ3  sing N N 334 
TRP CH2 HH2  sing N N 335 
TRP OXT HXT  sing N N 336 
TYR N   CA   sing N N 337 
TYR N   H    sing N N 338 
TYR N   H2   sing N N 339 
TYR CA  C    sing N N 340 
TYR CA  CB   sing N N 341 
TYR CA  HA   sing N N 342 
TYR C   O    doub N N 343 
TYR C   OXT  sing N N 344 
TYR CB  CG   sing N N 345 
TYR CB  HB2  sing N N 346 
TYR CB  HB3  sing N N 347 
TYR CG  CD1  doub Y N 348 
TYR CG  CD2  sing Y N 349 
TYR CD1 CE1  sing Y N 350 
TYR CD1 HD1  sing N N 351 
TYR CD2 CE2  doub Y N 352 
TYR CD2 HD2  sing N N 353 
TYR CE1 CZ   doub Y N 354 
TYR CE1 HE1  sing N N 355 
TYR CE2 CZ   sing Y N 356 
TYR CE2 HE2  sing N N 357 
TYR CZ  OH   sing N N 358 
TYR OH  HH   sing N N 359 
TYR OXT HXT  sing N N 360 
VAL N   CA   sing N N 361 
VAL N   H    sing N N 362 
VAL N   H2   sing N N 363 
VAL CA  C    sing N N 364 
VAL CA  CB   sing N N 365 
VAL CA  HA   sing N N 366 
VAL C   O    doub N N 367 
VAL C   OXT  sing N N 368 
VAL CB  CG1  sing N N 369 
VAL CB  CG2  sing N N 370 
VAL CB  HB   sing N N 371 
VAL CG1 HG11 sing N N 372 
VAL CG1 HG12 sing N N 373 
VAL CG1 HG13 sing N N 374 
VAL CG2 HG21 sing N N 375 
VAL CG2 HG22 sing N N 376 
VAL CG2 HG23 sing N N 377 
VAL OXT HXT  sing N N 378 
# 
loop_
_pdbx_entity_nonpoly.entity_id 
_pdbx_entity_nonpoly.name 
_pdbx_entity_nonpoly.comp_id 
2 'PHENYL(SULFO)ACETIC ACID' 256 
3 water                      HOH 
# 
_pdbx_initial_refinement_model.id               1 
_pdbx_initial_refinement_model.entity_id_list   ? 
_pdbx_initial_refinement_model.type             'experimental model' 
_pdbx_initial_refinement_model.source_name      PDB 
_pdbx_initial_refinement_model.accession_code   1SHD 
_pdbx_initial_refinement_model.details          ? 
# 
